data_6RKY
#
_entry.id   6RKY
#
_cell.length_a   90.766
_cell.length_b   201.920
_cell.length_c   90.637
_cell.angle_alpha   90.00
_cell.angle_beta   112.19
_cell.angle_gamma   90.00
#
_symmetry.space_group_name_H-M   'C 1 2 1'
#
loop_
_entity.id
_entity.type
_entity.pdbx_description
1 polymer EH1AB1
2 non-polymer GLYCEROL
3 non-polymer 'hexyl-[2-(3-oxidanylpyridin-2-yl)pyridin-3-yl]oxy-phosphinic acid'
4 non-polymer DI(HYDROXYETHYL)ETHER
5 water water
#
_entity_poly.entity_id   1
_entity_poly.type   'polypeptide(L)'
_entity_poly.pdbx_seq_one_letter_code
;MAHHHHHHVDDDDKMLLPETRNLLDLMDAATRGGRPGLDTLPHAVGRKAVDKMSEDGEADPPEVAEVANGGFAGPASEIR
FRRYRPLGEAAGLLPTLIYYHGGGFVIGNIETHDSTCRRLANKSRCQVISIDYRLAPEHPFPAPIDDGIAAFRHIRDNAE
SFGADAARLAVGGDSAGGAMAAVVCQACRDAGETGPAFQMLIYPATDSSRESASRVAFAEGYFLSKAHMDWFWEAYVPED
TDLTDLRLSPLLATDFTGLPPAFVLTAGYDPLRDEGRAYADRLIEAGIKTTYVNYPGTIHGFFSLTRFLSQGLKANDEAA
AVMGAHFGT
;
_entity_poly.pdbx_strand_id   A,B,C,D
#
loop_
_chem_comp.id
_chem_comp.type
_chem_comp.name
_chem_comp.formula
GOL non-polymer GLYCEROL 'C3 H8 O3'
PEG non-polymer DI(HYDROXYETHYL)ETHER 'C4 H10 O3'
ZK8 non-polymer 'hexyl-[2-(3-oxidanylpyridin-2-yl)pyridin-3-yl]oxy-phosphinic acid' 'C16 H21 N2 O4 P'
#
# COMPACT_ATOMS: atom_id res chain seq x y z
N MET A 15 3.71 -0.45 -15.24
CA MET A 15 4.87 -1.25 -14.74
C MET A 15 4.51 -1.88 -13.37
N LEU A 16 4.94 -1.29 -12.24
CA LEU A 16 4.65 -1.77 -10.86
C LEU A 16 3.19 -1.49 -10.49
N LEU A 17 2.50 -2.47 -9.90
CA LEU A 17 1.14 -2.26 -9.34
C LEU A 17 1.23 -1.31 -8.15
N PRO A 18 0.24 -0.42 -7.93
CA PRO A 18 0.25 0.44 -6.74
C PRO A 18 0.57 -0.29 -5.42
N GLU A 19 0.03 -1.50 -5.21
CA GLU A 19 0.17 -2.26 -3.94
C GLU A 19 1.63 -2.70 -3.77
N THR A 20 2.31 -3.06 -4.87
CA THR A 20 3.75 -3.43 -4.89
C THR A 20 4.62 -2.20 -4.57
N ARG A 21 4.31 -1.06 -5.18
CA ARG A 21 5.08 0.21 -4.98
C ARG A 21 4.96 0.61 -3.51
N ASN A 22 3.75 0.55 -2.96
CA ASN A 22 3.44 0.93 -1.56
C ASN A 22 4.29 0.08 -0.61
N LEU A 23 4.39 -1.24 -0.84
CA LEU A 23 5.13 -2.15 0.07
C LEU A 23 6.63 -1.87 -0.03
N LEU A 24 7.17 -1.68 -1.23
CA LEU A 24 8.63 -1.38 -1.38
C LEU A 24 8.94 -0.06 -0.67
N ASP A 25 8.03 0.92 -0.70
CA ASP A 25 8.13 2.24 -0.01
C ASP A 25 8.14 2.05 1.52
N LEU A 26 7.24 1.24 2.06
CA LEU A 26 7.18 0.91 3.52
C LEU A 26 8.51 0.25 3.95
N MET A 27 9.05 -0.64 3.12
CA MET A 27 10.32 -1.36 3.41
C MET A 27 11.48 -0.36 3.42
N ASP A 28 11.52 0.57 2.46
CA ASP A 28 12.55 1.63 2.33
C ASP A 28 12.47 2.55 3.56
N ALA A 29 11.25 2.93 3.96
CA ALA A 29 10.97 3.75 5.16
C ALA A 29 11.55 3.08 6.42
N ALA A 30 11.44 1.75 6.51
CA ALA A 30 11.93 0.95 7.66
C ALA A 30 13.45 0.83 7.62
N THR A 31 14.06 0.88 6.43
CA THR A 31 15.53 0.84 6.22
C THR A 31 16.15 2.16 6.71
N ARG A 32 15.64 3.29 6.23
CA ARG A 32 15.97 4.67 6.69
C ARG A 32 15.62 4.81 8.18
N GLY A 33 14.56 4.13 8.63
CA GLY A 33 14.10 4.10 10.03
C GLY A 33 15.12 3.49 10.98
N GLY A 34 15.98 2.59 10.48
CA GLY A 34 17.07 1.99 11.27
C GLY A 34 16.96 0.47 11.36
N ARG A 35 16.14 -0.17 10.52
CA ARG A 35 16.08 -1.64 10.38
C ARG A 35 17.39 -2.12 9.75
N PRO A 36 18.13 -3.07 10.39
CA PRO A 36 19.35 -3.61 9.81
C PRO A 36 19.08 -4.39 8.52
N GLY A 37 20.06 -4.43 7.61
CA GLY A 37 20.06 -5.33 6.44
C GLY A 37 20.30 -6.77 6.84
N LEU A 38 19.52 -7.70 6.31
CA LEU A 38 19.64 -9.16 6.56
C LEU A 38 21.06 -9.64 6.25
N ASP A 39 21.69 -9.06 5.24
CA ASP A 39 23.05 -9.44 4.75
C ASP A 39 24.15 -8.94 5.70
N THR A 40 23.80 -8.11 6.69
CA THR A 40 24.75 -7.55 7.70
C THR A 40 24.78 -8.41 8.97
N LEU A 41 23.73 -9.20 9.22
CA LEU A 41 23.57 -10.04 10.45
C LEU A 41 24.22 -11.41 10.23
N PRO A 42 24.69 -12.12 11.29
CA PRO A 42 25.02 -13.54 11.17
C PRO A 42 23.76 -14.39 10.85
N HIS A 43 23.96 -15.57 10.26
CA HIS A 43 22.88 -16.39 9.63
C HIS A 43 21.80 -16.75 10.67
N ALA A 44 22.20 -17.28 11.84
CA ALA A 44 21.27 -17.74 12.90
C ALA A 44 20.45 -16.57 13.46
N VAL A 45 21.07 -15.41 13.65
CA VAL A 45 20.41 -14.21 14.24
C VAL A 45 19.43 -13.62 13.23
N GLY A 46 19.86 -13.47 11.98
CA GLY A 46 19.04 -12.96 10.86
C GLY A 46 17.81 -13.83 10.62
N ARG A 47 17.97 -15.15 10.75
CA ARG A 47 16.88 -16.15 10.58
C ARG A 47 15.75 -15.85 11.57
N LYS A 48 16.01 -15.87 12.87
CA LYS A 48 15.02 -15.59 13.95
C LYS A 48 14.27 -14.29 13.63
N ALA A 49 15.01 -13.26 13.21
CA ALA A 49 14.48 -11.89 12.95
C ALA A 49 13.54 -11.90 11.74
N VAL A 50 13.95 -12.52 10.64
CA VAL A 50 13.19 -12.54 9.36
C VAL A 50 12.02 -13.51 9.48
N ASP A 51 12.17 -14.61 10.23
CA ASP A 51 11.10 -15.62 10.45
C ASP A 51 9.87 -14.95 11.08
N LYS A 52 10.04 -13.97 11.98
CA LYS A 52 8.90 -13.28 12.64
C LYS A 52 8.25 -12.31 11.66
N MET A 53 9.06 -11.70 10.79
CA MET A 53 8.60 -10.73 9.76
C MET A 53 7.81 -11.44 8.66
N SER A 54 8.28 -12.62 8.24
CA SER A 54 7.58 -13.52 7.29
C SER A 54 6.20 -13.91 7.85
N GLU A 55 6.16 -14.55 9.02
CA GLU A 55 4.89 -14.89 9.73
C GLU A 55 3.92 -13.70 9.62
N ASP A 56 4.38 -12.48 9.88
CA ASP A 56 3.54 -11.26 9.98
C ASP A 56 3.16 -10.70 8.60
N GLY A 57 3.76 -11.20 7.52
CA GLY A 57 3.51 -10.74 6.13
C GLY A 57 2.43 -11.56 5.43
N GLU A 58 2.16 -12.79 5.92
CA GLU A 58 1.09 -13.70 5.43
C GLU A 58 -0.28 -13.18 5.91
N ALA A 59 -1.34 -13.33 5.10
CA ALA A 59 -2.75 -13.00 5.43
C ALA A 59 -3.19 -13.85 6.63
N ASP A 60 -4.24 -13.46 7.34
CA ASP A 60 -4.78 -14.23 8.51
C ASP A 60 -5.10 -15.65 8.05
N PRO A 61 -4.69 -16.68 8.84
CA PRO A 61 -4.80 -18.05 8.39
C PRO A 61 -6.25 -18.49 8.38
N PRO A 62 -6.78 -18.99 7.24
CA PRO A 62 -8.15 -19.52 7.19
C PRO A 62 -8.34 -20.81 7.99
N GLU A 63 -9.58 -21.15 8.34
CA GLU A 63 -9.92 -22.44 8.99
C GLU A 63 -9.80 -23.56 7.94
N VAL A 64 -9.22 -24.69 8.34
CA VAL A 64 -9.23 -25.96 7.54
C VAL A 64 -9.95 -27.02 8.37
N ALA A 65 -10.22 -28.18 7.78
CA ALA A 65 -10.89 -29.31 8.44
C ALA A 65 -10.05 -29.77 9.64
N GLU A 66 -8.74 -29.86 9.46
CA GLU A 66 -7.82 -30.57 10.39
C GLU A 66 -6.36 -30.23 10.05
N VAL A 67 -5.56 -29.89 11.06
CA VAL A 67 -4.08 -29.71 10.97
C VAL A 67 -3.44 -30.80 11.85
N ALA A 68 -2.54 -31.58 11.29
CA ALA A 68 -1.78 -32.65 11.98
C ALA A 68 -0.29 -32.27 12.04
N ASN A 69 0.34 -32.39 13.20
CA ASN A 69 1.79 -32.10 13.41
C ASN A 69 2.48 -33.38 13.85
N GLY A 70 3.55 -33.78 13.16
CA GLY A 70 4.30 -35.01 13.43
C GLY A 70 5.70 -34.99 12.86
N GLY A 71 6.43 -36.10 12.97
CA GLY A 71 7.80 -36.26 12.43
C GLY A 71 8.03 -37.66 11.89
N PHE A 72 9.11 -37.88 11.17
CA PHE A 72 9.56 -39.22 10.74
C PHE A 72 11.08 -39.22 10.57
N ALA A 73 11.65 -40.43 10.51
CA ALA A 73 13.12 -40.67 10.42
C ALA A 73 13.63 -40.18 9.06
N GLY A 74 14.42 -39.09 9.06
CA GLY A 74 15.09 -38.57 7.85
C GLY A 74 16.35 -39.34 7.51
N PRO A 75 17.16 -38.89 6.53
CA PRO A 75 18.42 -39.56 6.19
C PRO A 75 19.45 -39.46 7.32
N ALA A 76 19.45 -38.37 8.07
CA ALA A 76 20.47 -38.05 9.10
C ALA A 76 19.92 -37.12 10.19
N SER A 77 18.62 -37.17 10.47
CA SER A 77 17.92 -36.34 11.49
C SER A 77 16.40 -36.55 11.38
N GLU A 78 15.62 -36.00 12.31
CA GLU A 78 14.13 -36.06 12.27
C GLU A 78 13.61 -34.95 11.37
N ILE A 79 12.73 -35.30 10.42
CA ILE A 79 12.04 -34.34 9.51
C ILE A 79 10.62 -34.11 10.03
N ARG A 80 10.30 -32.87 10.40
CA ARG A 80 8.95 -32.50 10.93
C ARG A 80 8.06 -32.10 9.74
N PHE A 81 6.75 -32.34 9.85
CA PHE A 81 5.77 -32.05 8.79
C PHE A 81 4.47 -31.58 9.43
N ARG A 82 3.65 -30.90 8.64
CA ARG A 82 2.30 -30.47 9.02
C ARG A 82 1.36 -30.82 7.87
N ARG A 83 0.29 -31.56 8.16
CA ARG A 83 -0.72 -31.97 7.16
C ARG A 83 -1.92 -31.05 7.33
N TYR A 84 -2.48 -30.61 6.22
CA TYR A 84 -3.68 -29.74 6.17
C TYR A 84 -4.72 -30.46 5.35
N ARG A 85 -5.84 -30.77 5.99
CA ARG A 85 -7.02 -31.40 5.37
C ARG A 85 -7.98 -30.25 5.04
N PRO A 86 -8.44 -30.10 3.77
CA PRO A 86 -9.30 -28.99 3.38
C PRO A 86 -10.77 -29.11 3.83
N LEU A 87 -11.44 -27.97 4.00
CA LEU A 87 -12.90 -27.91 4.30
C LEU A 87 -13.69 -28.68 3.24
N GLY A 88 -14.61 -29.54 3.68
CA GLY A 88 -15.64 -30.17 2.82
C GLY A 88 -15.23 -31.51 2.22
N GLU A 89 -14.02 -32.01 2.49
CA GLU A 89 -13.47 -33.24 1.86
C GLU A 89 -13.44 -34.38 2.88
N ALA A 90 -14.42 -35.28 2.83
CA ALA A 90 -14.66 -36.34 3.84
C ALA A 90 -13.90 -37.63 3.50
N ALA A 91 -13.42 -37.79 2.24
CA ALA A 91 -12.78 -39.03 1.76
C ALA A 91 -11.52 -39.33 2.58
N GLY A 92 -11.26 -40.60 2.88
CA GLY A 92 -10.05 -41.07 3.58
C GLY A 92 -8.79 -40.58 2.92
N LEU A 93 -8.45 -41.14 1.74
CA LEU A 93 -7.20 -40.82 1.00
C LEU A 93 -7.45 -39.68 0.02
N LEU A 94 -6.84 -38.52 0.25
CA LEU A 94 -6.99 -37.33 -0.62
C LEU A 94 -5.78 -37.19 -1.55
N PRO A 95 -5.96 -36.54 -2.72
CA PRO A 95 -4.83 -36.03 -3.48
C PRO A 95 -4.06 -35.08 -2.55
N THR A 96 -2.74 -35.08 -2.69
CA THR A 96 -1.81 -34.50 -1.70
C THR A 96 -0.74 -33.71 -2.45
N LEU A 97 -0.46 -32.49 -1.99
CA LEU A 97 0.70 -31.68 -2.42
C LEU A 97 1.72 -31.67 -1.28
N ILE A 98 2.93 -32.15 -1.54
CA ILE A 98 4.07 -32.04 -0.58
C ILE A 98 4.75 -30.71 -0.85
N TYR A 99 4.72 -29.78 0.11
CA TYR A 99 5.08 -28.35 -0.11
C TYR A 99 6.39 -28.03 0.61
N TYR A 100 7.37 -27.50 -0.14
CA TYR A 100 8.70 -27.11 0.37
C TYR A 100 8.79 -25.57 0.44
N HIS A 101 8.80 -25.02 1.65
CA HIS A 101 8.86 -23.55 1.88
C HIS A 101 10.12 -22.99 1.23
N GLY A 102 10.18 -21.67 1.03
CA GLY A 102 11.35 -20.94 0.52
C GLY A 102 12.13 -20.22 1.63
N GLY A 103 13.22 -19.56 1.26
CA GLY A 103 14.16 -18.86 2.17
C GLY A 103 15.62 -19.13 1.82
N GLY A 104 15.95 -19.45 0.58
CA GLY A 104 17.33 -19.70 0.11
C GLY A 104 18.03 -20.82 0.85
N PHE A 105 17.30 -21.85 1.29
CA PHE A 105 17.82 -23.03 2.04
C PHE A 105 18.45 -22.58 3.38
N VAL A 106 18.12 -21.39 3.87
CA VAL A 106 18.71 -20.81 5.11
C VAL A 106 17.62 -20.39 6.10
N ILE A 107 16.63 -19.63 5.65
CA ILE A 107 15.52 -19.12 6.50
C ILE A 107 14.21 -19.83 6.11
N GLY A 108 13.10 -19.42 6.73
CA GLY A 108 11.77 -20.03 6.53
C GLY A 108 11.63 -21.32 7.31
N ASN A 109 10.38 -21.76 7.49
CA ASN A 109 9.98 -23.00 8.22
C ASN A 109 8.48 -23.21 8.01
N ILE A 110 7.91 -24.24 8.63
CA ILE A 110 6.47 -24.59 8.52
C ILE A 110 5.61 -23.37 8.93
N GLU A 111 5.96 -22.68 10.01
CA GLU A 111 5.16 -21.56 10.57
C GLU A 111 5.12 -20.39 9.58
N THR A 112 6.15 -20.14 8.78
CA THR A 112 6.22 -18.94 7.91
C THR A 112 5.26 -19.08 6.72
N HIS A 113 4.92 -20.30 6.30
CA HIS A 113 4.11 -20.56 5.07
C HIS A 113 2.77 -21.21 5.45
N ASP A 114 2.38 -21.09 6.72
CA ASP A 114 1.15 -21.72 7.28
C ASP A 114 -0.11 -21.20 6.57
N SER A 115 -0.34 -19.87 6.53
CA SER A 115 -1.54 -19.24 5.92
C SER A 115 -1.69 -19.67 4.46
N THR A 116 -0.58 -19.66 3.73
CA THR A 116 -0.53 -19.97 2.29
C THR A 116 -1.01 -21.41 2.11
N CYS A 117 -0.43 -22.33 2.89
CA CYS A 117 -0.72 -23.79 2.82
C CYS A 117 -2.19 -24.07 3.16
N ARG A 118 -2.71 -23.45 4.22
CA ARG A 118 -4.15 -23.59 4.58
C ARG A 118 -5.00 -23.21 3.36
N ARG A 119 -4.70 -22.06 2.76
CA ARG A 119 -5.46 -21.53 1.61
C ARG A 119 -5.32 -22.47 0.42
N LEU A 120 -4.12 -22.91 0.09
CA LEU A 120 -3.91 -23.83 -1.07
C LEU A 120 -4.83 -25.04 -0.89
N ALA A 121 -4.80 -25.63 0.31
CA ALA A 121 -5.56 -26.85 0.70
C ALA A 121 -7.06 -26.64 0.41
N ASN A 122 -7.64 -25.54 0.91
CA ASN A 122 -9.09 -25.22 0.78
C ASN A 122 -9.46 -24.99 -0.68
N LYS A 123 -8.70 -24.21 -1.44
CA LYS A 123 -9.08 -23.82 -2.83
C LYS A 123 -8.88 -25.01 -3.78
N SER A 124 -7.85 -25.83 -3.56
CA SER A 124 -7.49 -26.99 -4.42
C SER A 124 -8.38 -28.20 -4.09
N ARG A 125 -8.95 -28.24 -2.88
CA ARG A 125 -9.70 -29.40 -2.34
C ARG A 125 -8.72 -30.58 -2.19
N CYS A 126 -7.43 -30.30 -2.08
CA CYS A 126 -6.33 -31.28 -1.86
C CYS A 126 -5.80 -31.17 -0.42
N GLN A 127 -5.16 -32.24 0.04
CA GLN A 127 -4.36 -32.20 1.27
C GLN A 127 -3.02 -31.54 0.93
N VAL A 128 -2.49 -30.72 1.84
CA VAL A 128 -1.12 -30.14 1.74
C VAL A 128 -0.28 -30.69 2.91
N ILE A 129 0.92 -31.14 2.64
CA ILE A 129 1.91 -31.62 3.65
C ILE A 129 3.15 -30.74 3.57
N SER A 130 3.30 -29.79 4.49
CA SER A 130 4.46 -28.86 4.60
C SER A 130 5.62 -29.58 5.29
N ILE A 131 6.80 -29.57 4.68
CA ILE A 131 8.02 -30.30 5.12
C ILE A 131 9.00 -29.32 5.76
N ASP A 132 9.65 -29.78 6.83
CA ASP A 132 10.63 -28.99 7.59
C ASP A 132 12.02 -29.59 7.41
N TYR A 133 12.68 -29.23 6.32
CA TYR A 133 13.99 -29.78 5.89
C TYR A 133 15.12 -29.07 6.65
N ARG A 134 16.29 -29.67 6.65
CA ARG A 134 17.50 -29.11 7.32
C ARG A 134 17.95 -27.84 6.57
N LEU A 135 18.39 -26.83 7.31
CA LEU A 135 18.81 -25.51 6.74
C LEU A 135 20.33 -25.35 6.89
N ALA A 136 20.91 -24.54 6.00
CA ALA A 136 22.30 -24.04 6.05
C ALA A 136 22.33 -22.76 6.89
N PRO A 137 23.46 -22.37 7.51
CA PRO A 137 24.76 -23.03 7.30
C PRO A 137 25.00 -24.30 8.13
N GLU A 138 24.20 -24.57 9.16
CA GLU A 138 24.40 -25.74 10.05
C GLU A 138 24.50 -27.02 9.20
N HIS A 139 23.64 -27.14 8.18
CA HIS A 139 23.57 -28.29 7.24
C HIS A 139 23.65 -27.76 5.81
N PRO A 140 24.88 -27.56 5.27
CA PRO A 140 25.02 -27.02 3.91
C PRO A 140 24.69 -28.04 2.81
N PHE A 141 24.71 -27.56 1.55
CA PHE A 141 24.52 -28.40 0.34
C PHE A 141 25.41 -29.64 0.45
N PRO A 142 24.90 -30.87 0.17
CA PRO A 142 23.55 -31.11 -0.33
C PRO A 142 22.46 -31.57 0.66
N ALA A 143 22.47 -31.07 1.90
CA ALA A 143 21.62 -31.55 3.02
C ALA A 143 20.14 -31.22 2.83
N PRO A 144 19.74 -29.96 2.52
CA PRO A 144 18.32 -29.62 2.36
C PRO A 144 17.60 -30.37 1.23
N ILE A 145 18.30 -30.68 0.14
CA ILE A 145 17.74 -31.44 -1.02
C ILE A 145 17.58 -32.92 -0.64
N ASP A 146 18.52 -33.45 0.15
CA ASP A 146 18.53 -34.85 0.61
C ASP A 146 17.27 -35.15 1.45
N ASP A 147 16.87 -34.18 2.28
CA ASP A 147 15.65 -34.27 3.13
C ASP A 147 14.40 -34.19 2.25
N GLY A 148 14.36 -33.20 1.37
CA GLY A 148 13.21 -33.02 0.46
C GLY A 148 12.92 -34.30 -0.29
N ILE A 149 13.97 -34.96 -0.79
CA ILE A 149 13.88 -36.24 -1.55
C ILE A 149 13.46 -37.34 -0.58
N ALA A 150 14.05 -37.36 0.62
CA ALA A 150 13.75 -38.36 1.67
C ALA A 150 12.28 -38.26 2.08
N ALA A 151 11.76 -37.05 2.15
CA ALA A 151 10.35 -36.75 2.54
C ALA A 151 9.40 -37.29 1.47
N PHE A 152 9.69 -37.05 0.19
CA PHE A 152 8.82 -37.49 -0.93
C PHE A 152 8.70 -39.02 -0.90
N ARG A 153 9.86 -39.70 -0.81
CA ARG A 153 10.00 -41.19 -0.77
C ARG A 153 9.26 -41.76 0.44
N HIS A 154 9.47 -41.19 1.62
CA HIS A 154 8.79 -41.64 2.85
C HIS A 154 7.25 -41.58 2.69
N ILE A 155 6.74 -40.54 2.03
CA ILE A 155 5.27 -40.28 1.94
C ILE A 155 4.71 -41.12 0.79
N ARG A 156 5.47 -41.26 -0.30
CA ARG A 156 5.08 -42.12 -1.46
C ARG A 156 4.90 -43.56 -0.95
N ASP A 157 5.88 -44.06 -0.20
CA ASP A 157 5.95 -45.49 0.22
C ASP A 157 5.10 -45.72 1.48
N ASN A 158 4.57 -44.66 2.11
CA ASN A 158 3.67 -44.78 3.29
C ASN A 158 2.44 -43.89 3.09
N ALA A 159 1.90 -43.88 1.87
CA ALA A 159 0.79 -43.00 1.43
C ALA A 159 -0.37 -43.02 2.43
N GLU A 160 -0.91 -44.21 2.74
CA GLU A 160 -2.09 -44.38 3.64
C GLU A 160 -1.81 -43.77 5.03
N SER A 161 -0.59 -43.90 5.60
CA SER A 161 -0.22 -43.27 6.90
C SER A 161 -0.53 -41.76 6.87
N PHE A 162 -0.38 -41.11 5.71
CA PHE A 162 -0.46 -39.64 5.53
C PHE A 162 -1.81 -39.24 4.92
N GLY A 163 -2.74 -40.18 4.80
CA GLY A 163 -4.07 -39.98 4.18
C GLY A 163 -3.95 -39.50 2.74
N ALA A 164 -2.92 -39.96 2.04
CA ALA A 164 -2.57 -39.56 0.66
C ALA A 164 -2.96 -40.66 -0.32
N ASP A 165 -3.50 -40.28 -1.49
CA ASP A 165 -3.73 -41.16 -2.66
C ASP A 165 -2.43 -41.21 -3.48
N ALA A 166 -1.70 -42.33 -3.42
CA ALA A 166 -0.39 -42.57 -4.08
C ALA A 166 -0.43 -42.23 -5.58
N ALA A 167 -1.56 -42.46 -6.26
CA ALA A 167 -1.76 -42.11 -7.68
C ALA A 167 -1.62 -40.59 -7.88
N ARG A 168 -2.06 -39.78 -6.91
CA ARG A 168 -2.22 -38.30 -7.09
C ARG A 168 -1.42 -37.58 -6.01
N LEU A 169 -0.12 -37.80 -6.03
CA LEU A 169 0.85 -37.28 -5.03
C LEU A 169 1.76 -36.29 -5.76
N ALA A 170 1.64 -35.01 -5.42
CA ALA A 170 2.28 -33.85 -6.09
C ALA A 170 3.39 -33.26 -5.20
N VAL A 171 4.43 -32.67 -5.78
CA VAL A 171 5.39 -31.81 -5.03
C VAL A 171 5.33 -30.38 -5.57
N GLY A 172 5.74 -29.42 -4.75
CA GLY A 172 5.80 -27.99 -5.08
C GLY A 172 6.51 -27.19 -4.01
N GLY A 173 6.65 -25.88 -4.23
CA GLY A 173 7.36 -24.98 -3.32
C GLY A 173 7.55 -23.62 -3.96
N ASP A 174 8.18 -22.70 -3.21
CA ASP A 174 8.43 -21.30 -3.63
C ASP A 174 9.93 -20.96 -3.44
N SER A 175 10.51 -20.26 -4.40
CA SER A 175 11.99 -20.00 -4.55
C SER A 175 12.83 -21.26 -4.35
N ALA A 176 13.56 -21.35 -3.23
CA ALA A 176 14.41 -22.51 -2.89
C ALA A 176 13.58 -23.80 -2.83
N GLY A 177 12.36 -23.72 -2.26
CA GLY A 177 11.36 -24.82 -2.28
C GLY A 177 10.95 -25.20 -3.69
N GLY A 178 10.84 -24.24 -4.60
CA GLY A 178 10.59 -24.51 -6.03
C GLY A 178 11.73 -25.28 -6.66
N ALA A 179 12.95 -24.83 -6.42
CA ALA A 179 14.21 -25.53 -6.80
C ALA A 179 14.13 -26.98 -6.29
N MET A 180 13.78 -27.15 -5.02
CA MET A 180 13.74 -28.46 -4.33
C MET A 180 12.74 -29.39 -5.03
N ALA A 181 11.52 -28.91 -5.27
CA ALA A 181 10.45 -29.64 -5.98
C ALA A 181 10.95 -30.12 -7.36
N ALA A 182 11.65 -29.24 -8.09
CA ALA A 182 12.14 -29.52 -9.47
C ALA A 182 13.24 -30.58 -9.41
N VAL A 183 14.13 -30.50 -8.41
CA VAL A 183 15.22 -31.48 -8.19
C VAL A 183 14.62 -32.84 -7.79
N VAL A 184 13.56 -32.84 -6.96
CA VAL A 184 12.92 -34.11 -6.52
C VAL A 184 12.42 -34.88 -7.75
N CYS A 185 11.79 -34.22 -8.73
CA CYS A 185 11.27 -34.88 -9.95
C CYS A 185 12.44 -35.40 -10.78
N GLN A 186 13.47 -34.60 -10.98
CA GLN A 186 14.67 -34.98 -11.77
C GLN A 186 15.38 -36.16 -11.09
N ALA A 187 15.54 -36.11 -9.76
CA ALA A 187 16.15 -37.18 -8.96
C ALA A 187 15.37 -38.49 -9.15
N CYS A 188 14.04 -38.46 -9.04
CA CYS A 188 13.17 -39.65 -9.16
C CYS A 188 13.25 -40.23 -10.57
N ARG A 189 13.33 -39.37 -11.59
CA ARG A 189 13.39 -39.75 -13.03
C ARG A 189 14.74 -40.41 -13.33
N ASP A 190 15.83 -39.79 -12.86
CA ASP A 190 17.24 -40.18 -13.15
C ASP A 190 17.57 -41.50 -12.47
N ALA A 191 16.94 -41.79 -11.32
CA ALA A 191 17.17 -43.01 -10.50
C ALA A 191 16.17 -44.10 -10.87
N GLY A 192 15.24 -43.83 -11.80
CA GLY A 192 14.33 -44.86 -12.35
C GLY A 192 13.14 -45.20 -11.47
N GLU A 193 12.91 -44.46 -10.36
CA GLU A 193 11.77 -44.74 -9.44
C GLU A 193 10.55 -43.88 -9.82
N THR A 194 9.41 -44.13 -9.15
CA THR A 194 8.10 -43.44 -9.35
C THR A 194 8.15 -42.03 -8.77
N GLY A 195 8.16 -41.02 -9.64
CA GLY A 195 8.20 -39.59 -9.24
C GLY A 195 6.80 -39.08 -8.90
N PRO A 196 6.71 -37.78 -8.51
CA PRO A 196 5.43 -37.12 -8.27
C PRO A 196 4.55 -37.17 -9.52
N ALA A 197 3.26 -36.89 -9.36
CA ALA A 197 2.25 -36.90 -10.45
C ALA A 197 2.04 -35.48 -10.98
N PHE A 198 2.67 -34.49 -10.33
CA PHE A 198 2.50 -33.05 -10.65
C PHE A 198 3.53 -32.23 -9.85
N GLN A 199 4.02 -31.15 -10.46
CA GLN A 199 5.02 -30.23 -9.87
C GLN A 199 4.51 -28.77 -9.95
N MET A 200 4.39 -28.12 -8.79
CA MET A 200 3.95 -26.71 -8.67
C MET A 200 5.16 -25.82 -8.32
N LEU A 201 5.70 -25.08 -9.29
CA LEU A 201 6.91 -24.25 -9.13
C LEU A 201 6.53 -22.77 -9.05
N ILE A 202 6.54 -22.21 -7.84
CA ILE A 202 6.25 -20.78 -7.56
C ILE A 202 7.58 -20.03 -7.56
N TYR A 203 7.78 -19.20 -8.58
CA TYR A 203 9.02 -18.39 -8.83
C TYR A 203 10.22 -19.19 -8.35
N PRO A 204 10.46 -20.42 -8.90
CA PRO A 204 11.59 -21.26 -8.50
C PRO A 204 12.96 -20.71 -8.94
N ALA A 205 14.03 -21.22 -8.31
CA ALA A 205 15.46 -20.99 -8.63
C ALA A 205 16.01 -22.21 -9.35
N THR A 206 16.27 -22.13 -10.65
CA THR A 206 16.58 -23.29 -11.51
C THR A 206 18.00 -23.18 -12.12
N ASP A 207 18.75 -22.11 -11.89
CA ASP A 207 20.08 -21.94 -12.54
C ASP A 207 21.02 -21.08 -11.69
N SER A 208 22.09 -21.69 -11.17
CA SER A 208 23.18 -21.02 -10.41
C SER A 208 24.40 -20.75 -11.32
N SER A 209 24.46 -21.36 -12.51
CA SER A 209 25.66 -21.30 -13.39
C SER A 209 25.75 -19.94 -14.11
N ARG A 210 24.65 -19.20 -14.22
CA ARG A 210 24.54 -17.97 -15.06
C ARG A 210 23.71 -16.88 -14.37
N GLU A 211 23.97 -15.62 -14.71
CA GLU A 211 23.10 -14.45 -14.43
C GLU A 211 22.29 -14.13 -15.70
N SER A 212 20.96 -14.29 -15.64
CA SER A 212 20.00 -13.90 -16.70
C SER A 212 19.82 -12.38 -16.72
N ALA A 213 19.04 -11.87 -17.69
CA ALA A 213 18.67 -10.44 -17.78
C ALA A 213 17.94 -9.98 -16.51
N SER A 214 16.96 -10.77 -16.02
CA SER A 214 16.17 -10.45 -14.81
C SER A 214 17.07 -10.39 -13.56
N ARG A 215 18.01 -11.33 -13.42
CA ARG A 215 18.92 -11.38 -12.24
C ARG A 215 19.74 -10.08 -12.17
N VAL A 216 20.20 -9.58 -13.32
CA VAL A 216 21.01 -8.32 -13.39
C VAL A 216 20.08 -7.12 -13.20
N ALA A 217 18.98 -7.05 -13.95
CA ALA A 217 18.05 -5.91 -14.00
C ALA A 217 17.45 -5.63 -12.61
N PHE A 218 17.07 -6.67 -11.85
CA PHE A 218 16.30 -6.51 -10.58
C PHE A 218 17.15 -6.92 -9.36
N ALA A 219 18.48 -6.71 -9.45
CA ALA A 219 19.47 -7.03 -8.39
C ALA A 219 19.34 -6.08 -7.17
N GLU A 220 18.76 -4.87 -7.34
CA GLU A 220 18.61 -3.87 -6.23
C GLU A 220 17.19 -3.31 -6.21
N GLY A 221 16.57 -3.25 -5.03
CA GLY A 221 15.37 -2.43 -4.75
C GLY A 221 14.05 -3.13 -5.06
N TYR A 222 14.07 -4.46 -5.19
CA TYR A 222 12.87 -5.28 -5.52
C TYR A 222 12.78 -6.43 -4.52
N PHE A 223 12.98 -6.12 -3.23
CA PHE A 223 12.85 -7.01 -2.06
C PHE A 223 13.96 -8.08 -2.09
N LEU A 224 13.89 -9.04 -3.02
CA LEU A 224 15.01 -10.00 -3.23
C LEU A 224 16.10 -9.31 -4.04
N SER A 225 17.22 -9.01 -3.39
CA SER A 225 18.41 -8.34 -3.94
C SER A 225 19.56 -9.34 -4.12
N LYS A 226 20.63 -8.92 -4.81
CA LYS A 226 21.89 -9.71 -4.98
C LYS A 226 22.53 -9.92 -3.61
N ALA A 227 22.54 -8.89 -2.78
CA ALA A 227 23.08 -8.92 -1.40
C ALA A 227 22.48 -10.11 -0.63
N HIS A 228 21.15 -10.24 -0.64
CA HIS A 228 20.39 -11.35 -0.03
C HIS A 228 20.87 -12.68 -0.60
N MET A 229 20.97 -12.77 -1.92
CA MET A 229 21.28 -14.03 -2.65
C MET A 229 22.73 -14.46 -2.35
N ASP A 230 23.65 -13.52 -2.16
CA ASP A 230 25.06 -13.82 -1.81
C ASP A 230 25.10 -14.35 -0.36
N TRP A 231 24.33 -13.71 0.52
CA TRP A 231 24.21 -14.08 1.95
C TRP A 231 23.71 -15.52 2.09
N PHE A 232 22.67 -15.91 1.32
CA PHE A 232 22.16 -17.30 1.27
C PHE A 232 23.26 -18.23 0.73
N TRP A 233 23.92 -17.80 -0.34
CA TRP A 233 24.96 -18.57 -1.06
C TRP A 233 26.16 -18.86 -0.12
N GLU A 234 26.67 -17.82 0.56
CA GLU A 234 27.73 -17.94 1.61
C GLU A 234 27.43 -19.18 2.47
N ALA A 235 26.18 -19.34 2.92
CA ALA A 235 25.74 -20.35 3.90
C ALA A 235 25.45 -21.71 3.24
N TYR A 236 24.85 -21.70 2.06
CA TYR A 236 24.30 -22.92 1.41
C TYR A 236 25.43 -23.73 0.77
N VAL A 237 26.41 -23.07 0.14
CA VAL A 237 27.34 -23.78 -0.78
C VAL A 237 28.73 -23.89 -0.19
N PRO A 238 29.26 -25.15 -0.05
CA PRO A 238 30.67 -25.39 0.25
C PRO A 238 31.58 -24.90 -0.89
N GLU A 239 32.74 -24.34 -0.52
CA GLU A 239 33.54 -23.39 -1.36
C GLU A 239 33.64 -23.87 -2.82
N ASP A 240 34.20 -25.05 -3.09
CA ASP A 240 34.47 -25.52 -4.47
C ASP A 240 33.43 -26.58 -4.86
N THR A 241 32.27 -26.13 -5.36
CA THR A 241 31.23 -26.99 -5.98
C THR A 241 31.01 -26.55 -7.43
N ASP A 242 30.88 -27.53 -8.34
CA ASP A 242 30.47 -27.33 -9.75
C ASP A 242 29.09 -26.65 -9.76
N LEU A 243 29.03 -25.36 -10.11
CA LEU A 243 27.77 -24.57 -10.18
C LEU A 243 26.77 -25.20 -11.16
N THR A 244 27.23 -26.08 -12.06
CA THR A 244 26.42 -26.73 -13.12
C THR A 244 25.94 -28.11 -12.67
N ASP A 245 26.15 -28.47 -11.39
CA ASP A 245 25.52 -29.66 -10.74
C ASP A 245 23.98 -29.49 -10.80
N LEU A 246 23.28 -30.52 -11.30
CA LEU A 246 21.82 -30.50 -11.58
C LEU A 246 21.00 -30.30 -10.28
N ARG A 247 21.58 -30.53 -9.11
CA ARG A 247 20.94 -30.28 -7.79
C ARG A 247 21.03 -28.79 -7.43
N LEU A 248 21.97 -28.05 -8.01
CA LEU A 248 22.04 -26.56 -7.90
C LEU A 248 21.39 -25.89 -9.10
N SER A 249 21.45 -26.53 -10.28
CA SER A 249 21.04 -25.94 -11.59
C SER A 249 20.25 -26.98 -12.39
N PRO A 250 19.02 -27.31 -11.93
CA PRO A 250 18.17 -28.25 -12.65
C PRO A 250 17.72 -27.80 -14.05
N LEU A 251 17.79 -26.50 -14.37
CA LEU A 251 17.54 -25.98 -15.75
C LEU A 251 18.53 -26.61 -16.74
N LEU A 252 19.78 -26.90 -16.34
CA LEU A 252 20.85 -27.41 -17.26
C LEU A 252 20.68 -28.92 -17.52
N ALA A 253 19.61 -29.54 -17.01
CA ALA A 253 19.29 -30.95 -17.30
C ALA A 253 19.33 -31.16 -18.81
N THR A 254 19.75 -32.35 -19.25
CA THR A 254 20.01 -32.71 -20.67
C THR A 254 18.69 -33.12 -21.34
N ASP A 255 17.79 -33.74 -20.58
CA ASP A 255 16.56 -34.42 -21.06
C ASP A 255 15.44 -34.06 -20.07
N PHE A 256 14.31 -33.53 -20.58
CA PHE A 256 13.13 -33.15 -19.76
C PHE A 256 11.96 -34.11 -19.94
N THR A 257 12.10 -35.16 -20.77
CA THR A 257 11.04 -36.19 -20.96
C THR A 257 10.91 -36.97 -19.65
N GLY A 258 9.70 -37.43 -19.32
CA GLY A 258 9.43 -38.26 -18.13
C GLY A 258 9.40 -37.44 -16.87
N LEU A 259 9.27 -36.11 -16.98
CA LEU A 259 9.01 -35.22 -15.81
C LEU A 259 7.50 -35.04 -15.69
N PRO A 260 6.96 -34.89 -14.45
CA PRO A 260 5.51 -34.80 -14.26
C PRO A 260 4.95 -33.49 -14.83
N PRO A 261 3.65 -33.48 -15.16
CA PRO A 261 2.98 -32.24 -15.54
C PRO A 261 3.30 -31.14 -14.53
N ALA A 262 3.42 -29.91 -14.99
CA ALA A 262 3.96 -28.78 -14.20
C ALA A 262 3.03 -27.56 -14.32
N PHE A 263 2.85 -26.86 -13.20
CA PHE A 263 2.41 -25.45 -13.14
C PHE A 263 3.62 -24.59 -12.75
N VAL A 264 3.88 -23.52 -13.49
CA VAL A 264 5.01 -22.60 -13.19
C VAL A 264 4.47 -21.15 -13.12
N LEU A 265 4.83 -20.45 -12.05
CA LEU A 265 4.45 -19.05 -11.79
C LEU A 265 5.72 -18.18 -11.70
N THR A 266 5.67 -16.96 -12.25
CA THR A 266 6.75 -15.98 -12.12
C THR A 266 6.13 -14.62 -11.78
N ALA A 267 6.90 -13.76 -11.13
CA ALA A 267 6.64 -12.32 -10.93
C ALA A 267 7.49 -11.52 -11.90
N GLY A 268 6.99 -10.34 -12.28
CA GLY A 268 7.61 -9.42 -13.26
C GLY A 268 8.92 -8.85 -12.77
N TYR A 269 9.01 -8.49 -11.49
CA TYR A 269 10.18 -7.78 -10.90
C TYR A 269 10.96 -8.73 -9.99
N ASP A 270 11.21 -9.93 -10.48
CA ASP A 270 11.84 -11.03 -9.71
C ASP A 270 13.14 -11.39 -10.45
N PRO A 271 14.30 -11.26 -9.78
CA PRO A 271 15.55 -11.73 -10.36
C PRO A 271 15.38 -13.08 -11.06
N LEU A 272 14.53 -13.95 -10.50
CA LEU A 272 14.39 -15.36 -10.95
C LEU A 272 13.41 -15.53 -12.11
N ARG A 273 12.78 -14.46 -12.58
CA ARG A 273 11.72 -14.59 -13.62
C ARG A 273 12.22 -15.41 -14.79
N ASP A 274 13.34 -15.00 -15.41
CA ASP A 274 13.84 -15.54 -16.70
C ASP A 274 14.15 -17.03 -16.59
N GLU A 275 14.80 -17.47 -15.50
CA GLU A 275 15.13 -18.90 -15.28
C GLU A 275 13.84 -19.68 -14.99
N GLY A 276 12.88 -19.07 -14.28
CA GLY A 276 11.54 -19.66 -14.09
C GLY A 276 10.88 -19.97 -15.43
N ARG A 277 10.89 -19.00 -16.34
CA ARG A 277 10.19 -19.11 -17.64
C ARG A 277 10.97 -20.08 -18.56
N ALA A 278 12.31 -20.01 -18.56
CA ALA A 278 13.18 -20.96 -19.30
C ALA A 278 12.81 -22.42 -18.95
N TYR A 279 12.74 -22.75 -17.66
CA TYR A 279 12.35 -24.10 -17.17
C TYR A 279 11.01 -24.50 -17.80
N ALA A 280 10.00 -23.64 -17.69
CA ALA A 280 8.67 -23.83 -18.33
C ALA A 280 8.82 -24.14 -19.82
N ASP A 281 9.62 -23.36 -20.54
CA ASP A 281 9.86 -23.55 -22.00
C ASP A 281 10.46 -24.94 -22.24
N ARG A 282 11.45 -25.34 -21.44
CA ARG A 282 12.13 -26.66 -21.58
C ARG A 282 11.09 -27.79 -21.45
N LEU A 283 10.15 -27.66 -20.50
CA LEU A 283 9.10 -28.69 -20.23
C LEU A 283 8.12 -28.74 -21.40
N ILE A 284 7.69 -27.57 -21.90
CA ILE A 284 6.66 -27.45 -22.99
C ILE A 284 7.18 -28.13 -24.25
N GLU A 285 8.45 -27.87 -24.60
CA GLU A 285 9.08 -28.35 -25.86
C GLU A 285 9.35 -29.85 -25.74
N ALA A 286 9.50 -30.40 -24.54
CA ALA A 286 9.70 -31.85 -24.28
C ALA A 286 8.37 -32.62 -24.23
N GLY A 287 7.23 -31.96 -24.40
CA GLY A 287 5.90 -32.60 -24.52
C GLY A 287 5.28 -32.92 -23.17
N ILE A 288 5.67 -32.17 -22.12
CA ILE A 288 5.06 -32.27 -20.76
C ILE A 288 3.89 -31.28 -20.74
N LYS A 289 2.69 -31.75 -20.36
CA LYS A 289 1.51 -30.90 -20.05
C LYS A 289 1.99 -29.87 -19.02
N THR A 290 1.73 -28.59 -19.26
CA THR A 290 2.41 -27.47 -18.56
C THR A 290 1.52 -26.25 -18.61
N THR A 291 1.24 -25.66 -17.45
CA THR A 291 0.64 -24.31 -17.36
C THR A 291 1.76 -23.34 -16.99
N TYR A 292 1.81 -22.19 -17.63
CA TYR A 292 2.79 -21.11 -17.33
C TYR A 292 2.02 -19.81 -17.11
N VAL A 293 2.27 -19.11 -15.99
CA VAL A 293 1.61 -17.81 -15.70
C VAL A 293 2.63 -16.79 -15.23
N ASN A 294 2.55 -15.58 -15.77
CA ASN A 294 3.42 -14.45 -15.33
C ASN A 294 2.51 -13.41 -14.67
N TYR A 295 2.86 -13.03 -13.43
CA TYR A 295 2.21 -11.94 -12.69
C TYR A 295 3.12 -10.74 -12.83
N PRO A 296 2.89 -9.88 -13.85
CA PRO A 296 3.73 -8.71 -14.04
C PRO A 296 3.35 -7.68 -12.97
N GLY A 297 4.23 -6.73 -12.69
CA GLY A 297 3.90 -5.62 -11.78
C GLY A 297 3.92 -6.01 -10.31
N THR A 298 4.46 -7.19 -9.98
CA THR A 298 4.63 -7.65 -8.58
C THR A 298 6.00 -8.35 -8.43
N ILE A 299 6.38 -8.63 -7.20
CA ILE A 299 7.78 -8.97 -6.81
C ILE A 299 7.86 -10.42 -6.33
N HIS A 300 9.08 -10.97 -6.30
CA HIS A 300 9.43 -12.19 -5.55
C HIS A 300 8.85 -12.10 -4.14
N GLY A 301 8.25 -13.19 -3.63
CA GLY A 301 7.70 -13.25 -2.26
C GLY A 301 6.21 -13.02 -2.20
N PHE A 302 5.57 -12.49 -3.24
CA PHE A 302 4.17 -11.99 -3.23
C PHE A 302 3.19 -13.14 -2.93
N PHE A 303 3.58 -14.38 -3.24
CA PHE A 303 2.76 -15.59 -3.01
C PHE A 303 2.50 -15.82 -1.51
N SER A 304 3.35 -15.27 -0.65
CA SER A 304 3.23 -15.39 0.82
C SER A 304 3.27 -14.03 1.52
N LEU A 305 3.33 -12.91 0.78
CA LEU A 305 3.25 -11.54 1.36
C LEU A 305 1.82 -11.02 1.23
N THR A 306 0.84 -11.83 1.63
CA THR A 306 -0.58 -11.68 1.25
C THR A 306 -1.30 -10.75 2.22
N ARG A 307 -0.66 -10.28 3.30
CA ARG A 307 -1.22 -9.24 4.19
C ARG A 307 -1.21 -7.87 3.45
N PHE A 308 -0.21 -7.64 2.59
CA PHE A 308 0.05 -6.36 1.87
C PHE A 308 -0.30 -6.47 0.38
N LEU A 309 -0.22 -7.66 -0.21
CA LEU A 309 -0.30 -7.86 -1.69
C LEU A 309 -1.46 -8.80 -2.06
N SER A 310 -2.60 -8.21 -2.45
CA SER A 310 -3.83 -8.89 -2.94
C SER A 310 -3.52 -9.87 -4.09
N GLN A 311 -2.59 -9.51 -4.98
CA GLN A 311 -2.20 -10.35 -6.14
C GLN A 311 -1.74 -11.73 -5.64
N GLY A 312 -1.10 -11.80 -4.47
CA GLY A 312 -0.67 -13.06 -3.84
C GLY A 312 -1.84 -14.02 -3.59
N LEU A 313 -2.99 -13.49 -3.18
CA LEU A 313 -4.19 -14.31 -2.88
C LEU A 313 -4.76 -14.87 -4.18
N LYS A 314 -4.85 -14.02 -5.21
CA LYS A 314 -5.30 -14.40 -6.59
C LYS A 314 -4.35 -15.47 -7.16
N ALA A 315 -3.05 -15.37 -6.87
CA ALA A 315 -2.00 -16.32 -7.28
C ALA A 315 -2.18 -17.69 -6.60
N ASN A 316 -2.39 -17.71 -5.29
CA ASN A 316 -2.68 -18.95 -4.51
C ASN A 316 -3.89 -19.61 -5.17
N ASP A 317 -4.93 -18.84 -5.47
CA ASP A 317 -6.19 -19.38 -6.07
C ASP A 317 -5.93 -19.96 -7.47
N GLU A 318 -5.13 -19.29 -8.29
CA GLU A 318 -4.81 -19.83 -9.64
C GLU A 318 -4.03 -21.15 -9.48
N ALA A 319 -3.02 -21.19 -8.62
CA ALA A 319 -2.20 -22.39 -8.31
C ALA A 319 -3.07 -23.53 -7.82
N ALA A 320 -3.91 -23.27 -6.81
CA ALA A 320 -4.85 -24.24 -6.22
C ALA A 320 -5.81 -24.77 -7.29
N ALA A 321 -6.44 -23.88 -8.03
CA ALA A 321 -7.44 -24.19 -9.08
C ALA A 321 -6.86 -25.12 -10.17
N VAL A 322 -5.69 -24.78 -10.73
CA VAL A 322 -4.99 -25.61 -11.75
C VAL A 322 -4.75 -27.02 -11.21
N MET A 323 -4.32 -27.17 -9.95
CA MET A 323 -3.95 -28.48 -9.37
C MET A 323 -5.21 -29.31 -9.12
N GLY A 324 -6.29 -28.66 -8.68
CA GLY A 324 -7.62 -29.28 -8.53
C GLY A 324 -8.18 -29.79 -9.85
N ALA A 325 -8.00 -29.01 -10.93
CA ALA A 325 -8.41 -29.37 -12.30
C ALA A 325 -7.64 -30.64 -12.76
N HIS A 326 -6.34 -30.75 -12.46
CA HIS A 326 -5.49 -31.89 -12.89
C HIS A 326 -5.93 -33.19 -12.18
N PHE A 327 -6.19 -33.10 -10.87
CA PHE A 327 -6.51 -34.24 -9.98
C PHE A 327 -8.03 -34.48 -9.90
N GLY A 328 -8.82 -33.63 -10.56
CA GLY A 328 -10.29 -33.80 -10.69
C GLY A 328 -11.00 -33.67 -9.36
N THR A 329 -10.51 -32.79 -8.47
CA THR A 329 -11.03 -32.61 -7.08
C THR A 329 -12.33 -31.79 -7.12
N MET B 15 -5.41 14.43 -3.12
CA MET B 15 -6.45 14.01 -2.12
C MET B 15 -5.87 12.91 -1.20
N LEU B 16 -6.21 11.64 -1.41
CA LEU B 16 -5.74 10.46 -0.61
C LEU B 16 -4.29 10.15 -0.95
N LEU B 17 -3.45 9.90 0.06
CA LEU B 17 -2.05 9.39 -0.15
C LEU B 17 -2.12 7.99 -0.73
N PRO B 18 -1.20 7.60 -1.65
CA PRO B 18 -1.15 6.22 -2.13
C PRO B 18 -1.24 5.15 -1.02
N GLU B 19 -0.59 5.34 0.12
CA GLU B 19 -0.53 4.32 1.21
C GLU B 19 -1.92 4.17 1.85
N THR B 20 -2.67 5.26 1.95
CA THR B 20 -4.07 5.28 2.46
C THR B 20 -5.00 4.56 1.47
N ARG B 21 -4.86 4.83 0.18
CA ARG B 21 -5.69 4.23 -0.90
C ARG B 21 -5.46 2.72 -0.89
N ASN B 22 -4.20 2.31 -0.81
CA ASN B 22 -3.80 0.88 -0.81
C ASN B 22 -4.45 0.16 0.36
N LEU B 23 -4.46 0.76 1.56
CA LEU B 23 -5.04 0.10 2.77
C LEU B 23 -6.56 -0.02 2.63
N LEU B 24 -7.24 1.01 2.16
CA LEU B 24 -8.72 0.98 1.98
C LEU B 24 -9.07 -0.11 0.96
N ASP B 25 -8.24 -0.28 -0.08
CA ASP B 25 -8.38 -1.33 -1.14
C ASP B 25 -8.21 -2.73 -0.53
N LEU B 26 -7.18 -2.94 0.32
CA LEU B 26 -6.94 -4.24 1.01
C LEU B 26 -8.14 -4.57 1.90
N MET B 27 -8.71 -3.57 2.58
CA MET B 27 -9.86 -3.75 3.49
C MET B 27 -11.10 -4.14 2.68
N ASP B 28 -11.31 -3.50 1.53
CA ASP B 28 -12.43 -3.79 0.60
C ASP B 28 -12.29 -5.21 0.04
N ALA B 29 -11.07 -5.59 -0.34
CA ALA B 29 -10.71 -6.94 -0.83
C ALA B 29 -11.08 -8.00 0.23
N ALA B 30 -10.86 -7.70 1.51
CA ALA B 30 -11.14 -8.62 2.64
C ALA B 30 -12.65 -8.68 2.91
N THR B 31 -13.39 -7.61 2.60
CA THR B 31 -14.87 -7.54 2.74
C THR B 31 -15.53 -8.44 1.69
N ARG B 32 -15.18 -8.25 0.41
CA ARG B 32 -15.56 -9.12 -0.74
C ARG B 32 -15.04 -10.54 -0.50
N GLY B 33 -13.89 -10.68 0.16
CA GLY B 33 -13.26 -11.97 0.53
C GLY B 33 -14.11 -12.80 1.49
N GLY B 34 -14.97 -12.14 2.29
CA GLY B 34 -15.89 -12.82 3.23
C GLY B 34 -15.66 -12.44 4.69
N ARG B 35 -14.87 -11.40 4.97
CA ARG B 35 -14.70 -10.82 6.33
C ARG B 35 -16.02 -10.19 6.77
N PRO B 36 -16.59 -10.59 7.93
CA PRO B 36 -17.82 -9.97 8.44
C PRO B 36 -17.63 -8.48 8.78
N GLY B 37 -18.70 -7.70 8.70
CA GLY B 37 -18.75 -6.31 9.22
C GLY B 37 -18.83 -6.32 10.74
N LEU B 38 -18.03 -5.48 11.40
CA LEU B 38 -18.00 -5.33 12.88
C LEU B 38 -19.40 -5.01 13.41
N ASP B 39 -20.18 -4.25 12.64
CA ASP B 39 -21.55 -3.78 13.04
C ASP B 39 -22.57 -4.91 12.95
N THR B 40 -22.19 -6.07 12.39
CA THR B 40 -23.08 -7.26 12.22
C THR B 40 -22.90 -8.23 13.40
N LEU B 41 -21.76 -8.18 14.10
CA LEU B 41 -21.39 -9.12 15.20
C LEU B 41 -21.92 -8.58 16.54
N PRO B 42 -22.19 -9.43 17.55
CA PRO B 42 -22.42 -8.95 18.92
C PRO B 42 -21.14 -8.31 19.51
N HIS B 43 -21.30 -7.43 20.50
CA HIS B 43 -20.22 -6.52 20.99
C HIS B 43 -19.02 -7.33 21.48
N ALA B 44 -19.23 -8.34 22.35
CA ALA B 44 -18.15 -9.15 22.98
C ALA B 44 -17.40 -9.96 21.92
N VAL B 45 -18.09 -10.51 20.93
CA VAL B 45 -17.49 -11.37 19.86
C VAL B 45 -16.67 -10.48 18.92
N GLY B 46 -17.25 -9.36 18.48
CA GLY B 46 -16.59 -8.38 17.59
C GLY B 46 -15.34 -7.80 18.22
N ARG B 47 -15.37 -7.57 19.53
CA ARG B 47 -14.23 -7.02 20.32
C ARG B 47 -13.00 -7.94 20.18
N LYS B 48 -13.15 -9.21 20.57
CA LYS B 48 -12.06 -10.23 20.52
C LYS B 48 -11.46 -10.25 19.10
N ALA B 49 -12.31 -10.21 18.08
CA ALA B 49 -11.94 -10.32 16.65
C ALA B 49 -11.13 -9.09 16.21
N VAL B 50 -11.61 -7.88 16.55
CA VAL B 50 -10.99 -6.60 16.11
C VAL B 50 -9.74 -6.34 16.95
N ASP B 51 -9.72 -6.73 18.23
CA ASP B 51 -8.55 -6.58 19.12
C ASP B 51 -7.32 -7.27 18.51
N LYS B 52 -7.46 -8.43 17.86
CA LYS B 52 -6.32 -9.16 17.26
C LYS B 52 -5.87 -8.45 15.97
N MET B 53 -6.81 -7.85 15.24
CA MET B 53 -6.54 -7.12 13.97
C MET B 53 -5.84 -5.79 14.28
N SER B 54 -6.26 -5.09 15.33
CA SER B 54 -5.59 -3.87 15.86
C SER B 54 -4.14 -4.18 16.24
N GLU B 55 -3.91 -5.10 17.17
CA GLU B 55 -2.55 -5.56 17.54
C GLU B 55 -1.69 -5.73 16.29
N ASP B 56 -2.21 -6.36 15.24
CA ASP B 56 -1.45 -6.73 14.02
C ASP B 56 -1.29 -5.54 13.06
N GLY B 57 -1.98 -4.42 13.29
CA GLY B 57 -1.90 -3.21 12.43
C GLY B 57 -0.86 -2.22 12.92
N GLU B 58 -0.44 -2.30 14.19
CA GLU B 58 0.65 -1.49 14.79
C GLU B 58 2.02 -1.97 14.27
N ALA B 59 2.98 -1.06 14.07
CA ALA B 59 4.38 -1.37 13.67
C ALA B 59 5.03 -2.23 14.76
N ASP B 60 6.12 -2.93 14.44
CA ASP B 60 6.87 -3.78 15.42
C ASP B 60 7.27 -2.92 16.61
N PRO B 61 7.07 -3.42 17.85
CA PRO B 61 7.26 -2.60 19.04
C PRO B 61 8.74 -2.35 19.25
N PRO B 62 9.18 -1.07 19.37
CA PRO B 62 10.56 -0.77 19.74
C PRO B 62 10.91 -1.19 21.18
N GLU B 63 12.21 -1.34 21.46
CA GLU B 63 12.71 -1.60 22.84
C GLU B 63 12.58 -0.29 23.63
N VAL B 64 12.13 -0.40 24.89
CA VAL B 64 12.18 0.72 25.88
C VAL B 64 13.09 0.28 27.04
N ALA B 65 13.39 1.19 27.96
CA ALA B 65 14.26 0.95 29.12
C ALA B 65 13.61 -0.13 29.99
N GLU B 66 12.31 -0.04 30.20
CA GLU B 66 11.57 -0.82 31.23
C GLU B 66 10.06 -0.71 30.99
N VAL B 67 9.35 -1.83 31.05
CA VAL B 67 7.86 -1.92 31.06
C VAL B 67 7.44 -2.46 32.43
N ALA B 68 6.52 -1.78 33.11
CA ALA B 68 5.87 -2.24 34.35
C ALA B 68 4.39 -2.53 34.09
N ASN B 69 3.88 -3.65 34.60
CA ASN B 69 2.46 -4.06 34.54
C ASN B 69 1.92 -4.17 35.95
N GLY B 70 0.82 -3.46 36.27
CA GLY B 70 0.22 -3.43 37.62
C GLY B 70 -1.22 -2.99 37.62
N GLY B 71 -1.82 -2.83 38.80
CA GLY B 71 -3.22 -2.44 38.98
C GLY B 71 -3.38 -1.54 40.20
N PHE B 72 -4.52 -0.87 40.34
CA PHE B 72 -4.89 -0.12 41.56
C PHE B 72 -6.41 -0.10 41.70
N ALA B 73 -6.88 0.25 42.89
CA ALA B 73 -8.32 0.28 43.25
C ALA B 73 -9.02 1.41 42.47
N GLY B 74 -9.89 1.04 41.53
CA GLY B 74 -10.74 2.00 40.77
C GLY B 74 -11.97 2.42 41.57
N PRO B 75 -12.89 3.21 40.98
CA PRO B 75 -14.11 3.61 41.68
C PRO B 75 -15.04 2.42 41.96
N ALA B 76 -15.04 1.40 41.10
CA ALA B 76 -15.99 0.26 41.17
C ALA B 76 -15.41 -1.03 40.60
N SER B 77 -14.07 -1.18 40.60
CA SER B 77 -13.35 -2.32 39.98
C SER B 77 -11.83 -2.05 39.99
N GLU B 78 -11.02 -3.03 39.60
CA GLU B 78 -9.54 -2.86 39.49
C GLU B 78 -9.20 -2.26 38.12
N ILE B 79 -8.41 -1.18 38.10
CA ILE B 79 -7.92 -0.52 36.86
C ILE B 79 -6.47 -0.96 36.62
N ARG B 80 -6.22 -1.64 35.50
CA ARG B 80 -4.85 -2.10 35.10
C ARG B 80 -4.15 -1.00 34.30
N PHE B 81 -2.83 -0.94 34.41
CA PHE B 81 -1.98 0.07 33.73
C PHE B 81 -0.67 -0.59 33.29
N ARG B 82 -0.01 0.06 32.34
CA ARG B 82 1.34 -0.35 31.87
C ARG B 82 2.19 0.92 31.80
N ARG B 83 3.34 0.94 32.47
CA ARG B 83 4.27 2.08 32.47
C ARG B 83 5.40 1.76 31.51
N TYR B 84 5.81 2.73 30.72
CA TYR B 84 6.90 2.62 29.73
C TYR B 84 7.92 3.70 30.07
N ARG B 85 9.12 3.27 30.44
CA ARG B 85 10.28 4.14 30.74
C ARG B 85 11.09 4.22 29.46
N PRO B 86 11.39 5.44 28.93
CA PRO B 86 12.09 5.56 27.65
C PRO B 86 13.59 5.28 27.72
N LEU B 87 14.17 4.84 26.61
CA LEU B 87 15.64 4.65 26.46
C LEU B 87 16.37 5.95 26.82
N GLY B 88 17.41 5.85 27.66
CA GLY B 88 18.40 6.92 27.91
C GLY B 88 18.05 7.84 29.06
N GLU B 89 16.92 7.61 29.75
CA GLU B 89 16.42 8.53 30.82
C GLU B 89 16.61 7.88 32.19
N ALA B 90 17.65 8.32 32.91
CA ALA B 90 18.12 7.70 34.17
C ALA B 90 17.42 8.29 35.39
N ALA B 91 16.77 9.46 35.27
CA ALA B 91 16.17 10.22 36.40
C ALA B 91 15.07 9.38 37.07
N GLY B 92 15.00 9.42 38.40
CA GLY B 92 13.92 8.81 39.20
C GLY B 92 12.55 9.20 38.67
N LEU B 93 12.14 10.45 38.93
CA LEU B 93 10.79 10.97 38.57
C LEU B 93 10.83 11.61 37.18
N LEU B 94 10.15 11.01 36.20
CA LEU B 94 10.09 11.52 34.81
C LEU B 94 8.81 12.29 34.56
N PRO B 95 8.81 13.23 33.59
CA PRO B 95 7.54 13.74 33.05
C PRO B 95 6.78 12.53 32.49
N THR B 96 5.46 12.55 32.61
CA THR B 96 4.59 11.37 32.41
C THR B 96 3.39 11.81 31.56
N LEU B 97 3.06 11.00 30.55
CA LEU B 97 1.79 11.09 29.80
C LEU B 97 0.90 9.91 30.20
N ILE B 98 -0.27 10.17 30.75
CA ILE B 98 -1.31 9.14 31.03
C ILE B 98 -2.13 9.00 29.75
N TYR B 99 -2.09 7.83 29.11
CA TYR B 99 -2.59 7.60 27.73
C TYR B 99 -3.83 6.74 27.76
N TYR B 100 -4.92 7.22 27.16
CA TYR B 100 -6.22 6.51 27.09
C TYR B 100 -6.44 6.01 25.66
N HIS B 101 -6.36 4.69 25.46
CA HIS B 101 -6.53 4.05 24.12
C HIS B 101 -7.91 4.42 23.55
N GLY B 102 -8.10 4.23 22.24
CA GLY B 102 -9.39 4.42 21.56
C GLY B 102 -10.12 3.11 21.28
N GLY B 103 -11.30 3.17 20.65
CA GLY B 103 -12.18 2.03 20.34
C GLY B 103 -13.65 2.31 20.66
N GLY B 104 -14.09 3.57 20.68
CA GLY B 104 -15.48 3.97 20.93
C GLY B 104 -16.00 3.52 22.30
N PHE B 105 -15.12 3.44 23.30
CA PHE B 105 -15.43 3.02 24.69
C PHE B 105 -15.94 1.57 24.71
N VAL B 106 -15.66 0.79 23.66
CA VAL B 106 -16.18 -0.61 23.53
C VAL B 106 -15.03 -1.59 23.29
N ILE B 107 -14.16 -1.31 22.32
CA ILE B 107 -13.01 -2.17 21.93
C ILE B 107 -11.70 -1.48 22.34
N GLY B 108 -10.57 -2.08 21.99
CA GLY B 108 -9.23 -1.61 22.34
C GLY B 108 -8.88 -1.97 23.78
N ASN B 109 -7.58 -1.91 24.10
CA ASN B 109 -7.01 -2.23 25.44
C ASN B 109 -5.53 -1.86 25.42
N ILE B 110 -4.80 -2.13 26.51
CA ILE B 110 -3.35 -1.82 26.63
C ILE B 110 -2.56 -2.49 25.49
N GLU B 111 -2.87 -3.74 25.16
CA GLU B 111 -2.11 -4.53 24.14
C GLU B 111 -2.27 -3.90 22.75
N THR B 112 -3.41 -3.29 22.42
CA THR B 112 -3.67 -2.78 21.04
C THR B 112 -2.82 -1.54 20.74
N HIS B 113 -2.44 -0.76 21.75
CA HIS B 113 -1.75 0.54 21.59
C HIS B 113 -0.32 0.48 22.15
N ASP B 114 0.20 -0.74 22.33
CA ASP B 114 1.52 -1.00 22.95
C ASP B 114 2.66 -0.37 22.12
N SER B 115 2.77 -0.69 20.82
CA SER B 115 3.83 -0.19 19.90
C SER B 115 3.85 1.34 19.90
N THR B 116 2.66 1.95 19.84
CA THR B 116 2.49 3.41 19.73
C THR B 116 3.07 4.01 21.02
N CYS B 117 2.65 3.49 22.17
CA CYS B 117 3.07 3.96 23.52
C CYS B 117 4.58 3.83 23.72
N ARG B 118 5.18 2.69 23.33
CA ARG B 118 6.65 2.50 23.36
C ARG B 118 7.31 3.63 22.59
N ARG B 119 6.83 3.87 21.38
CA ARG B 119 7.41 4.88 20.47
C ARG B 119 7.23 6.27 21.08
N LEU B 120 6.03 6.60 21.57
CA LEU B 120 5.79 7.95 22.16
C LEU B 120 6.84 8.18 23.24
N ALA B 121 7.00 7.21 24.13
CA ALA B 121 7.90 7.24 25.30
C ALA B 121 9.34 7.59 24.86
N ASN B 122 9.86 6.85 23.87
CA ASN B 122 11.25 7.01 23.37
C ASN B 122 11.44 8.38 22.74
N LYS B 123 10.53 8.81 21.86
CA LYS B 123 10.71 10.06 21.07
C LYS B 123 10.51 11.28 21.96
N SER B 124 9.58 11.22 22.93
CA SER B 124 9.24 12.34 23.84
C SER B 124 10.26 12.45 24.97
N ARG B 125 10.97 11.35 25.29
CA ARG B 125 11.87 11.22 26.46
C ARG B 125 11.03 11.34 27.73
N CYS B 126 9.73 11.04 27.64
CA CYS B 126 8.75 11.01 28.77
C CYS B 126 8.39 9.57 29.10
N GLN B 127 7.91 9.36 30.31
CA GLN B 127 7.26 8.09 30.71
C GLN B 127 5.83 8.12 30.15
N VAL B 128 5.34 6.98 29.68
CA VAL B 128 3.92 6.79 29.26
C VAL B 128 3.29 5.77 30.20
N ILE B 129 2.09 6.06 30.69
CA ILE B 129 1.26 5.15 31.52
C ILE B 129 -0.05 4.90 30.77
N SER B 130 -0.20 3.75 30.11
CA SER B 130 -1.42 3.30 29.40
C SER B 130 -2.42 2.74 30.43
N ILE B 131 -3.67 3.23 30.39
CA ILE B 131 -4.76 2.90 31.36
C ILE B 131 -5.75 1.95 30.70
N ASP B 132 -6.21 0.99 31.50
CA ASP B 132 -7.16 -0.05 31.06
C ASP B 132 -8.51 0.20 31.74
N TYR B 133 -9.32 1.05 31.13
CA TYR B 133 -10.60 1.55 31.72
C TYR B 133 -11.70 0.54 31.38
N ARG B 134 -12.81 0.59 32.11
CA ARG B 134 -13.97 -0.30 31.89
C ARG B 134 -14.64 0.05 30.55
N LEU B 135 -15.08 -0.97 29.82
CA LEU B 135 -15.67 -0.84 28.47
C LEU B 135 -17.17 -1.16 28.52
N ALA B 136 -17.92 -0.59 27.57
CA ALA B 136 -19.33 -0.91 27.26
C ALA B 136 -19.38 -2.07 26.27
N PRO B 137 -20.48 -2.85 26.20
CA PRO B 137 -21.72 -2.58 26.93
C PRO B 137 -21.76 -3.03 28.39
N GLU B 138 -20.83 -3.88 28.84
CA GLU B 138 -20.81 -4.42 30.23
C GLU B 138 -20.88 -3.25 31.23
N HIS B 139 -20.13 -2.17 30.96
CA HIS B 139 -20.05 -0.94 31.79
C HIS B 139 -20.35 0.27 30.91
N PRO B 140 -21.63 0.63 30.70
CA PRO B 140 -21.99 1.75 29.83
C PRO B 140 -21.68 3.13 30.46
N PHE B 141 -21.89 4.20 29.69
CA PHE B 141 -21.78 5.61 30.15
C PHE B 141 -22.54 5.77 31.46
N PRO B 142 -21.97 6.41 32.51
CA PRO B 142 -20.67 7.08 32.45
C PRO B 142 -19.44 6.35 33.04
N ALA B 143 -19.35 5.03 32.88
CA ALA B 143 -18.34 4.17 33.56
C ALA B 143 -16.92 4.39 33.01
N PRO B 144 -16.67 4.37 31.68
CA PRO B 144 -15.32 4.56 31.14
C PRO B 144 -14.67 5.92 31.47
N ILE B 145 -15.46 6.99 31.56
CA ILE B 145 -14.98 8.35 31.90
C ILE B 145 -14.65 8.41 33.40
N ASP B 146 -15.44 7.73 34.23
CA ASP B 146 -15.28 7.67 35.70
C ASP B 146 -13.92 7.06 36.05
N ASP B 147 -13.51 6.02 35.30
CA ASP B 147 -12.21 5.34 35.48
C ASP B 147 -11.08 6.27 35.03
N GLY B 148 -11.21 6.84 33.84
CA GLY B 148 -10.19 7.75 33.29
C GLY B 148 -9.87 8.85 34.28
N ILE B 149 -10.91 9.42 34.90
CA ILE B 149 -10.79 10.52 35.90
C ILE B 149 -10.15 9.93 37.16
N ALA B 150 -10.62 8.75 37.59
CA ALA B 150 -10.13 8.05 38.79
C ALA B 150 -8.63 7.74 38.63
N ALA B 151 -8.22 7.36 37.43
CA ALA B 151 -6.82 7.01 37.09
C ALA B 151 -5.92 8.25 37.21
N PHE B 152 -6.36 9.38 36.67
CA PHE B 152 -5.58 10.64 36.69
C PHE B 152 -5.31 11.05 38.15
N ARG B 153 -6.39 11.07 38.95
CA ARG B 153 -6.39 11.45 40.39
C ARG B 153 -5.49 10.50 41.20
N HIS B 154 -5.63 9.19 41.00
CA HIS B 154 -4.79 8.18 41.68
C HIS B 154 -3.31 8.45 41.41
N ILE B 155 -2.95 8.81 40.18
CA ILE B 155 -1.52 8.94 39.74
C ILE B 155 -1.01 10.32 40.18
N ARG B 156 -1.86 11.35 40.09
CA ARG B 156 -1.52 12.72 40.55
C ARG B 156 -1.17 12.66 42.04
N ASP B 157 -2.01 12.02 42.85
CA ASP B 157 -1.91 12.01 44.33
C ASP B 157 -0.93 10.93 44.80
N ASN B 158 -0.42 10.08 43.90
CA ASN B 158 0.61 9.05 44.22
C ASN B 158 1.75 9.11 43.20
N ALA B 159 2.14 10.31 42.78
CA ALA B 159 3.11 10.57 41.68
C ALA B 159 4.37 9.69 41.84
N GLU B 160 5.05 9.77 42.98
CA GLU B 160 6.31 9.03 43.28
C GLU B 160 6.13 7.50 43.10
N SER B 161 4.99 6.91 43.50
CA SER B 161 4.68 5.46 43.28
C SER B 161 4.85 5.09 41.80
N PHE B 162 4.54 6.02 40.89
CA PHE B 162 4.48 5.80 39.42
C PHE B 162 5.72 6.36 38.72
N GLY B 163 6.72 6.80 39.49
CA GLY B 163 7.94 7.44 38.98
C GLY B 163 7.63 8.67 38.14
N ALA B 164 6.58 9.41 38.51
CA ALA B 164 6.05 10.59 37.79
C ALA B 164 6.44 11.87 38.53
N ASP B 165 6.81 12.91 37.78
CA ASP B 165 6.99 14.31 38.27
C ASP B 165 5.63 15.02 38.24
N ALA B 166 5.01 15.22 39.42
CA ALA B 166 3.67 15.82 39.62
C ALA B 166 3.52 17.18 38.88
N ALA B 167 4.59 17.96 38.79
CA ALA B 167 4.60 19.24 38.04
C ALA B 167 4.30 19.00 36.56
N ARG B 168 4.77 17.88 35.99
CA ARG B 168 4.77 17.64 34.52
C ARG B 168 4.03 16.33 34.23
N LEU B 169 2.76 16.32 34.58
CA LEU B 169 1.85 15.14 34.45
C LEU B 169 0.78 15.50 33.42
N ALA B 170 0.83 14.82 32.28
CA ALA B 170 0.01 15.08 31.06
C ALA B 170 -1.03 13.98 30.88
N VAL B 171 -2.16 14.28 30.25
CA VAL B 171 -3.12 13.26 29.74
C VAL B 171 -3.21 13.37 28.21
N GLY B 172 -3.62 12.27 27.57
CA GLY B 172 -3.88 12.20 26.13
C GLY B 172 -4.54 10.90 25.74
N GLY B 173 -4.83 10.73 24.46
CA GLY B 173 -5.51 9.55 23.91
C GLY B 173 -5.91 9.76 22.47
N ASP B 174 -6.51 8.74 21.86
CA ASP B 174 -6.94 8.73 20.44
C ASP B 174 -8.42 8.32 20.34
N SER B 175 -9.17 8.99 19.47
CA SER B 175 -10.67 8.94 19.37
C SER B 175 -11.36 9.03 20.73
N ALA B 176 -11.95 7.93 21.20
CA ALA B 176 -12.66 7.85 22.50
C ALA B 176 -11.71 8.23 23.66
N GLY B 177 -10.44 7.78 23.59
CA GLY B 177 -9.37 8.18 24.51
C GLY B 177 -9.08 9.68 24.45
N GLY B 178 -9.16 10.28 23.27
CA GLY B 178 -9.06 11.75 23.09
C GLY B 178 -10.19 12.47 23.80
N ALA B 179 -11.41 12.00 23.59
CA ALA B 179 -12.62 12.48 24.30
C ALA B 179 -12.37 12.42 25.80
N MET B 180 -11.87 11.28 26.28
CA MET B 180 -11.64 11.00 27.72
C MET B 180 -10.63 12.01 28.29
N ALA B 181 -9.50 12.20 27.62
CA ALA B 181 -8.45 13.17 28.00
C ALA B 181 -9.04 14.58 28.13
N ALA B 182 -9.90 14.98 27.19
CA ALA B 182 -10.52 16.33 27.15
C ALA B 182 -11.51 16.49 28.32
N VAL B 183 -12.27 15.45 28.61
CA VAL B 183 -13.24 15.41 29.73
C VAL B 183 -12.48 15.44 31.07
N VAL B 184 -11.34 14.75 31.16
CA VAL B 184 -10.53 14.73 32.41
C VAL B 184 -10.11 16.17 32.76
N CYS B 185 -9.66 16.96 31.78
CA CYS B 185 -9.22 18.36 32.03
C CYS B 185 -10.42 19.22 32.45
N GLN B 186 -11.54 19.09 31.75
CA GLN B 186 -12.77 19.86 32.06
C GLN B 186 -13.26 19.49 33.46
N ALA B 187 -13.29 18.20 33.79
CA ALA B 187 -13.68 17.67 35.12
C ALA B 187 -12.79 18.29 36.21
N CYS B 188 -11.47 18.28 36.04
CA CYS B 188 -10.50 18.80 37.04
C CYS B 188 -10.67 20.31 37.23
N ARG B 189 -10.96 21.03 36.14
CA ARG B 189 -11.13 22.51 36.14
C ARG B 189 -12.43 22.88 36.88
N ASP B 190 -13.52 22.17 36.55
CA ASP B 190 -14.90 22.44 37.02
C ASP B 190 -15.02 22.13 38.51
N ALA B 191 -14.25 21.15 39.00
CA ALA B 191 -14.26 20.67 40.40
C ALA B 191 -13.20 21.40 41.24
N GLY B 192 -12.42 22.29 40.63
CA GLY B 192 -11.51 23.20 41.35
C GLY B 192 -10.18 22.57 41.72
N GLU B 193 -9.89 21.33 41.29
CA GLU B 193 -8.65 20.61 41.68
C GLU B 193 -7.57 20.82 40.62
N THR B 194 -6.35 20.32 40.91
CA THR B 194 -5.14 20.41 40.04
C THR B 194 -5.26 19.45 38.85
N GLY B 195 -5.47 19.99 37.65
CA GLY B 195 -5.60 19.21 36.41
C GLY B 195 -4.24 18.84 35.81
N PRO B 196 -4.25 18.12 34.68
CA PRO B 196 -3.02 17.82 33.95
C PRO B 196 -2.30 19.10 33.53
N ALA B 197 -1.03 18.97 33.15
CA ALA B 197 -0.15 20.11 32.77
C ALA B 197 -0.12 20.25 31.25
N PHE B 198 -0.74 19.29 30.55
CA PHE B 198 -0.74 19.20 29.07
C PHE B 198 -1.75 18.13 28.63
N GLN B 199 -2.41 18.38 27.49
CA GLN B 199 -3.42 17.45 26.91
C GLN B 199 -3.07 17.17 25.44
N MET B 200 -2.90 15.90 25.09
CA MET B 200 -2.59 15.42 23.72
C MET B 200 -3.82 14.74 23.12
N LEU B 201 -4.55 15.42 22.22
CA LEU B 201 -5.80 14.93 21.60
C LEU B 201 -5.54 14.48 20.16
N ILE B 202 -5.46 13.16 19.95
CA ILE B 202 -5.26 12.51 18.63
C ILE B 202 -6.66 12.19 18.08
N TYR B 203 -7.06 12.92 17.03
CA TYR B 203 -8.36 12.83 16.33
C TYR B 203 -9.43 12.50 17.35
N PRO B 204 -9.63 13.36 18.38
CA PRO B 204 -10.64 13.11 19.43
C PRO B 204 -12.08 13.25 18.95
N ALA B 205 -13.02 12.70 19.75
CA ALA B 205 -14.49 12.84 19.60
C ALA B 205 -15.00 13.83 20.64
N THR B 206 -15.40 15.03 20.23
CA THR B 206 -15.71 16.17 21.14
C THR B 206 -17.18 16.60 21.06
N ASP B 207 -17.99 16.03 20.16
CA ASP B 207 -19.40 16.49 19.97
C ASP B 207 -20.31 15.37 19.49
N SER B 208 -21.27 14.97 20.33
CA SER B 208 -22.34 13.98 20.02
C SER B 208 -23.65 14.69 19.65
N SER B 209 -23.78 15.98 19.94
CA SER B 209 -25.06 16.73 19.77
C SER B 209 -25.36 17.04 18.29
N ARG B 210 -24.35 17.03 17.42
CA ARG B 210 -24.44 17.50 16.01
C ARG B 210 -23.62 16.62 15.07
N GLU B 211 -24.03 16.58 13.79
CA GLU B 211 -23.28 16.03 12.65
C GLU B 211 -22.62 17.19 11.89
N SER B 212 -21.30 17.25 11.89
CA SER B 212 -20.47 18.23 11.14
C SER B 212 -20.43 17.85 9.66
N ALA B 213 -19.82 18.68 8.82
CA ALA B 213 -19.58 18.40 7.38
C ALA B 213 -18.76 17.11 7.22
N SER B 214 -17.68 16.94 7.99
CA SER B 214 -16.79 15.73 7.93
C SER B 214 -17.56 14.47 8.32
N ARG B 215 -18.40 14.52 9.35
CA ARG B 215 -19.17 13.34 9.82
C ARG B 215 -20.09 12.86 8.69
N VAL B 216 -20.72 13.78 7.94
CA VAL B 216 -21.63 13.44 6.81
C VAL B 216 -20.79 12.97 5.61
N ALA B 217 -19.80 13.76 5.22
CA ALA B 217 -18.97 13.55 4.00
C ALA B 217 -18.26 12.18 4.07
N PHE B 218 -17.71 11.78 5.22
CA PHE B 218 -16.84 10.58 5.32
C PHE B 218 -17.51 9.47 6.13
N ALA B 219 -18.85 9.38 6.06
CA ALA B 219 -19.69 8.39 6.79
C ALA B 219 -19.52 6.98 6.21
N GLU B 220 -19.07 6.82 4.97
CA GLU B 220 -18.89 5.50 4.29
C GLU B 220 -17.52 5.44 3.60
N GLY B 221 -16.78 4.34 3.79
CA GLY B 221 -15.64 3.94 2.93
C GLY B 221 -14.30 4.53 3.35
N TYR B 222 -14.20 5.03 4.59
CA TYR B 222 -12.97 5.68 5.13
C TYR B 222 -12.63 5.04 6.48
N PHE B 223 -12.76 3.71 6.55
CA PHE B 223 -12.43 2.84 7.72
C PHE B 223 -13.44 3.09 8.85
N LEU B 224 -13.40 4.26 9.49
CA LEU B 224 -14.43 4.65 10.49
C LEU B 224 -15.67 5.16 9.74
N SER B 225 -16.74 4.36 9.79
CA SER B 225 -18.04 4.61 9.13
C SER B 225 -19.11 4.96 10.18
N LYS B 226 -20.28 5.41 9.72
CA LYS B 226 -21.48 5.70 10.57
C LYS B 226 -21.94 4.38 11.22
N ALA B 227 -21.95 3.30 10.45
CA ALA B 227 -22.32 1.94 10.91
C ALA B 227 -21.53 1.58 12.18
N HIS B 228 -20.21 1.75 12.15
CA HIS B 228 -19.27 1.53 13.28
C HIS B 228 -19.70 2.41 14.46
N MET B 229 -19.94 3.69 14.20
CA MET B 229 -20.21 4.71 15.24
C MET B 229 -21.57 4.43 15.90
N ASP B 230 -22.55 3.91 15.17
CA ASP B 230 -23.88 3.55 15.71
C ASP B 230 -23.71 2.31 16.61
N TRP B 231 -22.91 1.35 16.15
CA TRP B 231 -22.61 0.09 16.87
C TRP B 231 -21.96 0.39 18.22
N PHE B 232 -20.97 1.30 18.27
CA PHE B 232 -20.35 1.78 19.54
C PHE B 232 -21.40 2.48 20.39
N TRP B 233 -22.21 3.34 19.77
CA TRP B 233 -23.25 4.17 20.44
C TRP B 233 -24.31 3.26 21.10
N GLU B 234 -24.84 2.28 20.37
CA GLU B 234 -25.76 1.22 20.88
C GLU B 234 -25.27 0.75 22.26
N ALA B 235 -23.97 0.47 22.39
CA ALA B 235 -23.33 -0.15 23.57
C ALA B 235 -22.98 0.88 24.65
N TYR B 236 -22.50 2.06 24.25
CA TYR B 236 -21.92 3.06 25.17
C TYR B 236 -23.04 3.82 25.90
N VAL B 237 -24.13 4.16 25.20
CA VAL B 237 -25.08 5.18 25.74
C VAL B 237 -26.40 4.53 26.17
N PRO B 238 -26.80 4.70 27.46
CA PRO B 238 -28.15 4.38 27.92
C PRO B 238 -29.22 5.25 27.24
N GLU B 239 -30.37 4.66 26.91
CA GLU B 239 -31.28 5.13 25.83
C GLU B 239 -31.52 6.64 25.89
N ASP B 240 -32.03 7.19 26.99
CA ASP B 240 -32.40 8.63 27.10
C ASP B 240 -31.34 9.37 27.92
N THR B 241 -30.27 9.82 27.25
CA THR B 241 -29.24 10.73 27.82
C THR B 241 -29.20 12.01 26.99
N ASP B 242 -29.09 13.16 27.68
CA ASP B 242 -28.87 14.49 27.05
C ASP B 242 -27.56 14.43 26.26
N LEU B 243 -27.63 14.43 24.93
CA LEU B 243 -26.46 14.38 24.01
C LEU B 243 -25.53 15.58 24.28
N THR B 244 -26.02 16.64 24.92
CA THR B 244 -25.28 17.91 25.19
C THR B 244 -24.65 17.88 26.59
N ASP B 245 -24.69 16.74 27.29
CA ASP B 245 -23.88 16.45 28.50
C ASP B 245 -22.39 16.60 28.17
N LEU B 246 -21.66 17.42 28.94
CA LEU B 246 -20.25 17.80 28.65
C LEU B 246 -19.31 16.58 28.70
N ARG B 247 -19.73 15.47 29.31
CA ARG B 247 -18.96 14.20 29.34
C ARG B 247 -19.15 13.43 28.02
N LEU B 248 -20.21 13.71 27.27
CA LEU B 248 -20.42 13.19 25.90
C LEU B 248 -19.97 14.22 24.85
N SER B 249 -20.10 15.51 25.14
CA SER B 249 -19.88 16.64 24.20
C SER B 249 -19.10 17.75 24.87
N PRO B 250 -17.81 17.50 25.18
CA PRO B 250 -16.95 18.53 25.79
C PRO B 250 -16.69 19.77 24.92
N LEU B 251 -16.91 19.70 23.60
CA LEU B 251 -16.87 20.89 22.70
C LEU B 251 -17.91 21.95 23.15
N LEU B 252 -19.06 21.55 23.67
CA LEU B 252 -20.17 22.50 24.03
C LEU B 252 -19.91 23.16 25.39
N ALA B 253 -18.75 22.93 26.01
CA ALA B 253 -18.34 23.63 27.25
C ALA B 253 -18.54 25.13 27.06
N THR B 254 -18.92 25.85 28.11
CA THR B 254 -19.25 27.30 28.09
C THR B 254 -17.96 28.12 28.19
N ASP B 255 -16.96 27.61 28.91
CA ASP B 255 -15.73 28.35 29.31
C ASP B 255 -14.53 27.41 29.08
N PHE B 256 -13.54 27.86 28.29
CA PHE B 256 -12.30 27.09 27.97
C PHE B 256 -11.08 27.64 28.70
N THR B 257 -11.21 28.70 29.49
CA THR B 257 -10.10 29.28 30.28
C THR B 257 -9.74 28.27 31.38
N GLY B 258 -8.47 28.19 31.77
CA GLY B 258 -7.99 27.30 32.83
C GLY B 258 -7.88 25.85 32.38
N LEU B 259 -7.91 25.60 31.07
CA LEU B 259 -7.59 24.25 30.52
C LEU B 259 -6.09 24.19 30.19
N PRO B 260 -5.44 23.02 30.31
CA PRO B 260 -4.00 22.92 30.12
C PRO B 260 -3.62 23.12 28.66
N PRO B 261 -2.37 23.55 28.40
CA PRO B 261 -1.86 23.61 27.04
C PRO B 261 -2.16 22.31 26.29
N ALA B 262 -2.43 22.40 25.00
CA ALA B 262 -2.99 21.28 24.21
C ALA B 262 -2.19 21.12 22.91
N PHE B 263 -1.96 19.86 22.53
CA PHE B 263 -1.68 19.43 21.15
C PHE B 263 -2.93 18.75 20.58
N VAL B 264 -3.36 19.14 19.38
CA VAL B 264 -4.51 18.50 18.69
C VAL B 264 -4.08 18.07 17.28
N LEU B 265 -4.38 16.81 16.94
CA LEU B 265 -4.13 16.20 15.62
C LEU B 265 -5.44 15.78 14.95
N THR B 266 -5.56 15.98 13.64
CA THR B 266 -6.71 15.48 12.86
C THR B 266 -6.19 14.83 11.59
N ALA B 267 -6.96 13.90 11.04
CA ALA B 267 -6.79 13.30 9.70
C ALA B 267 -7.81 13.95 8.74
N GLY B 268 -7.44 14.03 7.47
CA GLY B 268 -8.25 14.65 6.39
C GLY B 268 -9.54 13.93 6.13
N TYR B 269 -9.53 12.60 6.13
CA TYR B 269 -10.69 11.74 5.75
C TYR B 269 -11.28 11.07 6.99
N ASP B 270 -11.48 11.86 8.03
CA ASP B 270 -11.91 11.37 9.36
C ASP B 270 -13.23 12.06 9.66
N PRO B 271 -14.33 11.29 9.84
CA PRO B 271 -15.59 11.89 10.26
C PRO B 271 -15.38 12.95 11.34
N LEU B 272 -14.41 12.72 12.24
CA LEU B 272 -14.19 13.55 13.46
C LEU B 272 -13.32 14.79 13.20
N ARG B 273 -12.83 14.98 11.98
CA ARG B 273 -11.89 16.10 11.69
C ARG B 273 -12.46 17.42 12.23
N ASP B 274 -13.67 17.81 11.80
CA ASP B 274 -14.24 19.16 12.02
C ASP B 274 -14.44 19.44 13.52
N GLU B 275 -14.91 18.47 14.30
CA GLU B 275 -15.08 18.63 15.78
C GLU B 275 -13.69 18.68 16.44
N GLY B 276 -12.73 17.90 15.93
CA GLY B 276 -11.32 18.01 16.38
C GLY B 276 -10.79 19.43 16.24
N ARG B 277 -11.00 20.03 15.07
CA ARG B 277 -10.48 21.37 14.73
C ARG B 277 -11.25 22.45 15.51
N ALA B 278 -12.58 22.31 15.63
CA ALA B 278 -13.43 23.21 16.43
C ALA B 278 -12.88 23.31 17.87
N TYR B 279 -12.62 22.18 18.54
CA TYR B 279 -12.06 22.12 19.90
C TYR B 279 -10.76 22.95 19.96
N ALA B 280 -9.83 22.68 19.03
CA ALA B 280 -8.58 23.45 18.87
C ALA B 280 -8.87 24.95 18.80
N ASP B 281 -9.82 25.37 17.95
CA ASP B 281 -10.21 26.80 17.76
C ASP B 281 -10.70 27.38 19.11
N ARG B 282 -11.54 26.63 19.82
CA ARG B 282 -12.10 27.08 21.12
C ARG B 282 -10.96 27.37 22.12
N LEU B 283 -9.93 26.48 22.15
CA LEU B 283 -8.79 26.60 23.09
C LEU B 283 -7.93 27.81 22.69
N ILE B 284 -7.66 28.00 21.40
CA ILE B 284 -6.77 29.08 20.88
C ILE B 284 -7.36 30.44 21.24
N GLU B 285 -8.68 30.62 21.04
CA GLU B 285 -9.39 31.90 21.24
C GLU B 285 -9.50 32.20 22.74
N ALA B 286 -9.46 31.20 23.61
CA ALA B 286 -9.49 31.34 25.08
C ALA B 286 -8.11 31.61 25.67
N GLY B 287 -7.05 31.68 24.85
CA GLY B 287 -5.69 32.07 25.28
C GLY B 287 -4.92 30.91 25.90
N ILE B 288 -5.26 29.66 25.54
CA ILE B 288 -4.50 28.44 25.91
C ILE B 288 -3.42 28.23 24.85
N LYS B 289 -2.16 28.08 25.26
CA LYS B 289 -1.04 27.63 24.38
C LYS B 289 -1.49 26.32 23.73
N THR B 290 -1.38 26.22 22.41
CA THR B 290 -2.09 25.19 21.62
C THR B 290 -1.33 24.96 20.32
N THR B 291 -0.92 23.72 20.05
CA THR B 291 -0.47 23.30 18.70
C THR B 291 -1.62 22.55 18.01
N TYR B 292 -1.91 22.87 16.76
CA TYR B 292 -2.93 22.19 15.93
C TYR B 292 -2.23 21.71 14.65
N VAL B 293 -2.42 20.42 14.30
CA VAL B 293 -1.84 19.84 13.06
C VAL B 293 -2.91 19.04 12.32
N ASN B 294 -2.98 19.20 11.00
CA ASN B 294 -3.89 18.39 10.16
C ASN B 294 -3.00 17.54 9.25
N TYR B 295 -3.24 16.23 9.27
CA TYR B 295 -2.60 15.26 8.34
C TYR B 295 -3.63 14.98 7.25
N PRO B 296 -3.61 15.73 6.13
CA PRO B 296 -4.56 15.52 5.06
C PRO B 296 -4.15 14.23 4.32
N GLY B 297 -5.07 13.63 3.58
CA GLY B 297 -4.75 12.48 2.73
C GLY B 297 -4.58 11.18 3.51
N THR B 298 -4.97 11.14 4.78
CA THR B 298 -4.96 9.92 5.62
C THR B 298 -6.22 9.87 6.50
N ILE B 299 -6.44 8.75 7.16
CA ILE B 299 -7.75 8.35 7.74
C ILE B 299 -7.65 8.29 9.27
N HIS B 300 -8.79 8.31 9.94
CA HIS B 300 -8.96 7.90 11.35
C HIS B 300 -8.24 6.57 11.58
N GLY B 301 -7.49 6.44 12.68
CA GLY B 301 -6.79 5.20 13.04
C GLY B 301 -5.33 5.18 12.65
N PHE B 302 -4.88 6.07 11.77
CA PHE B 302 -3.52 6.06 11.16
C PHE B 302 -2.42 6.16 12.21
N PHE B 303 -2.72 6.76 13.36
CA PHE B 303 -1.77 6.98 14.47
C PHE B 303 -1.31 5.64 15.06
N SER B 304 -2.10 4.58 14.88
CA SER B 304 -1.82 3.23 15.41
C SER B 304 -1.93 2.16 14.32
N LEU B 305 -2.17 2.53 13.05
CA LEU B 305 -2.15 1.60 11.89
C LEU B 305 -0.79 1.70 11.19
N THR B 306 0.29 1.63 11.97
CA THR B 306 1.64 2.06 11.54
C THR B 306 2.38 0.93 10.81
N ARG B 307 1.80 -0.28 10.75
CA ARG B 307 2.37 -1.37 9.91
C ARG B 307 2.16 -1.06 8.41
N PHE B 308 1.06 -0.37 8.07
CA PHE B 308 0.62 -0.05 6.69
C PHE B 308 0.83 1.43 6.34
N LEU B 309 0.78 2.33 7.33
CA LEU B 309 0.70 3.81 7.12
C LEU B 309 1.88 4.53 7.78
N SER B 310 2.92 4.82 6.99
CA SER B 310 4.14 5.57 7.37
C SER B 310 3.80 6.93 8.01
N GLN B 311 2.75 7.61 7.53
CA GLN B 311 2.30 8.92 8.07
C GLN B 311 2.02 8.78 9.57
N GLY B 312 1.53 7.63 10.03
CA GLY B 312 1.30 7.35 11.46
C GLY B 312 2.57 7.48 12.29
N LEU B 313 3.70 7.04 11.77
CA LEU B 313 5.01 7.07 12.49
C LEU B 313 5.48 8.52 12.62
N LYS B 314 5.37 9.28 11.52
CA LYS B 314 5.69 10.73 11.47
C LYS B 314 4.79 11.50 12.45
N ALA B 315 3.53 11.09 12.58
CA ALA B 315 2.51 11.67 13.49
C ALA B 315 2.88 11.41 14.96
N ASN B 316 3.23 10.16 15.32
CA ASN B 316 3.72 9.79 16.67
C ASN B 316 4.89 10.71 17.01
N ASP B 317 5.83 10.88 16.08
CA ASP B 317 7.05 11.69 16.30
C ASP B 317 6.70 13.16 16.49
N GLU B 318 5.77 13.71 15.72
CA GLU B 318 5.35 15.13 15.90
C GLU B 318 4.70 15.30 17.29
N ALA B 319 3.78 14.41 17.67
CA ALA B 319 3.11 14.41 19.00
C ALA B 319 4.16 14.30 20.12
N ALA B 320 5.05 13.32 20.05
CA ALA B 320 6.16 13.09 21.02
C ALA B 320 7.05 14.34 21.13
N ALA B 321 7.49 14.87 20.00
CA ALA B 321 8.41 16.03 19.89
C ALA B 321 7.81 17.28 20.54
N VAL B 322 6.55 17.62 20.23
CA VAL B 322 5.82 18.79 20.81
C VAL B 322 5.78 18.64 22.34
N MET B 323 5.52 17.45 22.86
CA MET B 323 5.35 17.23 24.33
C MET B 323 6.71 17.32 25.03
N GLY B 324 7.76 16.81 24.39
CA GLY B 324 9.15 16.93 24.88
C GLY B 324 9.60 18.39 24.94
N ALA B 325 9.25 19.18 23.92
CA ALA B 325 9.53 20.63 23.86
C ALA B 325 8.83 21.36 25.02
N HIS B 326 7.58 21.00 25.36
CA HIS B 326 6.80 21.67 26.43
C HIS B 326 7.41 21.39 27.82
N PHE B 327 7.81 20.14 28.06
CA PHE B 327 8.33 19.63 29.37
C PHE B 327 9.85 19.76 29.45
N GLY B 328 10.49 20.21 28.36
CA GLY B 328 11.94 20.50 28.32
C GLY B 328 12.77 19.25 28.49
N THR B 329 12.31 18.12 27.94
CA THR B 329 12.96 16.77 28.10
C THR B 329 14.16 16.69 27.17
N MET C 15 3.73 -39.74 -27.31
CA MET C 15 3.21 -38.77 -28.32
C MET C 15 1.68 -38.59 -28.14
N LEU C 16 0.85 -39.24 -28.96
CA LEU C 16 -0.64 -39.21 -28.89
C LEU C 16 -1.13 -40.01 -27.70
N LEU C 17 -2.08 -39.48 -26.93
CA LEU C 17 -2.78 -40.22 -25.86
C LEU C 17 -3.58 -41.38 -26.48
N PRO C 18 -3.67 -42.55 -25.82
CA PRO C 18 -4.56 -43.62 -26.30
C PRO C 18 -5.98 -43.16 -26.70
N GLU C 19 -6.59 -42.24 -25.94
CA GLU C 19 -8.00 -41.80 -26.19
C GLU C 19 -8.06 -41.00 -27.51
N THR C 20 -7.03 -40.21 -27.80
CA THR C 20 -6.88 -39.44 -29.07
C THR C 20 -6.70 -40.40 -30.25
N ARG C 21 -5.83 -41.41 -30.10
CA ARG C 21 -5.53 -42.41 -31.16
C ARG C 21 -6.82 -43.16 -31.50
N ASN C 22 -7.55 -43.59 -30.46
CA ASN C 22 -8.81 -44.35 -30.61
C ASN C 22 -9.82 -43.53 -31.45
N LEU C 23 -9.96 -42.23 -31.16
CA LEU C 23 -10.96 -41.36 -31.85
C LEU C 23 -10.54 -41.16 -33.31
N LEU C 24 -9.25 -40.89 -33.57
CA LEU C 24 -8.77 -40.68 -34.96
C LEU C 24 -9.01 -41.97 -35.76
N ASP C 25 -8.85 -43.14 -35.13
CA ASP C 25 -9.08 -44.48 -35.75
C ASP C 25 -10.56 -44.66 -36.09
N LEU C 26 -11.48 -44.31 -35.18
CA LEU C 26 -12.95 -44.38 -35.44
C LEU C 26 -13.30 -43.48 -36.62
N MET C 27 -12.72 -42.28 -36.69
CA MET C 27 -12.97 -41.31 -37.78
C MET C 27 -12.46 -41.86 -39.11
N ASP C 28 -11.27 -42.47 -39.11
CA ASP C 28 -10.64 -43.06 -40.32
C ASP C 28 -11.49 -44.26 -40.78
N ALA C 29 -11.98 -45.07 -39.85
CA ALA C 29 -12.88 -46.22 -40.11
C ALA C 29 -14.15 -45.74 -40.82
N ALA C 30 -14.69 -44.60 -40.41
CA ALA C 30 -15.92 -44.00 -41.00
C ALA C 30 -15.62 -43.43 -42.40
N THR C 31 -14.38 -42.97 -42.65
CA THR C 31 -13.93 -42.42 -43.95
C THR C 31 -13.82 -43.56 -44.98
N ARG C 32 -13.07 -44.61 -44.63
CA ARG C 32 -12.98 -45.88 -45.43
C ARG C 32 -14.37 -46.52 -45.54
N GLY C 33 -15.22 -46.35 -44.52
CA GLY C 33 -16.60 -46.87 -44.47
C GLY C 33 -17.49 -46.26 -45.54
N GLY C 34 -17.19 -45.03 -45.99
CA GLY C 34 -17.92 -44.33 -47.07
C GLY C 34 -18.58 -43.04 -46.61
N ARG C 35 -18.18 -42.51 -45.44
CA ARG C 35 -18.56 -41.14 -44.97
C ARG C 35 -17.89 -40.13 -45.90
N PRO C 36 -18.65 -39.21 -46.53
CA PRO C 36 -18.05 -38.16 -47.37
C PRO C 36 -17.15 -37.22 -46.57
N GLY C 37 -16.14 -36.65 -47.23
CA GLY C 37 -15.32 -35.54 -46.70
C GLY C 37 -16.13 -34.25 -46.65
N LEU C 38 -16.03 -33.52 -45.54
CA LEU C 38 -16.68 -32.19 -45.33
C LEU C 38 -16.30 -31.23 -46.48
N ASP C 39 -15.07 -31.33 -46.98
CA ASP C 39 -14.52 -30.45 -48.04
C ASP C 39 -15.11 -30.78 -49.42
N THR C 40 -15.85 -31.89 -49.55
CA THR C 40 -16.48 -32.35 -50.81
C THR C 40 -17.93 -31.86 -50.92
N LEU C 41 -18.56 -31.53 -49.79
CA LEU C 41 -19.99 -31.11 -49.72
C LEU C 41 -20.10 -29.60 -49.92
N PRO C 42 -21.24 -29.07 -50.43
CA PRO C 42 -21.50 -27.62 -50.35
C PRO C 42 -21.63 -27.15 -48.89
N HIS C 43 -21.40 -25.86 -48.64
CA HIS C 43 -21.23 -25.29 -47.28
C HIS C 43 -22.49 -25.53 -46.43
N ALA C 44 -23.68 -25.21 -46.96
CA ALA C 44 -24.98 -25.33 -46.26
C ALA C 44 -25.28 -26.80 -45.89
N VAL C 45 -25.00 -27.73 -46.80
CA VAL C 45 -25.30 -29.18 -46.62
C VAL C 45 -24.32 -29.76 -45.58
N GLY C 46 -23.03 -29.45 -45.72
CA GLY C 46 -21.97 -29.90 -44.79
C GLY C 46 -22.21 -29.39 -43.37
N ARG C 47 -22.70 -28.16 -43.24
CA ARG C 47 -23.03 -27.50 -41.95
C ARG C 47 -24.05 -28.35 -41.17
N LYS C 48 -25.22 -28.58 -41.76
CA LYS C 48 -26.34 -29.37 -41.14
C LYS C 48 -25.77 -30.72 -40.66
N ALA C 49 -24.94 -31.36 -41.49
CA ALA C 49 -24.38 -32.71 -41.24
C ALA C 49 -23.40 -32.69 -40.05
N VAL C 50 -22.49 -31.71 -40.04
CA VAL C 50 -21.42 -31.61 -38.99
C VAL C 50 -22.01 -31.06 -37.70
N ASP C 51 -23.02 -30.19 -37.77
CA ASP C 51 -23.72 -29.62 -36.58
C ASP C 51 -24.31 -30.75 -35.72
N LYS C 52 -24.85 -31.81 -36.34
CA LYS C 52 -25.45 -32.95 -35.57
C LYS C 52 -24.33 -33.80 -34.96
N MET C 53 -23.20 -33.91 -35.65
CA MET C 53 -22.02 -34.71 -35.20
C MET C 53 -21.34 -34.01 -34.02
N SER C 54 -21.21 -32.68 -34.10
CA SER C 54 -20.70 -31.83 -32.98
C SER C 54 -21.56 -31.99 -31.73
N GLU C 55 -22.86 -31.69 -31.81
CA GLU C 55 -23.84 -31.92 -30.72
C GLU C 55 -23.55 -33.26 -30.04
N ASP C 56 -23.36 -34.33 -30.84
CA ASP C 56 -23.27 -35.72 -30.33
C ASP C 56 -21.87 -36.05 -29.79
N GLY C 57 -20.87 -35.17 -30.01
CA GLY C 57 -19.48 -35.35 -29.55
C GLY C 57 -19.22 -34.73 -28.18
N GLU C 58 -20.08 -33.80 -27.73
CA GLU C 58 -20.04 -33.14 -26.40
C GLU C 58 -20.54 -34.13 -25.33
N ALA C 59 -19.97 -34.11 -24.12
CA ALA C 59 -20.39 -34.92 -22.94
C ALA C 59 -21.81 -34.52 -22.56
N ASP C 60 -22.54 -35.36 -21.80
CA ASP C 60 -23.95 -35.11 -21.40
C ASP C 60 -24.03 -33.77 -20.69
N PRO C 61 -25.02 -32.91 -21.02
CA PRO C 61 -25.04 -31.55 -20.52
C PRO C 61 -25.41 -31.57 -19.04
N PRO C 62 -24.59 -30.96 -18.15
CA PRO C 62 -24.95 -30.84 -16.73
C PRO C 62 -26.12 -29.89 -16.49
N GLU C 63 -26.77 -30.01 -15.33
CA GLU C 63 -27.80 -29.04 -14.86
C GLU C 63 -27.10 -27.73 -14.48
N VAL C 64 -27.70 -26.59 -14.84
CA VAL C 64 -27.34 -25.25 -14.34
C VAL C 64 -28.56 -24.67 -13.61
N ALA C 65 -28.38 -23.54 -12.93
CA ALA C 65 -29.45 -22.88 -12.15
C ALA C 65 -30.57 -22.46 -13.09
N GLU C 66 -30.21 -21.92 -14.24
CA GLU C 66 -31.16 -21.23 -15.15
C GLU C 66 -30.52 -21.04 -16.53
N VAL C 67 -31.27 -21.36 -17.60
CA VAL C 67 -30.93 -21.05 -19.01
C VAL C 67 -31.94 -20.03 -19.52
N ALA C 68 -31.48 -18.90 -20.05
CA ALA C 68 -32.31 -17.90 -20.76
C ALA C 68 -32.00 -17.89 -22.26
N ASN C 69 -33.02 -17.87 -23.11
CA ASN C 69 -32.90 -17.79 -24.59
C ASN C 69 -33.57 -16.50 -25.06
N GLY C 70 -32.86 -15.68 -25.84
CA GLY C 70 -33.34 -14.37 -26.31
C GLY C 70 -32.58 -13.84 -27.49
N GLY C 71 -32.89 -12.63 -27.94
CA GLY C 71 -32.20 -11.96 -29.08
C GLY C 71 -32.06 -10.46 -28.84
N PHE C 72 -31.25 -9.79 -29.64
CA PHE C 72 -31.15 -8.30 -29.65
C PHE C 72 -30.74 -7.83 -31.04
N ALA C 73 -30.96 -6.55 -31.29
CA ALA C 73 -30.72 -5.88 -32.59
C ALA C 73 -29.20 -5.83 -32.84
N GLY C 74 -28.74 -6.61 -33.84
CA GLY C 74 -27.35 -6.61 -34.31
C GLY C 74 -27.08 -5.43 -35.24
N PRO C 75 -25.87 -5.36 -35.86
CA PRO C 75 -25.55 -4.29 -36.81
C PRO C 75 -26.40 -4.36 -38.08
N ALA C 76 -26.78 -5.56 -38.52
CA ALA C 76 -27.52 -5.80 -39.79
C ALA C 76 -28.28 -7.13 -39.74
N SER C 77 -28.81 -7.51 -38.56
CA SER C 77 -29.66 -8.71 -38.34
C SER C 77 -29.87 -8.94 -36.83
N GLU C 78 -30.69 -9.93 -36.45
CA GLU C 78 -30.93 -10.29 -35.03
C GLU C 78 -29.84 -11.26 -34.58
N ILE C 79 -29.21 -10.96 -33.45
CA ILE C 79 -28.18 -11.84 -32.81
C ILE C 79 -28.83 -12.57 -31.65
N ARG C 80 -28.88 -13.91 -31.71
CA ARG C 80 -29.45 -14.77 -30.64
C ARG C 80 -28.37 -15.11 -29.61
N PHE C 81 -28.78 -15.29 -28.37
CA PHE C 81 -27.86 -15.58 -27.24
C PHE C 81 -28.55 -16.55 -26.29
N ARG C 82 -27.72 -17.21 -25.48
CA ARG C 82 -28.20 -18.12 -24.41
C ARG C 82 -27.38 -17.78 -23.18
N ARG C 83 -28.05 -17.47 -22.06
CA ARG C 83 -27.39 -17.17 -20.77
C ARG C 83 -27.47 -18.42 -19.92
N TYR C 84 -26.38 -18.73 -19.23
CA TYR C 84 -26.27 -19.87 -18.31
C TYR C 84 -25.87 -19.30 -16.96
N ARG C 85 -26.76 -19.47 -15.97
CA ARG C 85 -26.53 -19.07 -14.57
C ARG C 85 -26.05 -20.33 -13.86
N PRO C 86 -24.88 -20.31 -13.17
CA PRO C 86 -24.32 -21.52 -12.54
C PRO C 86 -25.01 -21.95 -11.25
N LEU C 87 -24.97 -23.25 -10.95
CA LEU C 87 -25.47 -23.81 -9.66
C LEU C 87 -24.82 -23.07 -8.47
N GLY C 88 -25.64 -22.64 -7.50
CA GLY C 88 -25.18 -22.17 -6.18
C GLY C 88 -24.92 -20.68 -6.11
N GLU C 89 -25.15 -19.92 -7.18
CA GLU C 89 -24.83 -18.47 -7.25
C GLU C 89 -26.12 -17.65 -7.24
N ALA C 90 -26.44 -17.08 -6.07
CA ALA C 90 -27.71 -16.38 -5.79
C ALA C 90 -27.65 -14.88 -6.16
N ALA C 91 -26.44 -14.32 -6.35
CA ALA C 91 -26.25 -12.87 -6.55
C ALA C 91 -26.94 -12.42 -7.85
N GLY C 92 -27.52 -11.23 -7.84
CA GLY C 92 -28.17 -10.62 -9.02
C GLY C 92 -27.21 -10.55 -10.19
N LEU C 93 -26.22 -9.65 -10.12
CA LEU C 93 -25.21 -9.38 -11.17
C LEU C 93 -24.00 -10.30 -10.95
N LEU C 94 -23.78 -11.24 -11.86
CA LEU C 94 -22.64 -12.19 -11.79
C LEU C 94 -21.51 -11.73 -12.73
N PRO C 95 -20.25 -12.12 -12.43
CA PRO C 95 -19.20 -12.08 -13.44
C PRO C 95 -19.66 -12.94 -14.62
N THR C 96 -19.32 -12.53 -15.83
CA THR C 96 -19.94 -13.02 -17.08
C THR C 96 -18.82 -13.27 -18.10
N LEU C 97 -18.86 -14.42 -18.75
CA LEU C 97 -18.03 -14.73 -19.94
C LEU C 97 -18.93 -14.70 -21.17
N ILE C 98 -18.63 -13.84 -22.13
CA ILE C 98 -19.31 -13.84 -23.46
C ILE C 98 -18.54 -14.81 -24.33
N TYR C 99 -19.17 -15.91 -24.77
CA TYR C 99 -18.49 -17.09 -25.39
C TYR C 99 -18.86 -17.16 -26.86
N TYR C 100 -17.86 -17.19 -27.73
CA TYR C 100 -18.01 -17.28 -29.20
C TYR C 100 -17.60 -18.69 -29.66
N HIS C 101 -18.57 -19.49 -30.09
CA HIS C 101 -18.36 -20.89 -30.54
C HIS C 101 -17.36 -20.87 -31.72
N GLY C 102 -16.80 -22.04 -32.05
CA GLY C 102 -15.90 -22.22 -33.21
C GLY C 102 -16.60 -22.92 -34.37
N GLY C 103 -15.88 -23.12 -35.49
CA GLY C 103 -16.36 -23.73 -36.74
C GLY C 103 -15.89 -22.99 -37.98
N GLY C 104 -14.76 -22.27 -37.90
CA GLY C 104 -14.17 -21.54 -39.04
C GLY C 104 -15.10 -20.47 -39.60
N PHE C 105 -15.93 -19.85 -38.76
CA PHE C 105 -16.91 -18.79 -39.13
C PHE C 105 -17.92 -19.34 -40.14
N VAL C 106 -18.09 -20.66 -40.23
CA VAL C 106 -18.99 -21.32 -41.22
C VAL C 106 -19.97 -22.26 -40.53
N ILE C 107 -19.49 -23.15 -39.67
CA ILE C 107 -20.33 -24.16 -38.95
C ILE C 107 -20.38 -23.79 -37.46
N GLY C 108 -21.03 -24.64 -36.65
CA GLY C 108 -21.22 -24.40 -35.22
C GLY C 108 -22.36 -23.43 -34.95
N ASN C 109 -22.85 -23.43 -33.71
CA ASN C 109 -23.97 -22.58 -33.23
C ASN C 109 -24.09 -22.78 -31.71
N ILE C 110 -25.08 -22.16 -31.08
CA ILE C 110 -25.34 -22.24 -29.61
C ILE C 110 -25.50 -23.72 -29.19
N GLU C 111 -26.23 -24.52 -29.97
CA GLU C 111 -26.57 -25.92 -29.61
C GLU C 111 -25.31 -26.79 -29.62
N THR C 112 -24.31 -26.51 -30.46
CA THR C 112 -23.11 -27.39 -30.59
C THR C 112 -22.20 -27.26 -29.36
N HIS C 113 -22.22 -26.12 -28.66
CA HIS C 113 -21.27 -25.81 -27.55
C HIS C 113 -22.02 -25.71 -26.22
N ASP C 114 -23.25 -26.25 -26.18
CA ASP C 114 -24.15 -26.17 -25.00
C ASP C 114 -23.53 -26.86 -23.77
N SER C 115 -23.13 -28.14 -23.88
CA SER C 115 -22.55 -28.94 -22.75
C SER C 115 -21.32 -28.23 -22.18
N THR C 116 -20.46 -27.72 -23.05
CA THR C 116 -19.19 -27.08 -22.68
C THR C 116 -19.54 -25.86 -21.85
N CYS C 117 -20.45 -25.02 -22.36
CA CYS C 117 -20.88 -23.74 -21.74
C CYS C 117 -21.49 -23.99 -20.35
N ARG C 118 -22.40 -24.97 -20.24
CA ARG C 118 -23.00 -25.35 -18.94
C ARG C 118 -21.87 -25.66 -17.95
N ARG C 119 -20.92 -26.50 -18.36
CA ARG C 119 -19.80 -26.92 -17.50
C ARG C 119 -18.92 -25.72 -17.13
N LEU C 120 -18.56 -24.86 -18.09
CA LEU C 120 -17.70 -23.69 -17.79
C LEU C 120 -18.38 -22.88 -16.68
N ALA C 121 -19.69 -22.62 -16.84
CA ALA C 121 -20.53 -21.80 -15.92
C ALA C 121 -20.43 -22.36 -14.50
N ASN C 122 -20.66 -23.66 -14.33
CA ASN C 122 -20.68 -24.35 -13.01
C ASN C 122 -19.28 -24.32 -12.37
N LYS C 123 -18.22 -24.65 -13.11
CA LYS C 123 -16.86 -24.78 -12.52
C LYS C 123 -16.29 -23.40 -12.20
N SER C 124 -16.57 -22.38 -13.02
CA SER C 124 -16.03 -21.00 -12.89
C SER C 124 -16.84 -20.22 -11.85
N ARG C 125 -18.09 -20.63 -11.56
CA ARG C 125 -18.99 -19.85 -10.68
C ARG C 125 -19.40 -18.55 -11.40
N CYS C 126 -19.22 -18.47 -12.72
CA CYS C 126 -19.55 -17.29 -13.57
C CYS C 126 -20.78 -17.59 -14.43
N GLN C 127 -21.43 -16.52 -14.87
CA GLN C 127 -22.47 -16.61 -15.92
C GLN C 127 -21.76 -16.73 -17.26
N VAL C 128 -22.27 -17.55 -18.17
CA VAL C 128 -21.80 -17.68 -19.57
C VAL C 128 -22.94 -17.19 -20.48
N ILE C 129 -22.62 -16.35 -21.44
CA ILE C 129 -23.54 -15.89 -22.53
C ILE C 129 -22.98 -16.34 -23.88
N SER C 130 -23.51 -17.41 -24.44
CA SER C 130 -23.17 -17.92 -25.80
C SER C 130 -23.85 -17.07 -26.89
N ILE C 131 -23.08 -16.58 -27.85
CA ILE C 131 -23.52 -15.65 -28.92
C ILE C 131 -23.67 -16.40 -30.25
N ASP C 132 -24.72 -16.05 -30.98
CA ASP C 132 -25.07 -16.70 -32.27
C ASP C 132 -24.85 -15.70 -33.40
N TYR C 133 -23.60 -15.67 -33.88
CA TYR C 133 -23.12 -14.63 -34.82
C TYR C 133 -23.44 -15.12 -36.23
N ARG C 134 -23.43 -14.20 -37.20
CA ARG C 134 -23.68 -14.53 -38.63
C ARG C 134 -22.52 -15.37 -39.17
N LEU C 135 -22.84 -16.36 -40.00
CA LEU C 135 -21.88 -17.33 -40.58
C LEU C 135 -21.74 -17.08 -42.09
N ALA C 136 -20.57 -17.44 -42.62
CA ALA C 136 -20.24 -17.52 -44.06
C ALA C 136 -20.64 -18.90 -44.58
N PRO C 137 -20.92 -19.08 -45.90
CA PRO C 137 -20.72 -18.03 -46.91
C PRO C 137 -21.82 -16.99 -47.04
N GLU C 138 -23.00 -17.21 -46.46
CA GLU C 138 -24.16 -16.27 -46.58
C GLU C 138 -23.73 -14.86 -46.17
N HIS C 139 -22.94 -14.75 -45.09
CA HIS C 139 -22.41 -13.48 -44.51
C HIS C 139 -20.89 -13.61 -44.37
N PRO C 140 -20.12 -13.32 -45.45
CA PRO C 140 -18.67 -13.46 -45.40
C PRO C 140 -17.98 -12.35 -44.58
N PHE C 141 -16.66 -12.46 -44.43
CA PHE C 141 -15.79 -11.45 -43.78
C PHE C 141 -16.11 -10.07 -44.34
N PRO C 142 -16.30 -9.01 -43.52
CA PRO C 142 -16.10 -9.06 -42.06
C PRO C 142 -17.34 -9.19 -41.16
N ALA C 143 -18.35 -9.97 -41.56
CA ALA C 143 -19.69 -10.03 -40.91
C ALA C 143 -19.65 -10.70 -39.54
N PRO C 144 -19.06 -11.91 -39.39
CA PRO C 144 -19.03 -12.60 -38.09
C PRO C 144 -18.29 -11.83 -36.97
N ILE C 145 -17.24 -11.10 -37.30
CA ILE C 145 -16.48 -10.26 -36.33
C ILE C 145 -17.30 -9.03 -35.93
N ASP C 146 -18.04 -8.45 -36.88
CA ASP C 146 -18.88 -7.24 -36.68
C ASP C 146 -19.97 -7.53 -35.63
N ASP C 147 -20.54 -8.75 -35.67
CA ASP C 147 -21.56 -9.22 -34.69
C ASP C 147 -20.91 -9.43 -33.33
N GLY C 148 -19.80 -10.15 -33.30
CA GLY C 148 -19.07 -10.43 -32.05
C GLY C 148 -18.78 -9.15 -31.29
N ILE C 149 -18.34 -8.12 -32.01
CA ILE C 149 -18.01 -6.77 -31.45
C ILE C 149 -19.33 -6.11 -31.02
N ALA C 150 -20.36 -6.19 -31.87
CA ALA C 150 -21.69 -5.60 -31.60
C ALA C 150 -22.29 -6.23 -30.34
N ALA C 151 -22.08 -7.54 -30.16
CA ALA C 151 -22.59 -8.33 -29.01
C ALA C 151 -21.92 -7.84 -27.72
N PHE C 152 -20.60 -7.67 -27.73
CA PHE C 152 -19.83 -7.26 -26.53
C PHE C 152 -20.31 -5.90 -26.07
N ARG C 153 -20.40 -4.95 -27.02
CA ARG C 153 -20.86 -3.54 -26.79
C ARG C 153 -22.30 -3.50 -26.26
N HIS C 154 -23.20 -4.25 -26.88
CA HIS C 154 -24.61 -4.36 -26.42
C HIS C 154 -24.68 -4.82 -24.95
N ILE C 155 -23.83 -5.78 -24.56
CA ILE C 155 -23.90 -6.44 -23.22
C ILE C 155 -23.15 -5.54 -22.21
N ARG C 156 -22.05 -4.93 -22.63
CA ARG C 156 -21.28 -3.98 -21.80
C ARG C 156 -22.19 -2.81 -21.41
N ASP C 157 -22.90 -2.22 -22.40
CA ASP C 157 -23.71 -0.99 -22.22
C ASP C 157 -25.10 -1.32 -21.70
N ASN C 158 -25.46 -2.60 -21.57
CA ASN C 158 -26.75 -3.05 -20.98
C ASN C 158 -26.48 -4.16 -19.98
N ALA C 159 -25.43 -4.02 -19.18
CA ALA C 159 -24.92 -5.06 -18.23
C ALA C 159 -26.06 -5.65 -17.40
N GLU C 160 -26.79 -4.80 -16.68
CA GLU C 160 -27.88 -5.21 -15.73
C GLU C 160 -28.96 -6.02 -16.47
N SER C 161 -29.35 -5.67 -17.72
CA SER C 161 -30.31 -6.46 -18.54
C SER C 161 -29.90 -7.93 -18.60
N PHE C 162 -28.59 -8.22 -18.63
CA PHE C 162 -28.02 -9.57 -18.86
C PHE C 162 -27.52 -10.20 -17.54
N GLY C 163 -27.84 -9.56 -16.42
CA GLY C 163 -27.41 -10.00 -15.07
C GLY C 163 -25.89 -10.04 -14.97
N ALA C 164 -25.20 -9.13 -15.65
CA ALA C 164 -23.71 -9.07 -15.74
C ALA C 164 -23.19 -7.94 -14.86
N ASP C 165 -22.09 -8.20 -14.14
CA ASP C 165 -21.26 -7.18 -13.43
C ASP C 165 -20.26 -6.58 -14.42
N ALA C 166 -20.51 -5.34 -14.87
CA ALA C 166 -19.74 -4.57 -15.88
C ALA C 166 -18.23 -4.56 -15.58
N ALA C 167 -17.85 -4.53 -14.31
CA ALA C 167 -16.43 -4.59 -13.87
C ALA C 167 -15.79 -5.91 -14.32
N ARG C 168 -16.54 -7.02 -14.33
CA ARG C 168 -16.00 -8.39 -14.47
C ARG C 168 -16.69 -9.08 -15.65
N LEU C 169 -16.51 -8.49 -16.83
CA LEU C 169 -17.17 -8.91 -18.10
C LEU C 169 -16.04 -9.35 -19.02
N ALA C 170 -16.00 -10.66 -19.31
CA ALA C 170 -14.93 -11.36 -20.03
C ALA C 170 -15.43 -11.80 -21.42
N VAL C 171 -14.53 -11.93 -22.39
CA VAL C 171 -14.83 -12.62 -23.69
C VAL C 171 -13.91 -13.85 -23.82
N GLY C 172 -14.33 -14.80 -24.64
CA GLY C 172 -13.57 -16.02 -24.96
C GLY C 172 -14.22 -16.77 -26.11
N GLY C 173 -13.61 -17.89 -26.51
CA GLY C 173 -14.09 -18.74 -27.61
C GLY C 173 -13.06 -19.79 -27.97
N ASP C 174 -13.39 -20.63 -28.95
CA ASP C 174 -12.55 -21.75 -29.43
C ASP C 174 -12.40 -21.68 -30.96
N SER C 175 -11.19 -21.92 -31.45
CA SER C 175 -10.73 -21.68 -32.87
C SER C 175 -11.18 -20.31 -33.39
N ALA C 176 -12.15 -20.29 -34.31
CA ALA C 176 -12.67 -19.04 -34.92
C ALA C 176 -13.24 -18.11 -33.84
N GLY C 177 -13.95 -18.67 -32.86
CA GLY C 177 -14.41 -17.95 -31.65
C GLY C 177 -13.24 -17.37 -30.84
N GLY C 178 -12.11 -18.09 -30.75
CA GLY C 178 -10.87 -17.60 -30.13
C GLY C 178 -10.32 -16.39 -30.86
N ALA C 179 -10.24 -16.48 -32.19
CA ALA C 179 -9.87 -15.37 -33.09
C ALA C 179 -10.78 -14.17 -32.79
N MET C 180 -12.09 -14.42 -32.73
CA MET C 180 -13.13 -13.37 -32.52
C MET C 180 -12.90 -12.67 -31.19
N ALA C 181 -12.73 -13.42 -30.11
CA ALA C 181 -12.45 -12.90 -28.76
C ALA C 181 -11.23 -11.98 -28.78
N ALA C 182 -10.17 -12.38 -29.48
CA ALA C 182 -8.88 -11.65 -29.54
C ALA C 182 -9.08 -10.33 -30.32
N VAL C 183 -9.85 -10.40 -31.41
CA VAL C 183 -10.18 -9.21 -32.25
C VAL C 183 -11.07 -8.25 -31.46
N VAL C 184 -12.00 -8.77 -30.65
CA VAL C 184 -12.90 -7.90 -29.84
C VAL C 184 -12.05 -7.04 -28.90
N CYS C 185 -11.04 -7.60 -28.23
CA CYS C 185 -10.16 -6.83 -27.30
C CYS C 185 -9.35 -5.80 -28.09
N GLN C 186 -8.75 -6.19 -29.21
CA GLN C 186 -7.94 -5.29 -30.08
C GLN C 186 -8.84 -4.15 -30.60
N ALA C 187 -10.04 -4.47 -31.06
CA ALA C 187 -11.04 -3.49 -31.55
C ALA C 187 -11.35 -2.46 -30.45
N CYS C 188 -11.66 -2.93 -29.23
CA CYS C 188 -12.04 -2.05 -28.10
C CYS C 188 -10.87 -1.16 -27.69
N ARG C 189 -9.64 -1.69 -27.74
CA ARG C 189 -8.39 -0.97 -27.36
C ARG C 189 -8.09 0.14 -28.39
N ASP C 190 -8.18 -0.21 -29.68
CA ASP C 190 -7.81 0.66 -30.84
C ASP C 190 -8.80 1.80 -30.98
N ALA C 191 -10.06 1.59 -30.60
CA ALA C 191 -11.16 2.59 -30.68
C ALA C 191 -11.29 3.39 -29.37
N GLY C 192 -10.46 3.09 -28.36
CA GLY C 192 -10.34 3.91 -27.14
C GLY C 192 -11.39 3.59 -26.08
N GLU C 193 -12.27 2.62 -26.30
CA GLU C 193 -13.41 2.33 -25.38
C GLU C 193 -13.01 1.24 -24.38
N THR C 194 -13.90 0.96 -23.41
CA THR C 194 -13.73 -0.03 -22.32
C THR C 194 -13.89 -1.45 -22.86
N GLY C 195 -12.80 -2.19 -22.97
CA GLY C 195 -12.77 -3.58 -23.45
C GLY C 195 -13.14 -4.57 -22.34
N PRO C 196 -13.15 -5.88 -22.67
CA PRO C 196 -13.36 -6.93 -21.69
C PRO C 196 -12.28 -6.86 -20.59
N ALA C 197 -12.54 -7.53 -19.48
CA ALA C 197 -11.68 -7.51 -18.27
C ALA C 197 -10.80 -8.77 -18.27
N PHE C 198 -11.05 -9.68 -19.23
CA PHE C 198 -10.35 -10.97 -19.37
C PHE C 198 -10.68 -11.59 -20.72
N GLN C 199 -9.69 -12.29 -21.31
CA GLN C 199 -9.83 -12.99 -22.62
C GLN C 199 -9.38 -14.46 -22.50
N MET C 200 -10.27 -15.39 -22.82
CA MET C 200 -10.04 -16.86 -22.76
C MET C 200 -9.95 -17.38 -24.20
N LEU C 201 -8.73 -17.68 -24.68
CA LEU C 201 -8.45 -18.15 -26.05
C LEU C 201 -8.14 -19.65 -26.05
N ILE C 202 -9.12 -20.45 -26.46
CA ILE C 202 -9.02 -21.94 -26.61
C ILE C 202 -8.59 -22.21 -28.05
N TYR C 203 -7.34 -22.68 -28.21
CA TYR C 203 -6.67 -23.00 -29.49
C TYR C 203 -7.18 -22.02 -30.55
N PRO C 204 -6.98 -20.69 -30.37
CA PRO C 204 -7.42 -19.68 -31.33
C PRO C 204 -6.66 -19.68 -32.66
N ALA C 205 -7.23 -19.01 -33.68
CA ALA C 205 -6.61 -18.73 -35.01
C ALA C 205 -6.18 -17.26 -35.07
N THR C 206 -4.88 -16.98 -35.01
CA THR C 206 -4.34 -15.62 -34.80
C THR C 206 -3.51 -15.13 -36.00
N ASP C 207 -3.27 -15.97 -37.02
CA ASP C 207 -2.41 -15.57 -38.15
C ASP C 207 -2.80 -16.31 -39.44
N SER C 208 -3.31 -15.55 -40.42
CA SER C 208 -3.66 -16.03 -41.78
C SER C 208 -2.53 -15.72 -42.79
N SER C 209 -1.59 -14.84 -42.43
CA SER C 209 -0.54 -14.34 -43.36
C SER C 209 0.55 -15.40 -43.60
N ARG C 210 0.70 -16.39 -42.71
CA ARG C 210 1.85 -17.34 -42.71
C ARG C 210 1.41 -18.76 -42.33
N GLU C 211 2.16 -19.76 -42.81
CA GLU C 211 2.10 -21.18 -42.36
C GLU C 211 3.26 -21.43 -41.38
N SER C 212 2.94 -21.71 -40.11
CA SER C 212 3.91 -22.09 -39.05
C SER C 212 4.37 -23.54 -39.25
N ALA C 213 5.30 -24.01 -38.40
CA ALA C 213 5.76 -25.42 -38.35
C ALA C 213 4.57 -26.35 -38.07
N SER C 214 3.73 -26.03 -37.08
CA SER C 214 2.54 -26.85 -36.70
C SER C 214 1.54 -26.93 -37.87
N ARG C 215 1.28 -25.81 -38.56
CA ARG C 215 0.31 -25.78 -39.68
C ARG C 215 0.77 -26.75 -40.78
N VAL C 216 2.07 -26.83 -41.06
CA VAL C 216 2.65 -27.75 -42.09
C VAL C 216 2.66 -29.20 -41.53
N ALA C 217 3.20 -29.39 -40.33
CA ALA C 217 3.43 -30.71 -39.72
C ALA C 217 2.10 -31.47 -39.54
N PHE C 218 1.01 -30.80 -39.12
CA PHE C 218 -0.26 -31.45 -38.74
C PHE C 218 -1.37 -31.10 -39.74
N ALA C 219 -1.02 -30.87 -41.01
CA ALA C 219 -1.95 -30.54 -42.13
C ALA C 219 -2.82 -31.75 -42.53
N GLU C 220 -2.38 -32.98 -42.22
CA GLU C 220 -3.10 -34.24 -42.56
C GLU C 220 -3.17 -35.15 -41.32
N GLY C 221 -4.36 -35.71 -41.04
CA GLY C 221 -4.53 -36.90 -40.18
C GLY C 221 -4.77 -36.55 -38.72
N TYR C 222 -5.07 -35.29 -38.39
CA TYR C 222 -5.25 -34.83 -36.98
C TYR C 222 -6.55 -34.05 -36.87
N PHE C 223 -7.62 -34.57 -37.47
CA PHE C 223 -9.02 -34.05 -37.41
C PHE C 223 -9.11 -32.73 -38.19
N LEU C 224 -8.51 -31.64 -37.69
CA LEU C 224 -8.43 -30.37 -38.45
C LEU C 224 -7.27 -30.49 -39.44
N SER C 225 -7.62 -30.58 -40.72
CA SER C 225 -6.69 -30.74 -41.87
C SER C 225 -6.66 -29.45 -42.68
N LYS C 226 -5.72 -29.34 -43.63
CA LYS C 226 -5.61 -28.20 -44.57
C LYS C 226 -6.87 -28.14 -45.44
N ALA C 227 -7.35 -29.29 -45.91
CA ALA C 227 -8.58 -29.44 -46.72
C ALA C 227 -9.75 -28.71 -46.03
N HIS C 228 -9.97 -28.99 -44.74
CA HIS C 228 -11.02 -28.35 -43.89
C HIS C 228 -10.80 -26.83 -43.88
N MET C 229 -9.56 -26.40 -43.64
CA MET C 229 -9.21 -24.97 -43.45
C MET C 229 -9.40 -24.20 -44.77
N ASP C 230 -9.14 -24.83 -45.91
CA ASP C 230 -9.35 -24.20 -47.25
C ASP C 230 -10.85 -24.06 -47.50
N TRP C 231 -11.62 -25.10 -47.14
CA TRP C 231 -13.09 -25.15 -47.28
C TRP C 231 -13.74 -24.01 -46.47
N PHE C 232 -13.31 -23.78 -45.22
CA PHE C 232 -13.77 -22.62 -44.39
C PHE C 232 -13.35 -21.32 -45.06
N TRP C 233 -12.10 -21.26 -45.53
CA TRP C 233 -11.50 -20.05 -46.16
C TRP C 233 -12.27 -19.66 -47.42
N GLU C 234 -12.52 -20.63 -48.32
CA GLU C 234 -13.36 -20.47 -49.54
C GLU C 234 -14.60 -19.62 -49.19
N ALA C 235 -15.26 -19.95 -48.07
CA ALA C 235 -16.57 -19.40 -47.65
C ALA C 235 -16.39 -18.07 -46.90
N TYR C 236 -15.38 -17.98 -46.04
CA TYR C 236 -15.23 -16.85 -45.09
C TYR C 236 -14.68 -15.61 -45.81
N VAL C 237 -13.73 -15.77 -46.74
CA VAL C 237 -12.91 -14.62 -47.22
C VAL C 237 -13.29 -14.26 -48.65
N PRO C 238 -13.71 -12.98 -48.89
CA PRO C 238 -13.83 -12.42 -50.23
C PRO C 238 -12.48 -12.34 -50.95
N GLU C 239 -12.47 -12.61 -52.26
CA GLU C 239 -11.27 -13.07 -53.04
C GLU C 239 -10.02 -12.23 -52.69
N ASP C 240 -10.05 -10.91 -52.87
CA ASP C 240 -8.85 -10.04 -52.71
C ASP C 240 -8.96 -9.26 -51.39
N THR C 241 -8.53 -9.89 -50.30
CA THR C 241 -8.36 -9.25 -48.97
C THR C 241 -6.89 -9.36 -48.54
N ASP C 242 -6.36 -8.28 -47.96
CA ASP C 242 -5.03 -8.24 -47.31
C ASP C 242 -5.03 -9.27 -46.17
N LEU C 243 -4.31 -10.38 -46.33
CA LEU C 243 -4.21 -11.48 -45.31
C LEU C 243 -3.63 -10.95 -44.00
N THR C 244 -2.97 -9.77 -44.02
CA THR C 244 -2.31 -9.14 -42.85
C THR C 244 -3.23 -8.14 -42.16
N ASP C 245 -4.51 -8.06 -42.56
CA ASP C 245 -5.59 -7.34 -41.85
C ASP C 245 -5.72 -7.89 -40.43
N LEU C 246 -5.68 -7.02 -39.41
CA LEU C 246 -5.64 -7.39 -37.97
C LEU C 246 -6.90 -8.14 -37.53
N ARG C 247 -7.99 -8.06 -38.31
CA ARG C 247 -9.25 -8.81 -38.04
C ARG C 247 -9.12 -10.26 -38.53
N LEU C 248 -8.21 -10.52 -39.47
CA LEU C 248 -7.87 -11.90 -39.93
C LEU C 248 -6.62 -12.41 -39.19
N SER C 249 -5.70 -11.51 -38.85
CA SER C 249 -4.35 -11.82 -38.30
C SER C 249 -4.04 -10.90 -37.13
N PRO C 250 -4.76 -11.06 -35.99
CA PRO C 250 -4.51 -10.25 -34.80
C PRO C 250 -3.11 -10.46 -34.16
N LEU C 251 -2.42 -11.57 -34.47
CA LEU C 251 -1.01 -11.79 -34.04
C LEU C 251 -0.10 -10.69 -34.59
N LEU C 252 -0.38 -10.15 -35.81
CA LEU C 252 0.50 -9.13 -36.47
C LEU C 252 0.26 -7.73 -35.88
N ALA C 253 -0.55 -7.60 -34.84
CA ALA C 253 -0.76 -6.31 -34.13
C ALA C 253 0.62 -5.74 -33.77
N THR C 254 0.74 -4.41 -33.80
CA THR C 254 2.00 -3.65 -33.58
C THR C 254 2.22 -3.46 -32.07
N ASP C 255 1.15 -3.36 -31.31
CA ASP C 255 1.13 -2.97 -29.87
C ASP C 255 0.18 -3.91 -29.12
N PHE C 256 0.65 -4.60 -28.07
CA PHE C 256 -0.16 -5.52 -27.24
C PHE C 256 -0.44 -4.93 -25.85
N THR C 257 0.05 -3.74 -25.56
CA THR C 257 -0.22 -3.05 -24.26
C THR C 257 -1.71 -2.68 -24.23
N GLY C 258 -2.33 -2.69 -23.04
CA GLY C 258 -3.74 -2.29 -22.87
C GLY C 258 -4.71 -3.37 -23.31
N LEU C 259 -4.24 -4.60 -23.48
CA LEU C 259 -5.12 -5.78 -23.73
C LEU C 259 -5.41 -6.43 -22.38
N PRO C 260 -6.59 -7.06 -22.20
CA PRO C 260 -6.95 -7.62 -20.90
C PRO C 260 -6.12 -8.85 -20.57
N PRO C 261 -6.01 -9.19 -19.27
CA PRO C 261 -5.38 -10.43 -18.86
C PRO C 261 -5.95 -11.59 -19.68
N ALA C 262 -5.10 -12.56 -20.04
CA ALA C 262 -5.45 -13.62 -21.00
C ALA C 262 -5.10 -15.00 -20.43
N PHE C 263 -5.98 -15.97 -20.66
CA PHE C 263 -5.69 -17.41 -20.61
C PHE C 263 -5.65 -17.94 -22.05
N VAL C 264 -4.61 -18.70 -22.40
CA VAL C 264 -4.42 -19.23 -23.78
C VAL C 264 -4.08 -20.72 -23.69
N LEU C 265 -4.82 -21.53 -24.45
CA LEU C 265 -4.76 -23.02 -24.41
C LEU C 265 -4.42 -23.50 -25.81
N THR C 266 -3.54 -24.50 -25.91
CA THR C 266 -3.17 -25.13 -27.19
C THR C 266 -3.21 -26.64 -27.00
N ALA C 267 -3.47 -27.36 -28.09
CA ALA C 267 -3.31 -28.82 -28.23
C ALA C 267 -2.00 -29.10 -28.98
N GLY C 268 -1.38 -30.23 -28.66
CA GLY C 268 -0.08 -30.65 -29.21
C GLY C 268 -0.14 -30.90 -30.70
N TYR C 269 -1.23 -31.51 -31.19
CA TYR C 269 -1.37 -31.96 -32.61
C TYR C 269 -2.37 -31.08 -33.34
N ASP C 270 -2.21 -29.77 -33.18
CA ASP C 270 -3.16 -28.77 -33.69
C ASP C 270 -2.38 -27.88 -34.66
N PRO C 271 -2.76 -27.84 -35.94
CA PRO C 271 -2.12 -26.91 -36.88
C PRO C 271 -1.87 -25.54 -36.21
N LEU C 272 -2.81 -25.10 -35.36
CA LEU C 272 -2.84 -23.73 -34.79
C LEU C 272 -1.96 -23.59 -33.54
N ARG C 273 -1.31 -24.66 -33.07
CA ARG C 273 -0.53 -24.61 -31.81
C ARG C 273 0.41 -23.42 -31.80
N ASP C 274 1.30 -23.33 -32.79
CA ASP C 274 2.44 -22.36 -32.85
C ASP C 274 1.93 -20.92 -32.86
N GLU C 275 0.87 -20.60 -33.62
CA GLU C 275 0.28 -19.22 -33.63
C GLU C 275 -0.43 -18.96 -32.29
N GLY C 276 -1.06 -19.97 -31.70
CA GLY C 276 -1.64 -19.86 -30.35
C GLY C 276 -0.58 -19.44 -29.33
N ARG C 277 0.57 -20.10 -29.37
CA ARG C 277 1.66 -19.89 -28.38
C ARG C 277 2.34 -18.55 -28.67
N ALA C 278 2.57 -18.20 -29.94
CA ALA C 278 3.11 -16.88 -30.37
C ALA C 278 2.28 -15.74 -29.75
N TYR C 279 0.95 -15.78 -29.89
CA TYR C 279 0.04 -14.74 -29.32
C TYR C 279 0.29 -14.62 -27.81
N ALA C 280 0.30 -15.74 -27.09
CA ALA C 280 0.64 -15.80 -25.65
C ALA C 280 1.97 -15.12 -25.38
N ASP C 281 3.01 -15.43 -26.16
CA ASP C 281 4.37 -14.83 -26.00
C ASP C 281 4.28 -13.31 -26.18
N ARG C 282 3.55 -12.84 -27.18
CA ARG C 282 3.40 -11.39 -27.46
C ARG C 282 2.78 -10.69 -26.24
N LEU C 283 1.78 -11.31 -25.61
CA LEU C 283 1.07 -10.73 -24.43
C LEU C 283 2.02 -10.70 -23.23
N ILE C 284 2.76 -11.77 -23.00
CA ILE C 284 3.68 -11.92 -21.83
C ILE C 284 4.77 -10.83 -21.88
N GLU C 285 5.36 -10.63 -23.06
CA GLU C 285 6.47 -9.65 -23.30
C GLU C 285 5.94 -8.21 -23.18
N ALA C 286 4.66 -7.97 -23.42
CA ALA C 286 4.01 -6.65 -23.29
C ALA C 286 3.60 -6.33 -21.84
N GLY C 287 3.75 -7.26 -20.90
CA GLY C 287 3.45 -7.04 -19.47
C GLY C 287 1.95 -7.22 -19.15
N ILE C 288 1.25 -8.01 -19.93
CA ILE C 288 -0.15 -8.46 -19.64
C ILE C 288 -0.06 -9.73 -18.77
N LYS C 289 -0.77 -9.76 -17.63
CA LYS C 289 -0.95 -11.00 -16.82
C LYS C 289 -1.52 -12.06 -17.77
N THR C 290 -0.93 -13.25 -17.80
CA THR C 290 -1.17 -14.22 -18.89
C THR C 290 -0.88 -15.63 -18.37
N THR C 291 -1.86 -16.52 -18.50
CA THR C 291 -1.68 -17.97 -18.30
C THR C 291 -1.55 -18.63 -19.67
N TYR C 292 -0.56 -19.48 -19.84
CA TYR C 292 -0.39 -20.29 -21.06
C TYR C 292 -0.37 -21.77 -20.66
N VAL C 293 -1.18 -22.60 -21.32
CA VAL C 293 -1.22 -24.06 -21.06
C VAL C 293 -1.18 -24.84 -22.38
N ASN C 294 -0.33 -25.87 -22.44
CA ASN C 294 -0.29 -26.78 -23.59
C ASN C 294 -0.82 -28.14 -23.14
N TYR C 295 -1.81 -28.67 -23.85
CA TYR C 295 -2.31 -30.06 -23.70
C TYR C 295 -1.69 -30.88 -24.80
N PRO C 296 -0.52 -31.52 -24.54
CA PRO C 296 0.14 -32.33 -25.55
C PRO C 296 -0.66 -33.64 -25.69
N GLY C 297 -0.45 -34.35 -26.79
CA GLY C 297 -1.03 -35.70 -26.99
C GLY C 297 -2.52 -35.68 -27.29
N THR C 298 -3.08 -34.50 -27.62
CA THR C 298 -4.50 -34.35 -28.03
C THR C 298 -4.60 -33.32 -29.16
N ILE C 299 -5.77 -33.20 -29.75
CA ILE C 299 -6.02 -32.57 -31.08
C ILE C 299 -6.86 -31.31 -30.91
N HIS C 300 -6.87 -30.45 -31.92
CA HIS C 300 -7.87 -29.37 -32.12
C HIS C 300 -9.28 -29.97 -31.94
N GLY C 301 -10.17 -29.28 -31.25
CA GLY C 301 -11.59 -29.70 -31.06
C GLY C 301 -11.85 -30.40 -29.75
N PHE C 302 -10.80 -30.86 -29.04
CA PHE C 302 -10.89 -31.73 -27.83
C PHE C 302 -11.66 -31.03 -26.71
N PHE C 303 -11.67 -29.70 -26.71
CA PHE C 303 -12.36 -28.87 -25.68
C PHE C 303 -13.87 -29.11 -25.70
N SER C 304 -14.41 -29.56 -26.84
CA SER C 304 -15.86 -29.82 -27.03
C SER C 304 -16.12 -31.23 -27.57
N LEU C 305 -15.10 -32.08 -27.74
CA LEU C 305 -15.26 -33.51 -28.13
C LEU C 305 -15.20 -34.39 -26.86
N THR C 306 -15.96 -34.01 -25.83
CA THR C 306 -15.75 -34.47 -24.44
C THR C 306 -16.50 -35.79 -24.18
N ARG C 307 -17.28 -36.28 -25.14
CA ARG C 307 -17.89 -37.64 -25.04
C ARG C 307 -16.80 -38.71 -25.22
N PHE C 308 -15.78 -38.43 -26.05
CA PHE C 308 -14.70 -39.37 -26.43
C PHE C 308 -13.37 -39.03 -25.75
N LEU C 309 -13.15 -37.76 -25.41
CA LEU C 309 -11.82 -37.24 -24.96
C LEU C 309 -11.92 -36.62 -23.55
N SER C 310 -11.57 -37.42 -22.53
CA SER C 310 -11.49 -37.03 -21.09
C SER C 310 -10.64 -35.75 -20.90
N GLN C 311 -9.55 -35.60 -21.67
CA GLN C 311 -8.65 -34.42 -21.58
C GLN C 311 -9.45 -33.13 -21.79
N GLY C 312 -10.48 -33.15 -22.65
CA GLY C 312 -11.38 -32.01 -22.88
C GLY C 312 -12.07 -31.54 -21.61
N LEU C 313 -12.49 -32.48 -20.74
CA LEU C 313 -13.20 -32.16 -19.48
C LEU C 313 -12.24 -31.50 -18.49
N LYS C 314 -11.01 -32.05 -18.37
CA LYS C 314 -9.92 -31.49 -17.54
C LYS C 314 -9.58 -30.07 -18.03
N ALA C 315 -9.60 -29.85 -19.36
CA ALA C 315 -9.31 -28.55 -20.02
C ALA C 315 -10.39 -27.51 -19.67
N ASN C 316 -11.68 -27.88 -19.79
CA ASN C 316 -12.82 -27.00 -19.39
C ASN C 316 -12.58 -26.55 -17.95
N ASP C 317 -12.25 -27.50 -17.07
CA ASP C 317 -12.06 -27.24 -15.63
C ASP C 317 -10.87 -26.29 -15.40
N GLU C 318 -9.76 -26.49 -16.10
CA GLU C 318 -8.59 -25.59 -15.95
C GLU C 318 -8.98 -24.18 -16.39
N ALA C 319 -9.62 -24.02 -17.55
CA ALA C 319 -10.09 -22.72 -18.09
C ALA C 319 -11.06 -22.05 -17.11
N ALA C 320 -12.08 -22.78 -16.64
CA ALA C 320 -13.08 -22.32 -15.65
C ALA C 320 -12.40 -21.84 -14.35
N ALA C 321 -11.52 -22.67 -13.80
CA ALA C 321 -10.78 -22.44 -12.53
C ALA C 321 -9.94 -21.17 -12.59
N VAL C 322 -9.14 -20.99 -13.64
CA VAL C 322 -8.29 -19.78 -13.86
C VAL C 322 -9.17 -18.52 -13.87
N MET C 323 -10.33 -18.56 -14.55
CA MET C 323 -11.22 -17.37 -14.70
C MET C 323 -11.91 -17.06 -13.38
N GLY C 324 -12.29 -18.10 -12.62
CA GLY C 324 -12.85 -17.97 -11.26
C GLY C 324 -11.87 -17.34 -10.29
N ALA C 325 -10.59 -17.75 -10.37
CA ALA C 325 -9.47 -17.20 -9.58
C ALA C 325 -9.31 -15.71 -9.87
N HIS C 326 -9.43 -15.28 -11.14
CA HIS C 326 -9.21 -13.87 -11.57
C HIS C 326 -10.31 -12.97 -11.02
N PHE C 327 -11.56 -13.44 -11.10
CA PHE C 327 -12.80 -12.69 -10.74
C PHE C 327 -13.18 -12.93 -9.27
N GLY C 328 -12.46 -13.81 -8.58
CA GLY C 328 -12.62 -14.06 -7.13
C GLY C 328 -13.94 -14.69 -6.80
N THR C 329 -14.44 -15.58 -7.69
CA THR C 329 -15.79 -16.20 -7.58
C THR C 329 -15.73 -17.32 -6.54
N MET D 15 -3.29 36.70 31.16
CA MET D 15 -3.00 37.49 29.92
C MET D 15 -1.48 37.44 29.63
N LEU D 16 -0.71 38.48 29.95
CA LEU D 16 0.77 38.55 29.76
C LEU D 16 1.48 37.67 30.79
N LEU D 17 2.47 36.88 30.35
CA LEU D 17 3.34 36.10 31.27
C LEU D 17 4.17 37.06 32.12
N PRO D 18 4.44 36.74 33.40
CA PRO D 18 5.37 37.55 34.20
C PRO D 18 6.67 37.93 33.49
N GLU D 19 7.28 37.01 32.73
CA GLU D 19 8.60 37.25 32.08
C GLU D 19 8.44 38.29 30.96
N THR D 20 7.30 38.28 30.25
CA THR D 20 6.95 39.28 29.20
C THR D 20 6.74 40.66 29.84
N ARG D 21 6.00 40.72 30.95
CA ARG D 21 5.69 41.98 31.67
C ARG D 21 6.99 42.61 32.14
N ASN D 22 7.88 41.80 32.73
CA ASN D 22 9.20 42.24 33.27
C ASN D 22 10.02 42.89 32.14
N LEU D 23 10.05 42.28 30.94
CA LEU D 23 10.87 42.78 29.81
C LEU D 23 10.28 44.09 29.27
N LEU D 24 8.96 44.18 29.12
CA LEU D 24 8.31 45.43 28.62
C LEU D 24 8.60 46.56 29.62
N ASP D 25 8.63 46.25 30.92
CA ASP D 25 8.94 47.21 32.02
C ASP D 25 10.40 47.69 31.92
N LEU D 26 11.35 46.79 31.69
CA LEU D 26 12.79 47.14 31.51
C LEU D 26 12.94 48.05 30.28
N MET D 27 12.21 47.77 29.20
CA MET D 27 12.24 48.57 27.94
C MET D 27 11.68 49.98 28.21
N ASP D 28 10.58 50.08 28.96
CA ASP D 28 9.93 51.35 29.34
C ASP D 28 10.89 52.16 30.22
N ALA D 29 11.54 51.49 31.18
CA ALA D 29 12.55 52.08 32.09
C ALA D 29 13.69 52.71 31.28
N ALA D 30 14.11 52.05 30.20
CA ALA D 30 15.22 52.51 29.31
C ALA D 30 14.74 53.68 28.44
N THR D 31 13.44 53.74 28.11
CA THR D 31 12.82 54.85 27.32
C THR D 31 12.79 56.13 28.17
N ARG D 32 12.22 56.05 29.38
CA ARG D 32 12.24 57.11 30.41
C ARG D 32 13.70 57.45 30.78
N GLY D 33 14.59 56.46 30.76
CA GLY D 33 16.02 56.59 31.05
C GLY D 33 16.74 57.49 30.06
N GLY D 34 16.24 57.60 28.81
CA GLY D 34 16.80 58.48 27.77
C GLY D 34 17.28 57.72 26.54
N ARG D 35 16.90 56.45 26.38
CA ARG D 35 17.12 55.66 25.14
C ARG D 35 16.26 56.26 24.02
N PRO D 36 16.85 56.65 22.87
CA PRO D 36 16.08 57.14 21.73
C PRO D 36 15.10 56.10 21.18
N GLY D 37 14.00 56.56 20.58
CA GLY D 37 13.10 55.71 19.78
C GLY D 37 13.73 55.35 18.45
N LEU D 38 13.67 54.08 18.04
CA LEU D 38 14.23 53.58 16.76
C LEU D 38 13.64 54.37 15.58
N ASP D 39 12.37 54.78 15.69
CA ASP D 39 11.61 55.49 14.63
C ASP D 39 12.06 56.97 14.52
N THR D 40 12.89 57.45 15.45
CA THR D 40 13.42 58.84 15.47
C THR D 40 14.79 58.92 14.79
N LEU D 41 15.52 57.80 14.70
CA LEU D 41 16.91 57.74 14.16
C LEU D 41 16.86 57.52 12.64
N PRO D 42 17.90 57.93 11.87
CA PRO D 42 18.05 57.48 10.48
C PRO D 42 18.27 55.95 10.41
N HIS D 43 17.94 55.34 9.27
CA HIS D 43 17.85 53.85 9.12
C HIS D 43 19.22 53.21 9.42
N ALA D 44 20.31 53.71 8.84
CA ALA D 44 21.68 53.16 8.99
C ALA D 44 22.16 53.28 10.44
N VAL D 45 21.87 54.38 11.13
CA VAL D 45 22.31 54.65 12.52
C VAL D 45 21.52 53.73 13.47
N GLY D 46 20.20 53.68 13.31
CA GLY D 46 19.29 52.85 14.11
C GLY D 46 19.63 51.37 13.98
N ARG D 47 20.02 50.93 12.78
CA ARG D 47 20.41 49.53 12.47
C ARG D 47 21.58 49.11 13.36
N LYS D 48 22.71 49.82 13.28
CA LYS D 48 23.95 49.54 14.07
C LYS D 48 23.57 49.43 15.55
N ALA D 49 22.71 50.34 16.05
CA ALA D 49 22.30 50.44 17.47
C ALA D 49 21.46 49.23 17.87
N VAL D 50 20.48 48.86 17.07
CA VAL D 50 19.53 47.74 17.37
C VAL D 50 20.23 46.40 17.15
N ASP D 51 21.14 46.31 16.17
CA ASP D 51 21.92 45.07 15.87
C ASP D 51 22.71 44.63 17.11
N LYS D 52 23.24 45.56 17.91
CA LYS D 52 24.03 45.22 19.12
C LYS D 52 23.07 44.77 20.24
N MET D 53 21.88 45.37 20.28
CA MET D 53 20.84 45.05 21.31
C MET D 53 20.23 43.68 21.03
N SER D 54 19.98 43.35 19.76
CA SER D 54 19.55 42.00 19.31
C SER D 54 20.58 40.93 19.71
N GLU D 55 21.84 41.05 19.26
CA GLU D 55 22.95 40.15 19.68
C GLU D 55 22.84 39.87 21.17
N ASP D 56 22.64 40.91 21.98
CA ASP D 56 22.70 40.83 23.48
C ASP D 56 21.40 40.26 24.06
N GLY D 57 20.34 40.12 23.27
CA GLY D 57 19.03 39.62 23.72
C GLY D 57 18.88 38.12 23.52
N GLU D 58 19.70 37.51 22.65
CA GLU D 58 19.75 36.05 22.38
C GLU D 58 20.45 35.33 23.55
N ALA D 59 20.00 34.12 23.92
CA ALA D 59 20.61 33.25 24.95
C ALA D 59 22.04 32.89 24.51
N ASP D 60 22.90 32.45 25.44
CA ASP D 60 24.32 32.10 25.14
C ASP D 60 24.36 31.04 24.05
N PRO D 61 25.22 31.21 23.02
CA PRO D 61 25.18 30.34 21.85
C PRO D 61 25.71 28.96 22.21
N PRO D 62 24.95 27.88 21.97
CA PRO D 62 25.43 26.52 22.20
C PRO D 62 26.53 26.09 21.23
N GLU D 63 27.29 25.06 21.59
CA GLU D 63 28.32 24.45 20.69
C GLU D 63 27.59 23.65 19.61
N VAL D 64 28.05 23.73 18.38
CA VAL D 64 27.60 22.87 17.25
C VAL D 64 28.84 22.11 16.74
N ALA D 65 28.63 21.13 15.85
CA ALA D 65 29.69 20.26 15.31
C ALA D 65 30.68 21.13 14.51
N GLU D 66 30.13 22.07 13.74
CA GLU D 66 30.91 22.86 12.75
C GLU D 66 30.11 24.06 12.28
N VAL D 67 30.75 25.24 12.22
CA VAL D 67 30.23 26.47 11.57
C VAL D 67 31.09 26.75 10.33
N ALA D 68 30.46 26.91 9.16
CA ALA D 68 31.12 27.36 7.92
C ALA D 68 30.63 28.77 7.55
N ASN D 69 31.55 29.65 7.15
CA ASN D 69 31.26 31.04 6.70
C ASN D 69 31.75 31.19 5.27
N GLY D 70 30.89 31.67 4.37
CA GLY D 70 31.21 31.81 2.93
C GLY D 70 30.26 32.73 2.19
N GLY D 71 30.41 32.83 0.88
CA GLY D 71 29.56 33.67 0.00
C GLY D 71 29.30 33.00 -1.34
N PHE D 72 28.36 33.52 -2.12
CA PHE D 72 28.14 33.10 -3.52
C PHE D 72 27.54 34.27 -4.31
N ALA D 73 27.58 34.15 -5.64
CA ALA D 73 27.13 35.19 -6.61
C ALA D 73 25.61 35.31 -6.52
N GLY D 74 25.12 36.44 -5.99
CA GLY D 74 23.69 36.80 -5.96
C GLY D 74 23.21 37.34 -7.31
N PRO D 75 21.94 37.78 -7.41
CA PRO D 75 21.42 38.35 -8.65
C PRO D 75 22.11 39.67 -9.02
N ALA D 76 22.56 40.47 -8.05
CA ALA D 76 23.20 41.78 -8.27
C ALA D 76 24.12 42.18 -7.11
N SER D 77 24.79 41.20 -6.47
CA SER D 77 25.75 41.41 -5.34
C SER D 77 26.14 40.06 -4.72
N GLU D 78 27.06 40.05 -3.75
CA GLU D 78 27.50 38.82 -3.04
C GLU D 78 26.52 38.56 -1.89
N ILE D 79 25.99 37.34 -1.80
CA ILE D 79 25.13 36.88 -0.67
C ILE D 79 25.98 36.04 0.28
N ARG D 80 26.14 36.49 1.53
CA ARG D 80 26.92 35.75 2.57
C ARG D 80 25.99 34.78 3.31
N PHE D 81 26.56 33.67 3.78
CA PHE D 81 25.80 32.60 4.48
C PHE D 81 26.66 32.02 5.59
N ARG D 82 26.00 31.37 6.53
CA ARG D 82 26.66 30.62 7.62
C ARG D 82 25.97 29.26 7.72
N ARG D 83 26.72 28.17 7.64
CA ARG D 83 26.18 26.79 7.76
C ARG D 83 26.47 26.32 9.19
N TYR D 84 25.49 25.67 9.81
CA TYR D 84 25.59 25.10 11.16
C TYR D 84 25.30 23.60 11.02
N ARG D 85 26.30 22.80 11.34
CA ARG D 85 26.20 21.32 11.38
C ARG D 85 25.91 20.95 12.82
N PRO D 86 24.83 20.18 13.11
CA PRO D 86 24.46 19.86 14.48
C PRO D 86 25.32 18.79 15.16
N LEU D 87 25.44 18.85 16.49
CA LEU D 87 26.14 17.82 17.30
C LEU D 87 25.57 16.43 16.99
N GLY D 88 26.46 15.46 16.75
CA GLY D 88 26.12 14.02 16.70
C GLY D 88 25.75 13.51 15.32
N GLU D 89 25.78 14.37 14.28
CA GLU D 89 25.31 14.01 12.92
C GLU D 89 26.52 13.90 11.98
N ALA D 90 26.96 12.67 11.71
CA ALA D 90 28.22 12.36 10.97
C ALA D 90 27.97 12.27 9.46
N ALA D 91 26.72 12.14 9.02
CA ALA D 91 26.32 11.93 7.61
C ALA D 91 26.80 13.10 6.74
N GLY D 92 27.29 12.81 5.54
CA GLY D 92 27.72 13.82 4.54
C GLY D 92 26.62 14.83 4.28
N LEU D 93 25.58 14.41 3.56
CA LEU D 93 24.43 15.27 3.15
C LEU D 93 23.33 15.22 4.23
N LEU D 94 23.09 16.33 4.92
CA LEU D 94 22.04 16.42 5.96
C LEU D 94 20.78 17.09 5.40
N PRO D 95 19.61 16.81 5.99
CA PRO D 95 18.45 17.68 5.80
C PRO D 95 18.84 19.09 6.27
N THR D 96 18.33 20.10 5.59
CA THR D 96 18.84 21.50 5.65
C THR D 96 17.64 22.45 5.74
N LEU D 97 17.72 23.41 6.66
CA LEU D 97 16.79 24.55 6.75
C LEU D 97 17.53 25.80 6.30
N ILE D 98 17.06 26.46 5.24
CA ILE D 98 17.59 27.79 4.81
C ILE D 98 16.82 28.83 5.59
N TYR D 99 17.49 29.60 6.45
CA TYR D 99 16.85 30.47 7.48
C TYR D 99 17.05 31.93 7.12
N TYR D 100 15.97 32.69 7.03
CA TYR D 100 15.97 34.13 6.70
C TYR D 100 15.64 34.94 7.96
N HIS D 101 16.63 35.65 8.51
CA HIS D 101 16.47 36.45 9.74
C HIS D 101 15.37 37.49 9.54
N GLY D 102 14.86 38.09 10.63
CA GLY D 102 13.86 39.18 10.60
C GLY D 102 14.48 40.54 10.88
N GLY D 103 13.65 41.60 10.83
CA GLY D 103 14.06 43.01 11.01
C GLY D 103 13.39 43.94 10.02
N GLY D 104 12.21 43.58 9.49
CA GLY D 104 11.42 44.42 8.57
C GLY D 104 12.17 44.74 7.28
N PHE D 105 13.04 43.83 6.82
CA PHE D 105 13.89 43.98 5.60
C PHE D 105 14.82 45.18 5.74
N VAL D 106 15.09 45.63 6.98
CA VAL D 106 15.93 46.85 7.23
C VAL D 106 17.07 46.53 8.21
N ILE D 107 16.77 45.91 9.34
CA ILE D 107 17.77 45.56 10.40
C ILE D 107 17.96 44.04 10.43
N GLY D 108 18.74 43.55 11.39
CA GLY D 108 19.09 42.12 11.55
C GLY D 108 20.18 41.70 10.56
N ASN D 109 20.80 40.56 10.83
CA ASN D 109 21.88 39.94 10.02
C ASN D 109 22.19 38.55 10.60
N ILE D 110 23.19 37.86 10.05
CA ILE D 110 23.62 36.50 10.48
C ILE D 110 23.96 36.51 11.98
N GLU D 111 24.67 37.54 12.46
CA GLU D 111 25.17 37.61 13.84
C GLU D 111 24.01 37.75 14.84
N THR D 112 22.90 38.40 14.46
CA THR D 112 21.79 38.67 15.41
C THR D 112 21.00 37.38 15.72
N HIS D 113 21.00 36.40 14.81
CA HIS D 113 20.15 35.17 14.92
C HIS D 113 21.04 33.93 15.10
N ASP D 114 22.30 34.14 15.48
CA ASP D 114 23.33 33.07 15.62
C ASP D 114 22.91 32.03 16.67
N SER D 115 22.62 32.44 17.91
CA SER D 115 22.23 31.55 19.04
C SER D 115 21.02 30.71 18.67
N THR D 116 20.03 31.33 18.05
CA THR D 116 18.75 30.69 17.67
C THR D 116 19.09 29.58 16.68
N CYS D 117 19.85 29.90 15.65
CA CYS D 117 20.23 28.98 14.55
C CYS D 117 21.03 27.79 15.08
N ARG D 118 22.02 28.03 15.94
CA ARG D 118 22.80 26.94 16.58
C ARG D 118 21.82 25.99 17.25
N ARG D 119 20.91 26.53 18.07
CA ARG D 119 19.95 25.73 18.85
C ARG D 119 19.01 24.97 17.89
N LEU D 120 18.44 25.63 16.87
CA LEU D 120 17.52 24.95 15.92
C LEU D 120 18.25 23.72 15.38
N ALA D 121 19.50 23.90 14.92
CA ALA D 121 20.36 22.88 14.28
C ALA D 121 20.47 21.66 15.20
N ASN D 122 20.84 21.88 16.46
CA ASN D 122 21.07 20.81 17.48
C ASN D 122 19.77 20.07 17.79
N LYS D 123 18.66 20.77 18.03
CA LYS D 123 17.39 20.12 18.47
C LYS D 123 16.74 19.39 17.30
N SER D 124 16.84 19.93 16.08
CA SER D 124 16.19 19.38 14.85
C SER D 124 17.04 18.25 14.28
N ARG D 125 18.34 18.20 14.62
CA ARG D 125 19.33 17.25 14.03
C ARG D 125 19.47 17.56 12.55
N CYS D 126 19.13 18.78 12.13
CA CYS D 126 19.25 19.29 10.72
C CYS D 126 20.40 20.29 10.62
N GLN D 127 20.90 20.48 9.40
CA GLN D 127 21.81 21.59 9.09
C GLN D 127 20.96 22.85 8.93
N VAL D 128 21.45 23.99 9.41
CA VAL D 128 20.82 25.32 9.21
C VAL D 128 21.80 26.16 8.38
N ILE D 129 21.30 26.83 7.35
CA ILE D 129 22.07 27.80 6.52
C ILE D 129 21.41 29.18 6.65
N SER D 130 21.98 30.06 7.46
CA SER D 130 21.52 31.47 7.64
C SER D 130 21.99 32.33 6.46
N ILE D 131 21.07 33.05 5.83
CA ILE D 131 21.33 33.88 4.61
C ILE D 131 21.41 35.35 4.97
N ASP D 132 22.37 36.03 4.35
CA ASP D 132 22.59 37.48 4.56
C ASP D 132 22.13 38.26 3.30
N TYR D 133 20.84 38.61 3.26
CA TYR D 133 20.19 39.19 2.07
C TYR D 133 20.37 40.71 2.11
N ARG D 134 20.17 41.37 0.97
CA ARG D 134 20.29 42.85 0.87
C ARG D 134 19.16 43.51 1.66
N LEU D 135 19.45 44.62 2.34
CA LEU D 135 18.51 45.35 3.22
C LEU D 135 18.19 46.71 2.60
N ALA D 136 17.00 47.23 2.95
CA ALA D 136 16.54 48.60 2.67
C ALA D 136 17.01 49.52 3.80
N PRO D 137 17.15 50.85 3.58
CA PRO D 137 16.75 51.50 2.34
C PRO D 137 17.74 51.42 1.17
N GLU D 138 19.00 51.04 1.41
CA GLU D 138 20.04 50.98 0.35
C GLU D 138 19.53 50.15 -0.84
N HIS D 139 18.86 49.03 -0.55
CA HIS D 139 18.27 48.08 -1.56
C HIS D 139 16.80 47.88 -1.22
N PRO D 140 15.89 48.77 -1.70
CA PRO D 140 14.46 48.64 -1.40
C PRO D 140 13.78 47.50 -2.16
N PHE D 141 12.51 47.27 -1.85
CA PHE D 141 11.62 46.30 -2.55
C PHE D 141 11.75 46.49 -4.05
N PRO D 142 11.92 45.42 -4.87
CA PRO D 142 11.89 44.02 -4.41
C PRO D 142 13.23 43.29 -4.21
N ALA D 143 14.27 43.98 -3.70
CA ALA D 143 15.67 43.48 -3.61
C ALA D 143 15.83 42.35 -2.59
N PRO D 144 15.35 42.49 -1.32
CA PRO D 144 15.55 41.45 -0.31
C PRO D 144 14.89 40.10 -0.64
N ILE D 145 13.74 40.12 -1.32
CA ILE D 145 13.01 38.89 -1.75
C ILE D 145 13.77 38.23 -2.91
N ASP D 146 14.33 39.03 -3.81
CA ASP D 146 15.09 38.56 -5.01
C ASP D 146 16.29 37.73 -4.57
N ASP D 147 16.97 38.16 -3.50
CA ASP D 147 18.13 37.44 -2.90
C ASP D 147 17.66 36.15 -2.25
N GLY D 148 16.63 36.23 -1.42
CA GLY D 148 16.07 35.06 -0.72
C GLY D 148 15.77 33.95 -1.70
N ILE D 149 15.16 34.31 -2.84
CA ILE D 149 14.78 33.35 -3.92
C ILE D 149 16.07 32.86 -4.59
N ALA D 150 17.00 33.77 -4.87
CA ALA D 150 18.30 33.47 -5.51
C ALA D 150 19.09 32.50 -4.63
N ALA D 151 19.03 32.68 -3.30
CA ALA D 151 19.72 31.85 -2.29
C ALA D 151 19.18 30.42 -2.33
N PHE D 152 17.85 30.27 -2.35
CA PHE D 152 17.19 28.94 -2.32
C PHE D 152 17.60 28.16 -3.57
N ARG D 153 17.51 28.81 -4.74
CA ARG D 153 17.85 28.23 -6.08
C ARG D 153 19.32 27.84 -6.14
N HIS D 154 20.20 28.71 -5.69
CA HIS D 154 21.66 28.42 -5.65
C HIS D 154 21.93 27.14 -4.82
N ILE D 155 21.24 26.96 -3.70
CA ILE D 155 21.51 25.86 -2.74
C ILE D 155 20.81 24.59 -3.24
N ARG D 156 19.60 24.74 -3.80
CA ARG D 156 18.84 23.61 -4.40
C ARG D 156 19.68 22.98 -5.53
N ASP D 157 20.21 23.81 -6.43
CA ASP D 157 20.92 23.37 -7.67
C ASP D 157 22.39 23.06 -7.37
N ASN D 158 22.88 23.32 -6.16
CA ASN D 158 24.26 22.99 -5.74
C ASN D 158 24.22 22.32 -4.36
N ALA D 159 23.24 21.43 -4.15
CA ALA D 159 22.94 20.78 -2.85
C ALA D 159 24.22 20.23 -2.20
N GLU D 160 24.95 19.37 -2.91
CA GLU D 160 26.18 18.68 -2.42
C GLU D 160 27.24 19.69 -1.96
N SER D 161 27.44 20.81 -2.66
CA SER D 161 28.38 21.90 -2.25
C SER D 161 28.11 22.32 -0.80
N PHE D 162 26.84 22.33 -0.37
CA PHE D 162 26.38 22.88 0.92
C PHE D 162 26.09 21.76 1.92
N GLY D 163 26.46 20.52 1.59
CA GLY D 163 26.23 19.33 2.42
C GLY D 163 24.75 19.13 2.70
N ALA D 164 23.90 19.46 1.72
CA ALA D 164 22.42 19.41 1.83
C ALA D 164 21.90 18.21 1.04
N ASP D 165 20.90 17.51 1.59
CA ASP D 165 20.08 16.48 0.89
C ASP D 165 18.93 17.19 0.15
N ALA D 166 19.03 17.27 -1.19
CA ALA D 166 18.10 17.93 -2.14
C ALA D 166 16.64 17.53 -1.87
N ALA D 167 16.39 16.29 -1.51
CA ALA D 167 15.03 15.79 -1.16
C ALA D 167 14.46 16.57 0.05
N ARG D 168 15.32 16.94 1.01
CA ARG D 168 14.89 17.40 2.35
C ARG D 168 15.48 18.79 2.61
N LEU D 169 15.11 19.74 1.75
CA LEU D 169 15.64 21.12 1.75
C LEU D 169 14.47 22.04 2.06
N ALA D 170 14.51 22.66 3.23
CA ALA D 170 13.41 23.47 3.84
C ALA D 170 13.81 24.95 3.83
N VAL D 171 12.83 25.86 3.80
CA VAL D 171 13.04 27.31 4.07
C VAL D 171 12.22 27.71 5.31
N GLY D 172 12.62 28.80 5.96
CA GLY D 172 11.93 29.40 7.11
C GLY D 172 12.50 30.75 7.47
N GLY D 173 11.98 31.38 8.50
CA GLY D 173 12.41 32.71 8.97
C GLY D 173 11.45 33.26 10.00
N ASP D 174 11.74 34.46 10.50
CA ASP D 174 10.93 35.17 11.54
C ASP D 174 10.61 36.60 11.09
N SER D 175 9.37 37.03 11.32
CA SER D 175 8.73 38.28 10.75
C SER D 175 9.00 38.44 9.26
N ALA D 176 9.84 39.40 8.87
CA ALA D 176 10.19 39.67 7.47
C ALA D 176 10.79 38.43 6.80
N GLY D 177 11.66 37.70 7.52
CA GLY D 177 12.17 36.38 7.09
C GLY D 177 11.07 35.35 6.91
N GLY D 178 10.03 35.37 7.74
CA GLY D 178 8.82 34.54 7.58
C GLY D 178 8.09 34.87 6.28
N ALA D 179 7.87 36.16 6.02
CA ALA D 179 7.30 36.69 4.76
C ALA D 179 8.12 36.14 3.60
N MET D 180 9.46 36.25 3.71
CA MET D 180 10.41 35.85 2.64
C MET D 180 10.27 34.35 2.35
N ALA D 181 10.28 33.52 3.38
CA ALA D 181 10.11 32.06 3.28
C ALA D 181 8.81 31.72 2.52
N ALA D 182 7.72 32.41 2.85
CA ALA D 182 6.37 32.18 2.27
C ALA D 182 6.37 32.57 0.77
N VAL D 183 7.02 33.69 0.45
CA VAL D 183 7.16 34.19 -0.94
C VAL D 183 8.05 33.25 -1.75
N VAL D 184 9.10 32.69 -1.14
CA VAL D 184 10.02 31.74 -1.85
C VAL D 184 9.21 30.54 -2.34
N CYS D 185 8.32 29.98 -1.52
CA CYS D 185 7.48 28.81 -1.90
C CYS D 185 6.52 29.21 -3.00
N GLN D 186 5.85 30.35 -2.85
CA GLN D 186 4.86 30.86 -3.85
C GLN D 186 5.58 31.10 -5.18
N ALA D 187 6.75 31.74 -5.14
CA ALA D 187 7.61 32.02 -6.33
C ALA D 187 7.95 30.69 -7.05
N CYS D 188 8.43 29.69 -6.32
CA CYS D 188 8.85 28.39 -6.90
C CYS D 188 7.66 27.65 -7.51
N ARG D 189 6.48 27.75 -6.88
CA ARG D 189 5.21 27.09 -7.32
C ARG D 189 4.70 27.75 -8.61
N ASP D 190 4.69 29.09 -8.63
CA ASP D 190 4.09 29.93 -9.72
C ASP D 190 4.94 29.82 -10.98
N ALA D 191 6.26 29.62 -10.82
CA ALA D 191 7.24 29.51 -11.93
C ALA D 191 7.44 28.04 -12.36
N GLY D 192 6.77 27.10 -11.70
CA GLY D 192 6.73 25.68 -12.12
C GLY D 192 7.95 24.86 -11.71
N GLU D 193 8.88 25.42 -10.93
CA GLU D 193 10.13 24.70 -10.52
C GLU D 193 9.92 24.01 -9.17
N THR D 194 10.93 23.22 -8.75
CA THR D 194 10.99 22.43 -7.49
C THR D 194 11.21 23.35 -6.28
N GLY D 195 10.17 23.56 -5.48
CA GLY D 195 10.24 24.41 -4.28
C GLY D 195 10.80 23.66 -3.08
N PRO D 196 10.87 24.34 -1.91
CA PRO D 196 11.27 23.72 -0.66
C PRO D 196 10.34 22.56 -0.32
N ALA D 197 10.80 21.67 0.57
CA ALA D 197 10.09 20.45 0.99
C ALA D 197 9.32 20.73 2.30
N PHE D 198 9.54 21.93 2.88
CA PHE D 198 8.94 22.35 4.16
C PHE D 198 9.16 23.86 4.35
N GLN D 199 8.20 24.52 5.00
CA GLN D 199 8.27 25.99 5.29
C GLN D 199 7.98 26.25 6.79
N MET D 200 8.89 26.92 7.47
CA MET D 200 8.80 27.23 8.93
C MET D 200 8.57 28.75 9.07
N LEU D 201 7.35 29.18 9.37
CA LEU D 201 6.94 30.60 9.47
C LEU D 201 6.77 30.99 10.95
N ILE D 202 7.77 31.69 11.50
CA ILE D 202 7.79 32.23 12.89
C ILE D 202 7.22 33.66 12.81
N TYR D 203 6.02 33.84 13.36
CA TYR D 203 5.25 35.09 13.41
C TYR D 203 5.53 35.88 12.13
N PRO D 204 5.24 35.31 10.93
CA PRO D 204 5.46 36.00 9.65
C PRO D 204 4.56 37.21 9.39
N ALA D 205 4.94 38.03 8.41
CA ALA D 205 4.16 39.19 7.88
C ALA D 205 3.61 38.81 6.50
N THR D 206 2.29 38.58 6.40
CA THR D 206 1.67 37.96 5.20
C THR D 206 0.67 38.91 4.52
N ASP D 207 0.38 40.09 5.08
CA ASP D 207 -0.62 41.00 4.48
C ASP D 207 -0.32 42.47 4.79
N SER D 208 0.00 43.23 3.75
CA SER D 208 0.22 44.71 3.80
C SER D 208 -1.03 45.47 3.35
N SER D 209 -2.00 44.81 2.73
CA SER D 209 -3.18 45.46 2.12
C SER D 209 -4.19 45.88 3.20
N ARG D 210 -4.15 45.28 4.40
CA ARG D 210 -5.22 45.45 5.43
C ARG D 210 -4.64 45.56 6.85
N GLU D 211 -5.37 46.23 7.74
CA GLU D 211 -5.13 46.23 9.22
C GLU D 211 -6.12 45.27 9.88
N SER D 212 -5.64 44.18 10.46
CA SER D 212 -6.42 43.17 11.21
C SER D 212 -6.77 43.71 12.60
N ALA D 213 -7.55 42.95 13.37
CA ALA D 213 -7.88 43.25 14.79
C ALA D 213 -6.58 43.33 15.61
N SER D 214 -5.66 42.36 15.45
CA SER D 214 -4.37 42.33 16.20
C SER D 214 -3.50 43.55 15.86
N ARG D 215 -3.42 43.94 14.58
CA ARG D 215 -2.60 45.10 14.15
C ARG D 215 -3.10 46.38 14.85
N VAL D 216 -4.42 46.55 15.00
CA VAL D 216 -5.03 47.73 15.69
C VAL D 216 -4.83 47.59 17.22
N ALA D 217 -5.21 46.44 17.78
CA ALA D 217 -5.21 46.17 19.24
C ALA D 217 -3.79 46.35 19.83
N PHE D 218 -2.74 45.88 19.17
CA PHE D 218 -1.36 45.79 19.73
C PHE D 218 -0.42 46.75 18.99
N ALA D 219 -0.94 47.88 18.50
CA ALA D 219 -0.20 48.94 17.78
C ALA D 219 0.74 49.73 18.71
N GLU D 220 0.46 49.74 20.02
CA GLU D 220 1.27 50.46 21.05
C GLU D 220 1.57 49.55 22.24
N GLY D 221 2.82 49.53 22.70
CA GLY D 221 3.20 49.05 24.06
C GLY D 221 3.55 47.57 24.10
N TYR D 222 3.76 46.92 22.97
CA TYR D 222 4.03 45.47 22.88
C TYR D 222 5.26 45.22 22.01
N PHE D 223 6.31 46.00 22.25
CA PHE D 223 7.64 45.91 21.58
C PHE D 223 7.53 46.32 20.10
N LEU D 224 6.89 45.49 19.27
CA LEU D 224 6.61 45.86 17.84
C LEU D 224 5.36 46.75 17.83
N SER D 225 5.57 48.04 17.54
CA SER D 225 4.54 49.10 17.48
C SER D 225 4.30 49.50 16.02
N LYS D 226 3.25 50.28 15.76
CA LYS D 226 2.93 50.87 14.43
C LYS D 226 4.09 51.79 14.00
N ALA D 227 4.61 52.60 14.93
CA ALA D 227 5.74 53.52 14.71
C ALA D 227 6.90 52.75 14.05
N HIS D 228 7.30 51.62 14.64
CA HIS D 228 8.38 50.71 14.14
C HIS D 228 8.03 50.26 12.71
N MET D 229 6.79 49.80 12.51
CA MET D 229 6.33 49.19 11.23
C MET D 229 6.30 50.26 10.13
N ASP D 230 5.97 51.52 10.46
CA ASP D 230 5.97 52.64 9.47
C ASP D 230 7.43 52.95 9.09
N TRP D 231 8.32 52.96 10.09
CA TRP D 231 9.77 53.21 9.93
C TRP D 231 10.39 52.18 8.98
N PHE D 232 10.09 50.89 9.14
CA PHE D 232 10.53 49.81 8.22
C PHE D 232 9.93 50.04 6.84
N TRP D 233 8.64 50.37 6.79
CA TRP D 233 7.86 50.60 5.54
C TRP D 233 8.45 51.77 4.73
N GLU D 234 8.69 52.92 5.38
CA GLU D 234 9.38 54.10 4.81
C GLU D 234 10.57 53.63 3.96
N ALA D 235 11.38 52.70 4.49
CA ALA D 235 12.67 52.25 3.92
C ALA D 235 12.46 51.15 2.88
N TYR D 236 11.54 50.22 3.13
CA TYR D 236 11.38 48.99 2.33
C TYR D 236 10.66 49.31 1.01
N VAL D 237 9.64 50.16 1.04
CA VAL D 237 8.67 50.24 -0.10
C VAL D 237 8.86 51.55 -0.88
N PRO D 238 9.13 51.45 -2.20
CA PRO D 238 9.08 52.59 -3.12
C PRO D 238 7.64 53.16 -3.23
N GLU D 239 7.53 54.49 -3.33
CA GLU D 239 6.31 55.27 -2.98
C GLU D 239 5.03 54.62 -3.53
N ASP D 240 4.91 54.40 -4.85
CA ASP D 240 3.65 53.91 -5.47
C ASP D 240 3.81 52.44 -5.85
N THR D 241 3.57 51.54 -4.90
CA THR D 241 3.48 50.07 -5.13
C THR D 241 2.09 49.57 -4.73
N ASP D 242 1.50 48.70 -5.55
CA ASP D 242 0.26 47.95 -5.26
C ASP D 242 0.50 47.13 -3.99
N LEU D 243 -0.13 47.52 -2.88
CA LEU D 243 -0.03 46.85 -1.55
C LEU D 243 -0.49 45.39 -1.65
N THR D 244 -1.23 45.03 -2.71
CA THR D 244 -1.80 43.67 -2.92
C THR D 244 -0.88 42.80 -3.80
N ASP D 245 0.32 43.30 -4.12
CA ASP D 245 1.42 42.51 -4.75
C ASP D 245 1.77 41.31 -3.84
N LEU D 246 1.76 40.09 -4.40
CA LEU D 246 1.89 38.80 -3.66
C LEU D 246 3.26 38.69 -2.97
N ARG D 247 4.25 39.49 -3.37
CA ARG D 247 5.59 39.54 -2.72
C ARG D 247 5.53 40.41 -1.46
N LEU D 248 4.56 41.32 -1.35
CA LEU D 248 4.28 42.12 -0.13
C LEU D 248 3.17 41.46 0.70
N SER D 249 2.22 40.79 0.03
CA SER D 249 0.97 40.26 0.62
C SER D 249 0.69 38.85 0.11
N PRO D 250 1.56 37.87 0.49
CA PRO D 250 1.37 36.48 0.05
C PRO D 250 0.09 35.82 0.59
N LEU D 251 -0.54 36.35 1.64
CA LEU D 251 -1.87 35.88 2.12
C LEU D 251 -2.92 36.01 1.01
N LEU D 252 -2.85 37.04 0.14
CA LEU D 252 -3.88 37.31 -0.90
C LEU D 252 -3.70 36.40 -2.12
N ALA D 253 -2.77 35.44 -2.07
CA ALA D 253 -2.58 34.43 -3.14
C ALA D 253 -3.93 33.79 -3.44
N THR D 254 -4.17 33.45 -4.69
CA THR D 254 -5.47 32.96 -5.23
C THR D 254 -5.59 31.44 -4.99
N ASP D 255 -4.45 30.74 -5.02
CA ASP D 255 -4.35 29.26 -4.97
C ASP D 255 -3.22 28.89 -3.98
N PHE D 256 -3.51 28.05 -2.99
CA PHE D 256 -2.53 27.57 -1.97
C PHE D 256 -2.14 26.10 -2.20
N THR D 257 -2.71 25.44 -3.21
CA THR D 257 -2.35 24.03 -3.54
C THR D 257 -0.90 24.03 -4.07
N GLY D 258 -0.16 22.95 -3.82
CA GLY D 258 1.22 22.79 -4.32
C GLY D 258 2.22 23.59 -3.51
N LEU D 259 1.86 24.06 -2.33
CA LEU D 259 2.80 24.69 -1.37
C LEU D 259 3.30 23.60 -0.42
N PRO D 260 4.55 23.70 0.09
CA PRO D 260 5.11 22.65 0.93
C PRO D 260 4.44 22.59 2.29
N PRO D 261 4.50 21.44 2.97
CA PRO D 261 4.03 21.33 4.35
C PRO D 261 4.61 22.49 5.17
N ALA D 262 3.83 23.01 6.12
CA ALA D 262 4.18 24.25 6.83
C ALA D 262 4.02 24.08 8.33
N PHE D 263 4.94 24.66 9.08
CA PHE D 263 4.79 24.97 10.52
C PHE D 263 4.60 26.49 10.65
N VAL D 264 3.60 26.94 11.42
CA VAL D 264 3.33 28.38 11.63
C VAL D 264 3.18 28.65 13.13
N LEU D 265 3.88 29.67 13.60
CA LEU D 265 3.93 30.06 15.03
C LEU D 265 3.49 31.52 15.15
N THR D 266 2.70 31.84 16.17
CA THR D 266 2.27 33.22 16.47
C THR D 266 2.45 33.45 17.97
N ALA D 267 2.64 34.72 18.34
CA ALA D 267 2.58 35.25 19.71
C ALA D 267 1.23 35.94 19.92
N GLY D 268 0.75 35.91 21.16
CA GLY D 268 -0.57 36.44 21.56
C GLY D 268 -0.65 37.95 21.39
N TYR D 269 0.42 38.68 21.72
CA TYR D 269 0.45 40.16 21.75
C TYR D 269 1.29 40.69 20.59
N ASP D 270 1.04 40.17 19.40
CA ASP D 270 1.83 40.46 18.19
C ASP D 270 0.86 41.06 17.17
N PRO D 271 1.09 42.32 16.73
CA PRO D 271 0.23 42.90 15.69
C PRO D 271 -0.04 41.87 14.59
N LEU D 272 0.94 41.01 14.28
CA LEU D 272 0.93 40.09 13.11
C LEU D 272 0.19 38.77 13.43
N ARG D 273 -0.32 38.57 14.64
CA ARG D 273 -0.96 37.29 15.03
C ARG D 273 -2.00 36.89 13.99
N ASP D 274 -2.99 37.74 13.73
CA ASP D 274 -4.20 37.43 12.93
C ASP D 274 -3.82 37.05 11.49
N GLU D 275 -2.89 37.78 10.86
CA GLU D 275 -2.43 37.45 9.48
C GLU D 275 -1.60 36.15 9.51
N GLY D 276 -0.83 35.92 10.57
CA GLY D 276 -0.11 34.65 10.76
C GLY D 276 -1.07 33.48 10.76
N ARG D 277 -2.16 33.60 11.53
CA ARG D 277 -3.15 32.50 11.68
C ARG D 277 -3.97 32.35 10.41
N ALA D 278 -4.36 33.45 9.76
CA ALA D 278 -5.08 33.47 8.45
C ALA D 278 -4.30 32.63 7.43
N TYR D 279 -2.99 32.88 7.26
CA TYR D 279 -2.12 32.12 6.32
C TYR D 279 -2.23 30.61 6.64
N ALA D 280 -2.04 30.23 7.90
CA ALA D 280 -2.21 28.85 8.39
C ALA D 280 -3.58 28.29 7.95
N ASP D 281 -4.67 29.04 8.16
CA ASP D 281 -6.05 28.62 7.79
C ASP D 281 -6.12 28.35 6.28
N ARG D 282 -5.54 29.24 5.48
CA ARG D 282 -5.54 29.12 4.00
C ARG D 282 -4.85 27.80 3.60
N LEU D 283 -3.74 27.44 4.24
CA LEU D 283 -2.94 26.22 3.93
C LEU D 283 -3.75 24.97 4.33
N ILE D 284 -4.37 25.00 5.50
CA ILE D 284 -5.14 23.85 6.06
C ILE D 284 -6.32 23.51 5.13
N GLU D 285 -7.05 24.52 4.68
CA GLU D 285 -8.27 24.39 3.83
C GLU D 285 -7.87 23.96 2.41
N ALA D 286 -6.64 24.24 1.98
CA ALA D 286 -6.10 23.79 0.67
C ALA D 286 -5.54 22.35 0.71
N GLY D 287 -5.53 21.69 1.88
CA GLY D 287 -5.09 20.28 2.02
C GLY D 287 -3.57 20.13 2.09
N ILE D 288 -2.87 21.15 2.56
CA ILE D 288 -1.42 21.10 2.90
C ILE D 288 -1.29 20.61 4.35
N LYS D 289 -0.48 19.57 4.61
CA LYS D 289 -0.07 19.16 5.98
C LYS D 289 0.52 20.39 6.64
N THR D 290 0.07 20.72 7.85
CA THR D 290 0.25 22.05 8.47
C THR D 290 0.17 21.87 9.98
N THR D 291 1.18 22.32 10.71
CA THR D 291 1.11 22.52 12.17
C THR D 291 0.90 24.02 12.44
N TYR D 292 -0.05 24.36 13.30
CA TYR D 292 -0.26 25.76 13.76
C TYR D 292 -0.13 25.80 15.31
N VAL D 293 0.67 26.71 15.83
CA VAL D 293 0.83 26.88 17.30
C VAL D 293 0.73 28.36 17.68
N ASN D 294 -0.04 28.66 18.73
CA ASN D 294 -0.10 30.02 19.31
C ASN D 294 0.57 30.00 20.67
N TYR D 295 1.54 30.89 20.89
CA TYR D 295 2.16 31.16 22.20
C TYR D 295 1.51 32.40 22.76
N PRO D 296 0.43 32.25 23.54
CA PRO D 296 -0.25 33.39 24.14
C PRO D 296 0.63 33.96 25.26
N GLY D 297 0.38 35.20 25.66
CA GLY D 297 1.04 35.80 26.84
C GLY D 297 2.47 36.21 26.56
N THR D 298 2.90 36.23 25.29
CA THR D 298 4.26 36.68 24.88
C THR D 298 4.13 37.48 23.58
N ILE D 299 5.24 38.11 23.18
CA ILE D 299 5.27 39.23 22.20
C ILE D 299 6.01 38.79 20.94
N HIS D 300 5.83 39.52 19.85
CA HIS D 300 6.70 39.49 18.66
C HIS D 300 8.16 39.60 19.10
N GLY D 301 9.07 38.81 18.52
CA GLY D 301 10.53 38.86 18.80
C GLY D 301 10.99 37.81 19.82
N PHE D 302 10.06 37.18 20.56
CA PHE D 302 10.36 36.28 21.70
C PHE D 302 11.20 35.07 21.25
N PHE D 303 11.09 34.70 19.98
CA PHE D 303 11.81 33.53 19.40
C PHE D 303 13.33 33.74 19.44
N SER D 304 13.77 35.00 19.51
CA SER D 304 15.22 35.36 19.53
C SER D 304 15.55 36.28 20.70
N LEU D 305 14.58 36.60 21.58
CA LEU D 305 14.84 37.39 22.82
C LEU D 305 14.99 36.44 24.01
N THR D 306 15.82 35.40 23.84
CA THR D 306 15.82 34.18 24.68
C THR D 306 16.69 34.36 25.92
N ARG D 307 17.41 35.48 26.05
CA ARG D 307 18.15 35.80 27.30
C ARG D 307 17.15 36.20 28.40
N PHE D 308 16.03 36.83 28.04
CA PHE D 308 14.98 37.37 28.95
C PHE D 308 13.71 36.52 28.95
N LEU D 309 13.41 35.82 27.85
CA LEU D 309 12.11 35.13 27.63
C LEU D 309 12.32 33.62 27.40
N SER D 310 12.17 32.82 28.46
CA SER D 310 12.22 31.34 28.48
C SER D 310 11.28 30.72 27.43
N GLN D 311 10.10 31.32 27.21
CA GLN D 311 9.11 30.84 26.20
C GLN D 311 9.76 30.75 24.82
N GLY D 312 10.68 31.67 24.50
CA GLY D 312 11.45 31.64 23.24
C GLY D 312 12.23 30.34 23.06
N LEU D 313 12.83 29.81 24.13
CA LEU D 313 13.64 28.57 24.09
C LEU D 313 12.74 27.36 23.82
N LYS D 314 11.60 27.31 24.52
CA LYS D 314 10.54 26.28 24.35
C LYS D 314 10.02 26.32 22.90
N ALA D 315 9.89 27.52 22.33
CA ALA D 315 9.41 27.77 20.95
C ALA D 315 10.42 27.25 19.91
N ASN D 316 11.71 27.57 20.08
CA ASN D 316 12.80 27.04 19.22
C ASN D 316 12.69 25.51 19.20
N ASP D 317 12.54 24.91 20.38
CA ASP D 317 12.48 23.43 20.54
C ASP D 317 11.25 22.86 19.84
N GLU D 318 10.08 23.50 19.96
CA GLU D 318 8.87 23.03 19.26
C GLU D 318 9.10 23.08 17.75
N ALA D 319 9.60 24.19 17.22
CA ALA D 319 9.91 24.37 15.77
C ALA D 319 10.92 23.32 15.30
N ALA D 320 12.04 23.17 16.01
CA ALA D 320 13.10 22.15 15.73
C ALA D 320 12.52 20.73 15.70
N ALA D 321 11.77 20.37 16.73
CA ALA D 321 11.16 19.04 16.93
C ALA D 321 10.20 18.69 15.78
N VAL D 322 9.27 19.59 15.43
CA VAL D 322 8.32 19.40 14.30
C VAL D 322 9.08 19.12 12.99
N MET D 323 10.17 19.86 12.73
CA MET D 323 10.92 19.75 11.45
C MET D 323 11.71 18.45 11.42
N GLY D 324 12.26 18.04 12.58
CA GLY D 324 12.96 16.74 12.75
C GLY D 324 12.02 15.57 12.51
N ALA D 325 10.77 15.67 13.03
CA ALA D 325 9.70 14.68 12.83
C ALA D 325 9.37 14.55 11.34
N HIS D 326 9.31 15.65 10.59
CA HIS D 326 8.92 15.65 9.14
C HIS D 326 9.99 14.94 8.30
N PHE D 327 11.26 15.25 8.57
CA PHE D 327 12.46 14.78 7.81
C PHE D 327 13.01 13.47 8.41
N GLY D 328 12.44 13.00 9.51
CA GLY D 328 12.78 11.69 10.11
C GLY D 328 14.19 11.66 10.68
N THR D 329 14.66 12.78 11.22
CA THR D 329 16.07 12.96 11.68
C THR D 329 16.27 12.25 13.02
C1 GOL E . 10.56 -12.75 -20.03
O1 GOL E . 11.07 -14.05 -19.77
C2 GOL E . 9.08 -12.61 -19.68
O2 GOL E . 8.71 -13.55 -18.66
C3 GOL E . 8.72 -11.20 -19.25
O3 GOL E . 9.14 -10.22 -20.19
C10 ZK8 F . 9.47 -15.81 0.71
C11 ZK8 F . 9.70 -16.90 -0.13
C12 ZK8 F . 10.99 -17.17 -0.59
C13 ZK8 F . 12.74 -14.31 1.10
C14 ZK8 F . 14.11 -14.16 0.72
C15 ZK8 F . 14.90 -13.17 1.30
C16 ZK8 F . 14.37 -12.30 2.27
C17 ZK8 F . 13.03 -12.43 2.66
P01 ZK8 F . 13.69 -17.89 -1.80
C01 ZK8 F . 14.87 -17.15 -2.92
C07 ZK8 F . 12.09 -16.34 -0.25
N01 ZK8 F . 10.56 -15.12 0.98
C02 ZK8 F . 16.27 -17.76 -2.93
C08 ZK8 F . 11.84 -15.22 0.62
N02 ZK8 F . 12.39 -13.41 2.02
O02 ZK8 F . 14.72 -15.00 -0.25
C03 ZK8 F . 16.71 -18.27 -4.30
O03 ZK8 F . 13.41 -16.64 -0.77
C04 ZK8 F . 18.23 -18.47 -4.36
C05 ZK8 F . 18.63 -19.94 -4.18
C06 ZK8 F . 19.86 -20.07 -3.27
O1 ZK8 F . 14.13 -19.19 -1.20
C1 GOL G . 11.43 -3.25 26.71
O1 GOL G . 12.37 -3.25 25.64
C2 GOL G . 11.54 -4.50 27.54
O2 GOL G . 11.91 -4.16 28.87
C3 GOL G . 10.26 -5.31 27.56
O3 GOL G . 9.80 -5.58 26.24
C10 ZK8 H . -7.98 2.92 16.50
C11 ZK8 H . -8.21 4.01 17.32
C12 ZK8 H . -9.52 4.43 17.61
C13 ZK8 H . -11.33 1.88 15.53
C14 ZK8 H . -12.73 2.10 15.45
C15 ZK8 H . -13.54 1.20 14.74
C16 ZK8 H . -12.99 0.06 14.12
C17 ZK8 H . -11.61 -0.17 14.22
P01 ZK8 H . -12.24 5.58 18.29
C01 ZK8 H . -13.61 6.36 17.42
C07 ZK8 H . -10.64 3.79 17.04
N01 ZK8 H . -9.10 2.39 16.02
C02 ZK8 H . -14.94 6.42 18.16
C08 ZK8 H . -10.41 2.66 16.17
N02 ZK8 H . -10.96 0.77 14.90
O02 ZK8 H . -13.37 3.22 16.05
C03 ZK8 H . -15.47 7.83 18.33
O03 ZK8 H . -11.98 4.27 17.34
C04 ZK8 H . -16.98 7.84 18.67
C05 ZK8 H . -17.24 8.05 20.16
C06 ZK8 H . -18.33 7.11 20.67
O1 ZK8 H . -12.51 5.33 19.74
C1 GOL I . -3.02 -42.33 -36.46
O1 GOL I . -2.59 -43.45 -35.69
C2 GOL I . -1.90 -41.73 -37.28
O2 GOL I . -0.73 -41.61 -36.46
C3 GOL I . -2.24 -40.40 -37.91
O3 GOL I . -3.58 -39.99 -37.63
C1 GOL J . -28.00 -0.09 -36.61
O1 GOL J . -27.34 1.18 -36.53
C2 GOL J . -28.29 -0.65 -35.23
O2 GOL J . -28.46 -2.07 -35.31
C3 GOL J . -29.50 -0.01 -34.59
O3 GOL J . -29.18 1.22 -33.94
C1 PEG K . -6.63 7.28 -31.04
O1 PEG K . -6.33 8.61 -30.68
C2 PEG K . -7.83 6.74 -30.31
O2 PEG K . -8.43 5.69 -31.07
C3 PEG K . -9.32 6.14 -32.09
C4 PEG K . -9.04 5.42 -33.38
O4 PEG K . -8.95 6.29 -34.48
C1 PEG L . -31.94 -5.46 -39.11
O1 PEG L . -31.75 -5.61 -37.72
C2 PEG L . -32.02 -4.00 -39.54
O2 PEG L . -31.17 -3.18 -38.75
C3 PEG L . -30.89 -1.91 -39.34
C4 PEG L . -29.47 -1.87 -39.90
O4 PEG L . -29.32 -2.52 -41.15
C1 PEG M . -18.40 4.95 -27.93
O1 PEG M . -19.15 5.38 -26.80
C2 PEG M . -18.06 3.48 -27.89
O2 PEG M . -18.81 2.72 -28.85
C3 PEG M . -18.41 2.94 -30.20
C4 PEG M . -19.32 2.19 -31.15
O4 PEG M . -19.04 2.48 -32.51
C10 ZK8 N . -14.97 -27.52 -32.77
C11 ZK8 N . -14.42 -26.26 -32.52
C12 ZK8 N . -13.79 -25.55 -33.55
C13 ZK8 N . -14.27 -28.08 -36.27
C14 ZK8 N . -13.62 -27.74 -37.50
C15 ZK8 N . -13.72 -28.60 -38.62
C16 ZK8 N . -14.48 -29.77 -38.55
C17 ZK8 N . -15.12 -30.11 -37.36
P01 ZK8 N . -12.43 -23.79 -35.62
C01 ZK8 N . -10.96 -23.85 -36.65
C07 ZK8 N . -13.69 -26.08 -34.86
N01 ZK8 N . -14.82 -27.91 -34.01
C02 ZK8 N . -10.91 -22.87 -37.81
C08 ZK8 N . -14.26 -27.37 -35.11
N02 ZK8 N . -14.93 -29.24 -36.38
O02 ZK8 N . -12.83 -26.56 -37.65
C03 ZK8 N . -9.71 -21.92 -37.77
O03 ZK8 N . -13.05 -25.29 -35.91
C04 ZK8 N . -9.44 -21.30 -39.14
C05 ZK8 N . -9.99 -19.87 -39.26
C06 ZK8 N . -10.71 -19.62 -40.57
O1 ZK8 N . -13.31 -22.60 -35.86
C1 GOL O . 18.14 14.20 22.43
O1 GOL O . 18.56 15.07 23.48
C2 GOL O . 17.23 14.90 21.45
O2 GOL O . 16.58 13.94 20.63
C3 GOL O . 17.99 15.92 20.59
O3 GOL O . 17.27 16.28 19.41
C1 GOL P . 10.73 15.76 -1.63
O1 GOL P . 9.61 15.88 -0.75
C2 GOL P . 10.69 16.75 -2.78
O2 GOL P . 12.00 16.86 -3.36
C3 GOL P . 10.18 18.14 -2.42
O3 GOL P . 11.22 18.99 -1.93
C1 PEG Q . 7.51 19.55 -6.59
O1 PEG Q . 7.40 20.88 -6.09
C2 PEG Q . 8.57 19.42 -7.66
O2 PEG Q . 8.27 18.29 -8.50
C3 PEG Q . 7.30 18.55 -9.51
C4 PEG Q . 7.91 19.23 -10.72
O4 PEG Q . 7.10 20.28 -11.22
C10 ZK8 R . 13.39 40.14 15.92
C11 ZK8 R . 12.78 39.52 14.83
C12 ZK8 R . 12.00 40.26 13.93
C13 ZK8 R . 12.39 43.60 15.58
C14 ZK8 R . 11.57 44.62 15.02
C15 ZK8 R . 11.63 45.94 15.50
C16 ZK8 R . 12.51 46.27 16.55
C17 ZK8 R . 13.32 45.28 17.12
P01 ZK8 R . 10.28 41.66 11.85
C01 ZK8 R . 8.73 42.54 11.80
C07 ZK8 R . 11.82 41.66 14.09
N01 ZK8 R . 13.13 41.43 15.98
C02 ZK8 R . 8.47 43.38 10.55
C08 ZK8 R . 12.44 42.28 15.22
N02 ZK8 R . 13.15 44.08 16.56
O02 ZK8 R . 10.66 44.38 13.94
C03 ZK8 R . 7.21 43.00 9.78
O03 ZK8 R . 11.01 42.40 13.13
C04 ZK8 R . 6.75 44.12 8.85
C05 ZK8 R . 7.15 43.86 7.40
C06 ZK8 R . 7.68 45.11 6.70
O1 ZK8 R . 11.03 41.62 10.54
#